data_1RF0
#
_entry.id   1RF0
#
_cell.length_a   88.408
_cell.length_b   94.948
_cell.length_c   227.614
_cell.angle_alpha   90.00
_cell.angle_beta   90.00
_cell.angle_gamma   90.00
#
_symmetry.space_group_name_H-M   'P 21 21 21'
#
loop_
_entity.id
_entity.type
_entity.pdbx_description
1 polymer 'Fibrinogen alpha/alpha-E chain'
2 polymer 'Fibrinogen beta chain'
3 polymer 'Fibrinogen gamma chain'
4 non-polymer 2-acetamido-2-deoxy-beta-D-glucopyranose
5 non-polymer 'CALCIUM ION'
6 water water
#
loop_
_entity_poly.entity_id
_entity_poly.type
_entity_poly.pdbx_seq_one_letter_code
_entity_poly.pdbx_strand_id
1 'polypeptide(L)' VIEKVQHIQLLQKNVRAQLVDMKRLEVDIDIKIRSCRGSCSRALAREVDLKDYEDQQKQLEQVIAK A,D
2 'polypeptide(L)'
;HQLYIDETVNSNIPTNLRVLRSILENLRSKIQKLESDVSAQMEYCRTPCTVSCNIPVVSGKECEEIIRKGGETSEMYLIQ
PDSSVKPYRVYCDMNTENGGWTVIQNRQDGSVDFGRKWDPYKQGFGNVATNTDGKNYCGLPGEYWLGNDKISQLTRMGPT
ELLIEMEDWKGDKVKAHYGGFTVQNEANKYQISVNKYRGTAGNALMDGASQLMGENRTMTIHNGMFFSTYDRDNDGWLTS
DPRKQCSKEDGGGWWYNRCHAANPNGRYYWGGQYTWDMAKHGTDDGVVWMNWKGSWYSMRKMSMKIRPFFPQQ
;
B,E
3 'polypeptide(L)'
;YEASILTHDSSIRYLQEIYNSNNQKIVNLKEKVAQLAAQCQEPCKDTVQIHDITGKDCQDIANKGAKQSGLYFIKPLKAN
QQFLVYCEIDGSGNGWTVFQKRLDGSVDFKKNWIQYKEGFGHLSPTGTTEFWLGNEKIHLISTQSAIPYALRVELEDWNG
RTSTADYAMFKVGPEADKYRLTYAYFAGGDAGDAFDGFDFGDDPSDKFFTSHNGMQFSTWDNDNDKFEGNCAEQDGSGWW
MNKCHAGHLNGVYYQGGTYSKASTPNGYDNGIIWATWKTRWYSMKKTTMKIIPFNRLTIGEGQQHHLGGAK
;
C,F
#
loop_
_chem_comp.id
_chem_comp.type
_chem_comp.name
_chem_comp.formula
CA non-polymer 'CALCIUM ION' 'Ca 2'
NAG D-saccharide, beta linking 2-acetamido-2-deoxy-beta-D-glucopyranose 'C8 H15 N O6'
#
# COMPACT_ATOMS: atom_id res chain seq x y z
N ILE A 2 50.35 90.73 -33.82
CA ILE A 2 50.75 91.00 -35.22
C ILE A 2 49.92 90.15 -36.17
N GLU A 3 50.56 89.12 -36.74
CA GLU A 3 49.91 88.20 -37.67
C GLU A 3 50.36 86.79 -37.29
N LYS A 4 51.60 86.66 -36.84
CA LYS A 4 52.12 85.36 -36.42
C LYS A 4 51.29 84.97 -35.20
N VAL A 5 50.69 85.99 -34.58
CA VAL A 5 49.85 85.82 -33.40
C VAL A 5 48.49 85.25 -33.79
N GLN A 6 48.07 85.50 -35.03
CA GLN A 6 46.80 85.00 -35.52
C GLN A 6 46.95 83.49 -35.73
N HIS A 7 48.15 83.09 -36.10
CA HIS A 7 48.44 81.68 -36.32
C HIS A 7 48.26 80.88 -35.05
N ILE A 8 48.67 81.46 -33.92
CA ILE A 8 48.57 80.80 -32.63
C ILE A 8 47.14 80.77 -32.09
N GLN A 9 46.35 81.76 -32.43
CA GLN A 9 44.96 81.80 -31.97
C GLN A 9 44.11 80.78 -32.73
N LEU A 10 44.67 80.25 -33.81
CA LEU A 10 43.98 79.25 -34.61
C LEU A 10 44.39 77.87 -34.10
N LEU A 11 45.69 77.73 -33.78
CA LEU A 11 46.21 76.47 -33.27
C LEU A 11 45.69 76.20 -31.85
N GLN A 12 45.10 77.22 -31.23
CA GLN A 12 44.57 77.07 -29.89
C GLN A 12 43.20 76.46 -29.99
N LYS A 13 42.38 76.97 -30.90
CA LYS A 13 41.03 76.44 -31.09
C LYS A 13 41.16 75.05 -31.69
N ASN A 14 42.14 74.90 -32.58
CA ASN A 14 42.40 73.64 -33.26
C ASN A 14 42.81 72.51 -32.34
N VAL A 15 43.76 72.78 -31.45
CA VAL A 15 44.21 71.74 -30.53
C VAL A 15 43.17 71.50 -29.45
N ARG A 16 42.13 72.34 -29.42
CA ARG A 16 41.08 72.14 -28.44
C ARG A 16 40.03 71.27 -29.12
N ALA A 17 39.87 71.47 -30.42
CA ALA A 17 38.92 70.69 -31.20
C ALA A 17 39.46 69.26 -31.31
N GLN A 18 40.77 69.13 -31.51
CA GLN A 18 41.38 67.82 -31.64
C GLN A 18 41.40 67.11 -30.28
N LEU A 19 41.30 67.90 -29.20
CA LEU A 19 41.30 67.33 -27.86
C LEU A 19 39.93 66.75 -27.58
N VAL A 20 38.89 67.48 -27.98
CA VAL A 20 37.54 67.00 -27.79
C VAL A 20 37.32 65.82 -28.73
N ASP A 21 37.74 65.99 -29.99
CA ASP A 21 37.60 64.95 -30.99
C ASP A 21 38.27 63.64 -30.53
N MET A 22 39.47 63.75 -29.97
CA MET A 22 40.20 62.58 -29.48
C MET A 22 39.50 61.97 -28.25
N LYS A 23 38.93 62.84 -27.42
CA LYS A 23 38.23 62.38 -26.21
C LYS A 23 37.07 61.49 -26.62
N ARG A 24 36.34 61.91 -27.64
CA ARG A 24 35.20 61.16 -28.15
C ARG A 24 35.61 59.86 -28.79
N LEU A 25 36.69 59.92 -29.57
CA LEU A 25 37.22 58.74 -30.25
C LEU A 25 37.64 57.72 -29.22
N GLU A 26 38.09 58.24 -28.07
CA GLU A 26 38.54 57.41 -26.96
C GLU A 26 37.35 56.62 -26.41
N VAL A 27 36.25 57.31 -26.13
CA VAL A 27 35.04 56.68 -25.60
C VAL A 27 34.44 55.76 -26.65
N ASP A 28 34.43 56.22 -27.90
CA ASP A 28 33.87 55.46 -29.01
C ASP A 28 34.54 54.09 -29.08
N ILE A 29 35.87 54.09 -29.17
CA ILE A 29 36.63 52.84 -29.26
C ILE A 29 36.37 51.94 -28.05
N ASP A 30 36.22 52.53 -26.88
CA ASP A 30 35.95 51.75 -25.68
C ASP A 30 34.63 50.97 -25.77
N ILE A 31 33.58 51.64 -26.23
CA ILE A 31 32.26 51.02 -26.36
C ILE A 31 32.25 49.95 -27.47
N LYS A 32 32.93 50.22 -28.58
CA LYS A 32 32.99 49.25 -29.67
C LYS A 32 33.83 48.04 -29.26
N ILE A 33 34.97 48.26 -28.62
CA ILE A 33 35.80 47.13 -28.21
C ILE A 33 35.01 46.28 -27.23
N ARG A 34 34.30 46.92 -26.30
CA ARG A 34 33.55 46.15 -25.33
C ARG A 34 32.38 45.38 -25.96
N SER A 35 31.88 45.87 -27.10
CA SER A 35 30.76 45.24 -27.74
C SER A 35 31.13 44.02 -28.58
N CYS A 36 32.42 43.72 -28.66
CA CYS A 36 32.87 42.54 -29.39
C CYS A 36 32.77 41.34 -28.46
N ARG A 37 32.71 41.63 -27.17
CA ARG A 37 32.63 40.62 -26.14
C ARG A 37 31.50 39.64 -26.45
N GLY A 38 30.49 40.11 -27.16
CA GLY A 38 29.35 39.26 -27.50
C GLY A 38 29.44 38.69 -28.90
N SER A 39 30.59 38.87 -29.55
CA SER A 39 30.77 38.36 -30.91
C SER A 39 32.10 37.64 -31.12
N CYS A 40 33.18 38.23 -30.60
CA CYS A 40 34.52 37.66 -30.79
C CYS A 40 35.01 36.81 -29.61
N SER A 41 36.03 36.01 -29.86
CA SER A 41 36.60 35.14 -28.84
C SER A 41 36.80 35.83 -27.50
N ARG A 42 37.30 37.06 -27.51
CA ARG A 42 37.47 37.79 -26.27
C ARG A 42 37.57 39.29 -26.54
N ALA A 43 37.46 40.10 -25.50
CA ALA A 43 37.54 41.55 -25.67
C ALA A 43 38.73 42.10 -24.87
N LEU A 44 39.48 43.02 -25.48
CA LEU A 44 40.65 43.60 -24.83
C LEU A 44 40.29 44.28 -23.51
N ALA A 45 40.77 43.70 -22.40
CA ALA A 45 40.50 44.27 -21.07
C ALA A 45 41.25 45.58 -20.98
N ARG A 46 40.52 46.66 -20.75
CA ARG A 46 41.14 47.97 -20.68
C ARG A 46 40.34 48.90 -19.80
N GLU A 47 40.84 50.12 -19.62
CA GLU A 47 40.15 51.14 -18.84
C GLU A 47 40.59 52.52 -19.34
N VAL A 48 39.64 53.38 -19.67
CA VAL A 48 39.95 54.71 -20.19
C VAL A 48 40.39 55.70 -19.12
N ASP A 49 41.33 56.56 -19.51
CA ASP A 49 41.85 57.57 -18.61
C ASP A 49 41.45 58.94 -19.14
N LEU A 50 40.18 59.29 -18.95
CA LEU A 50 39.64 60.58 -19.39
C LEU A 50 40.35 61.72 -18.66
N LYS A 51 40.83 61.44 -17.45
CA LYS A 51 41.52 62.44 -16.65
C LYS A 51 42.59 63.17 -17.43
N ASP A 52 43.60 62.43 -17.88
CA ASP A 52 44.69 63.01 -18.66
C ASP A 52 44.13 63.92 -19.75
N TYR A 53 43.00 63.51 -20.31
CA TYR A 53 42.33 64.29 -21.34
C TYR A 53 41.75 65.55 -20.72
N GLU A 54 41.17 65.40 -19.54
CA GLU A 54 40.55 66.52 -18.84
C GLU A 54 41.55 67.57 -18.38
N ASP A 55 42.77 67.15 -18.03
CA ASP A 55 43.78 68.10 -17.59
C ASP A 55 44.31 68.93 -18.75
N GLN A 56 44.62 68.27 -19.86
CA GLN A 56 45.14 68.96 -21.04
C GLN A 56 44.14 69.97 -21.57
N GLN A 57 42.88 69.83 -21.18
CA GLN A 57 41.84 70.76 -21.62
C GLN A 57 41.90 72.01 -20.74
N LYS A 58 41.92 71.79 -19.43
CA LYS A 58 41.98 72.90 -18.46
C LYS A 58 43.32 73.60 -18.60
N GLN A 59 44.36 72.82 -18.91
CA GLN A 59 45.70 73.34 -19.08
C GLN A 59 45.83 74.20 -20.34
N LEU A 60 44.97 73.95 -21.32
CA LEU A 60 45.01 74.71 -22.57
C LEU A 60 44.30 76.05 -22.35
N GLU A 61 43.23 76.02 -21.58
CA GLU A 61 42.46 77.22 -21.29
C GLU A 61 43.27 78.20 -20.43
N GLN A 62 44.19 77.64 -19.64
CA GLN A 62 45.04 78.43 -18.78
C GLN A 62 46.26 78.93 -19.56
N VAL A 63 46.10 78.97 -20.89
CA VAL A 63 47.15 79.41 -21.79
C VAL A 63 46.50 80.15 -22.94
N ILE A 64 45.24 79.82 -23.20
CA ILE A 64 44.47 80.46 -24.27
C ILE A 64 44.16 81.90 -23.86
N ALA A 65 44.32 82.19 -22.57
CA ALA A 65 44.08 83.51 -22.04
C ALA A 65 45.36 84.06 -21.40
N ASP B 6 55.12 93.64 -26.49
CA ASP B 6 56.17 92.70 -26.98
C ASP B 6 57.09 92.30 -25.83
N GLU B 7 56.89 92.93 -24.68
CA GLU B 7 57.69 92.65 -23.50
C GLU B 7 57.52 91.19 -23.05
N THR B 8 56.38 90.90 -22.43
CA THR B 8 56.09 89.56 -21.95
C THR B 8 55.31 88.78 -23.00
N VAL B 9 54.67 89.50 -23.93
CA VAL B 9 53.89 88.87 -24.98
C VAL B 9 54.73 87.80 -25.68
N ASN B 10 55.98 88.14 -25.97
CA ASN B 10 56.89 87.21 -26.64
C ASN B 10 57.38 86.15 -25.66
N SER B 11 56.69 86.04 -24.54
CA SER B 11 56.98 85.05 -23.50
C SER B 11 55.74 84.17 -23.41
N ASN B 12 54.60 84.77 -23.70
CA ASN B 12 53.34 84.04 -23.70
C ASN B 12 53.37 83.14 -24.93
N ILE B 13 53.93 83.66 -26.02
CA ILE B 13 54.05 82.89 -27.25
C ILE B 13 54.91 81.65 -27.03
N PRO B 14 56.13 81.82 -26.49
CA PRO B 14 57.01 80.67 -26.26
C PRO B 14 56.33 79.63 -25.36
N THR B 15 55.43 80.11 -24.51
CA THR B 15 54.69 79.25 -23.58
C THR B 15 53.71 78.36 -24.35
N ASN B 16 53.10 78.91 -25.40
CA ASN B 16 52.16 78.16 -26.21
C ASN B 16 52.90 77.22 -27.15
N LEU B 17 54.00 77.68 -27.70
CA LEU B 17 54.79 76.87 -28.61
C LEU B 17 55.36 75.64 -27.92
N ARG B 18 55.23 75.58 -26.60
CA ARG B 18 55.73 74.44 -25.83
C ARG B 18 54.56 73.70 -25.19
N VAL B 19 53.49 74.44 -24.92
CA VAL B 19 52.28 73.88 -24.32
C VAL B 19 51.55 73.10 -25.41
N LEU B 20 51.15 73.82 -26.47
CA LEU B 20 50.46 73.20 -27.59
C LEU B 20 51.30 72.02 -28.07
N ARG B 21 52.59 72.26 -28.20
CA ARG B 21 53.50 71.22 -28.66
C ARG B 21 53.45 69.95 -27.82
N SER B 22 53.30 70.10 -26.50
CA SER B 22 53.23 68.94 -25.60
C SER B 22 51.92 68.16 -25.84
N ILE B 23 50.81 68.88 -25.92
CA ILE B 23 49.51 68.28 -26.15
C ILE B 23 49.48 67.57 -27.50
N LEU B 24 49.81 68.29 -28.57
CA LEU B 24 49.82 67.71 -29.91
C LEU B 24 50.68 66.46 -29.97
N GLU B 25 51.77 66.40 -29.22
CA GLU B 25 52.63 65.21 -29.22
C GLU B 25 52.12 64.20 -28.22
N ASN B 26 51.25 64.66 -27.32
CA ASN B 26 50.62 63.80 -26.33
C ASN B 26 49.55 63.02 -27.08
N LEU B 27 48.69 63.76 -27.78
CA LEU B 27 47.60 63.19 -28.56
C LEU B 27 48.10 62.25 -29.65
N ARG B 28 49.17 62.65 -30.33
CA ARG B 28 49.71 61.82 -31.40
C ARG B 28 50.15 60.45 -30.86
N SER B 29 50.49 60.39 -29.59
CA SER B 29 50.91 59.14 -28.99
C SER B 29 49.67 58.35 -28.56
N LYS B 30 48.65 59.05 -28.11
CA LYS B 30 47.42 58.40 -27.70
C LYS B 30 46.83 57.74 -28.94
N ILE B 31 46.98 58.41 -30.08
CA ILE B 31 46.48 57.87 -31.34
C ILE B 31 47.17 56.54 -31.60
N GLN B 32 48.46 56.48 -31.26
CA GLN B 32 49.24 55.28 -31.46
C GLN B 32 48.77 54.14 -30.56
N LYS B 33 48.55 54.46 -29.28
CA LYS B 33 48.08 53.46 -28.32
C LYS B 33 46.76 52.87 -28.86
N LEU B 34 45.82 53.75 -29.22
CA LEU B 34 44.53 53.32 -29.74
C LEU B 34 44.66 52.43 -30.97
N GLU B 35 45.43 52.88 -31.97
CA GLU B 35 45.62 52.11 -33.21
C GLU B 35 46.07 50.69 -32.87
N SER B 36 46.82 50.58 -31.77
CA SER B 36 47.31 49.30 -31.31
C SER B 36 46.17 48.47 -30.72
N ASP B 37 45.40 49.07 -29.82
CA ASP B 37 44.25 48.41 -29.17
C ASP B 37 43.27 47.82 -30.18
N VAL B 38 42.99 48.57 -31.24
CA VAL B 38 42.06 48.12 -32.27
C VAL B 38 42.60 46.91 -33.04
N SER B 39 43.92 46.83 -33.20
CA SER B 39 44.52 45.71 -33.92
C SER B 39 44.48 44.39 -33.15
N ALA B 40 44.58 44.49 -31.82
CA ALA B 40 44.52 43.30 -30.97
C ALA B 40 43.10 42.76 -31.03
N GLN B 41 42.13 43.65 -30.85
CA GLN B 41 40.72 43.29 -30.88
C GLN B 41 40.38 42.69 -32.25
N MET B 42 40.91 43.28 -33.32
CA MET B 42 40.69 42.74 -34.66
C MET B 42 41.18 41.27 -34.72
N GLU B 43 42.29 41.00 -34.04
CA GLU B 43 42.84 39.66 -34.01
C GLU B 43 41.95 38.72 -33.22
N TYR B 44 41.31 39.26 -32.19
CA TYR B 44 40.45 38.43 -31.36
C TYR B 44 39.16 38.15 -32.10
N CYS B 45 38.88 38.92 -33.15
CA CYS B 45 37.66 38.72 -33.91
C CYS B 45 37.82 37.76 -35.07
N ARG B 46 39.01 37.16 -35.18
CA ARG B 46 39.28 36.20 -36.23
C ARG B 46 38.53 34.93 -35.85
N THR B 47 38.00 34.92 -34.63
CA THR B 47 37.25 33.79 -34.11
C THR B 47 36.12 34.32 -33.23
N PRO B 48 35.00 33.60 -33.17
CA PRO B 48 33.84 34.00 -32.38
C PRO B 48 33.74 33.44 -31.00
N CYS B 49 32.84 34.02 -30.21
CA CYS B 49 32.59 33.48 -28.88
C CYS B 49 31.61 32.36 -29.16
N THR B 50 31.45 31.43 -28.22
CA THR B 50 30.54 30.33 -28.48
C THR B 50 29.71 29.92 -27.29
N VAL B 51 28.55 29.36 -27.57
CA VAL B 51 27.67 28.90 -26.52
C VAL B 51 27.17 27.50 -26.82
N SER B 52 26.82 26.79 -25.75
CA SER B 52 26.28 25.45 -25.85
C SER B 52 24.99 25.49 -25.04
N CYS B 53 23.89 25.83 -25.69
CA CYS B 53 22.61 25.94 -24.99
C CYS B 53 21.66 24.79 -25.33
N ASN B 54 21.81 23.67 -24.63
CA ASN B 54 20.93 22.54 -24.88
C ASN B 54 19.55 23.03 -24.56
N ILE B 55 18.61 22.71 -25.44
CA ILE B 55 17.24 23.16 -25.32
C ILE B 55 16.36 22.41 -24.33
N PRO B 56 15.64 23.14 -23.45
CA PRO B 56 14.74 22.53 -22.47
C PRO B 56 13.64 21.78 -23.22
N VAL B 57 13.03 20.81 -22.54
CA VAL B 57 11.97 20.03 -23.16
C VAL B 57 10.65 20.78 -23.10
N VAL B 58 10.22 21.18 -21.90
CA VAL B 58 8.97 21.91 -21.74
C VAL B 58 8.94 23.18 -22.60
N SER B 59 7.87 23.38 -23.34
CA SER B 59 7.76 24.57 -24.19
C SER B 59 6.30 25.05 -24.38
N GLY B 60 6.11 26.18 -25.04
CA GLY B 60 4.77 26.71 -25.22
C GLY B 60 4.76 28.03 -25.95
N LYS B 61 3.61 28.69 -26.01
CA LYS B 61 3.47 29.96 -26.70
C LYS B 61 4.39 31.09 -26.17
N GLU B 62 4.59 31.11 -24.85
CA GLU B 62 5.46 32.09 -24.21
C GLU B 62 5.74 31.70 -22.74
N CYS B 63 6.71 32.36 -22.13
CA CYS B 63 7.11 32.03 -20.76
C CYS B 63 6.05 31.79 -19.71
N GLU B 64 4.92 32.49 -19.78
CA GLU B 64 3.85 32.31 -18.82
C GLU B 64 3.28 30.89 -18.92
N GLU B 65 3.06 30.44 -20.15
CA GLU B 65 2.51 29.11 -20.38
C GLU B 65 3.53 28.06 -19.96
N ILE B 66 4.80 28.37 -20.18
CA ILE B 66 5.85 27.44 -19.83
C ILE B 66 5.91 27.23 -18.33
N ILE B 67 5.88 28.32 -17.56
CA ILE B 67 5.94 28.16 -16.11
C ILE B 67 4.68 27.42 -15.62
N ARG B 68 3.56 27.56 -16.33
CA ARG B 68 2.34 26.87 -15.94
C ARG B 68 2.43 25.37 -16.26
N LYS B 69 3.46 25.01 -17.02
CA LYS B 69 3.69 23.61 -17.40
C LYS B 69 4.86 23.01 -16.61
N GLY B 70 5.36 23.76 -15.63
CA GLY B 70 6.45 23.22 -14.83
C GLY B 70 7.79 23.88 -14.99
N GLY B 71 7.99 24.62 -16.09
CA GLY B 71 9.26 25.30 -16.29
C GLY B 71 9.36 26.31 -15.16
N GLU B 72 10.09 25.98 -14.10
CA GLU B 72 10.21 26.89 -12.97
C GLU B 72 11.58 27.49 -12.74
N THR B 73 12.51 27.21 -13.64
CA THR B 73 13.86 27.75 -13.50
C THR B 73 14.11 28.78 -14.58
N SER B 74 14.67 29.93 -14.22
CA SER B 74 14.93 30.97 -15.21
C SER B 74 16.11 30.60 -16.09
N GLU B 75 15.84 30.42 -17.38
CA GLU B 75 16.87 30.08 -18.36
C GLU B 75 16.33 30.27 -19.78
N MET B 76 17.05 29.73 -20.76
CA MET B 76 16.61 29.86 -22.13
C MET B 76 15.60 28.80 -22.48
N TYR B 77 14.47 29.21 -23.03
CA TYR B 77 13.46 28.25 -23.47
C TYR B 77 13.14 28.52 -24.93
N LEU B 78 12.45 27.56 -25.52
CA LEU B 78 12.07 27.65 -26.91
C LEU B 78 10.58 27.97 -26.87
N ILE B 79 10.12 28.92 -27.68
CA ILE B 79 8.68 29.22 -27.69
C ILE B 79 8.14 29.45 -29.09
N GLN B 80 6.90 29.00 -29.29
CA GLN B 80 6.21 29.16 -30.56
C GLN B 80 4.89 29.87 -30.25
N PRO B 81 4.88 31.21 -30.31
CA PRO B 81 3.72 32.06 -30.03
C PRO B 81 2.58 31.78 -30.98
N ASP B 82 2.93 31.30 -32.16
CA ASP B 82 1.93 30.98 -33.18
C ASP B 82 2.47 29.98 -34.21
N SER B 83 1.63 29.02 -34.56
CA SER B 83 1.99 27.97 -35.51
C SER B 83 2.40 28.41 -36.92
N SER B 84 2.38 29.70 -37.20
CA SER B 84 2.79 30.19 -38.51
C SER B 84 4.31 30.24 -38.63
N VAL B 85 4.93 31.02 -37.76
CA VAL B 85 6.39 31.14 -37.78
C VAL B 85 7.05 30.07 -36.91
N LYS B 86 8.27 29.69 -37.30
CA LYS B 86 9.01 28.66 -36.57
C LYS B 86 9.31 29.11 -35.16
N PRO B 87 9.42 28.15 -34.22
CA PRO B 87 9.70 28.44 -32.81
C PRO B 87 11.05 29.14 -32.65
N TYR B 88 11.17 30.00 -31.65
CA TYR B 88 12.42 30.70 -31.42
C TYR B 88 12.85 30.74 -29.96
N ARG B 89 14.15 30.97 -29.77
CA ARG B 89 14.74 31.01 -28.44
C ARG B 89 14.41 32.33 -27.75
N VAL B 90 14.29 32.25 -26.43
CA VAL B 90 13.96 33.42 -25.64
C VAL B 90 14.45 33.15 -24.21
N TYR B 91 14.58 34.18 -23.40
CA TYR B 91 15.00 33.96 -22.03
C TYR B 91 13.78 34.14 -21.11
N CYS B 92 13.54 33.18 -20.23
CA CYS B 92 12.40 33.26 -19.31
C CYS B 92 12.84 33.56 -17.90
N ASP B 93 12.24 34.58 -17.31
CA ASP B 93 12.52 34.96 -15.94
C ASP B 93 11.37 34.31 -15.18
N MET B 94 11.66 33.27 -14.40
CA MET B 94 10.63 32.55 -13.67
C MET B 94 10.54 32.88 -12.18
N ASN B 95 11.38 33.79 -11.68
CA ASN B 95 11.35 34.16 -10.27
C ASN B 95 10.83 35.55 -9.97
N THR B 96 11.29 36.54 -10.73
CA THR B 96 10.87 37.92 -10.53
C THR B 96 9.35 38.00 -10.54
N GLU B 97 8.78 38.49 -9.44
CA GLU B 97 7.34 38.65 -9.30
C GLU B 97 6.53 37.52 -9.92
N ASN B 98 6.55 36.34 -9.29
CA ASN B 98 5.81 35.16 -9.74
C ASN B 98 6.22 34.52 -11.07
N GLY B 99 7.28 35.03 -11.68
CA GLY B 99 7.74 34.45 -12.93
C GLY B 99 6.80 34.54 -14.11
N GLY B 100 7.17 33.88 -15.21
CA GLY B 100 6.35 33.89 -16.39
C GLY B 100 6.64 35.08 -17.29
N TRP B 101 7.83 35.67 -17.14
CA TRP B 101 8.20 36.83 -17.94
C TRP B 101 9.07 36.50 -19.16
N THR B 102 8.65 36.98 -20.31
CA THR B 102 9.42 36.78 -21.53
C THR B 102 10.28 38.04 -21.66
N VAL B 103 11.59 37.86 -21.77
CA VAL B 103 12.50 39.00 -21.89
C VAL B 103 12.60 39.47 -23.35
N ILE B 104 12.20 40.71 -23.61
CA ILE B 104 12.28 41.26 -24.97
C ILE B 104 13.47 42.20 -25.12
N GLN B 105 14.03 42.66 -24.00
CA GLN B 105 15.20 43.55 -24.02
C GLN B 105 16.04 43.38 -22.75
N ASN B 106 17.37 43.37 -22.90
CA ASN B 106 18.27 43.21 -21.77
C ASN B 106 19.66 43.81 -22.00
N ARG B 107 20.06 44.72 -21.10
CA ARG B 107 21.37 45.38 -21.13
C ARG B 107 22.02 45.11 -19.75
N GLN B 108 23.30 44.79 -19.72
CA GLN B 108 23.93 44.49 -18.43
C GLN B 108 25.46 44.61 -18.40
N ASP B 109 26.10 44.71 -19.56
CA ASP B 109 27.56 44.80 -19.61
C ASP B 109 28.13 45.39 -20.89
N GLY B 110 27.26 45.80 -21.81
CA GLY B 110 27.72 46.39 -23.05
C GLY B 110 28.44 45.44 -23.99
N SER B 111 28.10 44.16 -23.91
CA SER B 111 28.72 43.16 -24.78
C SER B 111 28.13 43.17 -26.17
N VAL B 112 27.04 43.91 -26.36
CA VAL B 112 26.38 43.95 -27.65
C VAL B 112 26.09 45.34 -28.21
N ASP B 113 26.36 45.53 -29.49
CA ASP B 113 26.10 46.80 -30.16
C ASP B 113 24.58 46.98 -30.23
N PHE B 114 24.07 48.13 -29.80
CA PHE B 114 22.63 48.38 -29.85
C PHE B 114 22.27 49.47 -30.85
N GLY B 115 23.29 50.15 -31.37
CA GLY B 115 23.06 51.21 -32.34
C GLY B 115 22.98 50.56 -33.70
N ARG B 116 21.83 49.99 -34.02
CA ARG B 116 21.66 49.31 -35.29
C ARG B 116 20.59 49.92 -36.18
N LYS B 117 20.64 49.53 -37.45
CA LYS B 117 19.68 50.01 -38.44
C LYS B 117 18.34 49.30 -38.27
N TRP B 118 17.36 49.80 -39.02
CA TRP B 118 15.99 49.30 -39.00
C TRP B 118 15.79 47.79 -39.16
N ASP B 119 16.48 47.18 -40.12
CA ASP B 119 16.29 45.75 -40.32
C ASP B 119 16.68 44.87 -39.14
N PRO B 120 17.84 45.13 -38.51
CA PRO B 120 18.22 44.29 -37.38
C PRO B 120 17.26 44.50 -36.21
N TYR B 121 16.69 45.69 -36.09
CA TYR B 121 15.75 45.96 -35.01
C TYR B 121 14.43 45.27 -35.30
N LYS B 122 14.21 44.94 -36.56
CA LYS B 122 13.00 44.26 -37.00
C LYS B 122 13.06 42.78 -36.62
N GLN B 123 14.17 42.13 -36.99
CA GLN B 123 14.39 40.70 -36.75
C GLN B 123 14.95 40.37 -35.38
N GLY B 124 15.61 41.33 -34.75
CA GLY B 124 16.21 41.05 -33.45
C GLY B 124 17.71 40.82 -33.62
N PHE B 125 18.46 40.98 -32.54
CA PHE B 125 19.92 40.82 -32.56
C PHE B 125 20.47 40.62 -31.14
N GLY B 126 21.72 40.19 -31.03
CA GLY B 126 22.33 39.95 -29.72
C GLY B 126 22.35 38.50 -29.29
N ASN B 127 22.64 38.25 -28.02
CA ASN B 127 22.71 36.88 -27.50
C ASN B 127 21.59 36.70 -26.50
N VAL B 128 20.81 35.63 -26.67
CA VAL B 128 19.68 35.35 -25.78
C VAL B 128 20.15 34.79 -24.44
N ALA B 129 21.08 33.85 -24.47
CA ALA B 129 21.57 33.25 -23.22
C ALA B 129 23.00 32.74 -23.31
N THR B 130 23.60 32.53 -22.14
CA THR B 130 24.96 32.02 -22.07
C THR B 130 25.07 30.88 -21.06
N ASN B 131 26.15 30.12 -21.17
CA ASN B 131 26.39 29.00 -20.27
C ASN B 131 26.79 29.46 -18.88
N THR B 132 26.22 28.81 -17.89
CA THR B 132 26.46 29.11 -16.49
C THR B 132 27.38 28.11 -15.84
N ASP B 133 28.27 28.59 -14.97
CA ASP B 133 29.24 27.76 -14.24
C ASP B 133 29.26 26.28 -14.60
N GLY B 134 30.03 25.91 -15.61
CA GLY B 134 30.09 24.52 -16.02
C GLY B 134 28.73 23.85 -16.00
N LYS B 135 27.99 24.02 -17.10
CA LYS B 135 26.66 23.46 -17.24
C LYS B 135 26.34 23.27 -18.72
N ASN B 136 25.37 22.40 -18.98
CA ASN B 136 24.96 22.08 -20.34
C ASN B 136 23.85 22.97 -20.88
N TYR B 137 23.23 23.74 -19.98
CA TYR B 137 22.16 24.63 -20.37
C TYR B 137 22.57 26.07 -20.12
N CYS B 138 21.90 27.01 -20.79
CA CYS B 138 22.24 28.42 -20.62
C CYS B 138 21.26 29.10 -19.66
N GLY B 139 21.69 29.25 -18.41
CA GLY B 139 20.85 29.86 -17.39
C GLY B 139 21.02 31.35 -17.18
N LEU B 140 21.95 31.96 -17.88
CA LEU B 140 22.14 33.39 -17.74
C LEU B 140 21.77 34.10 -19.04
N PRO B 141 21.04 35.21 -18.94
CA PRO B 141 20.66 35.94 -20.16
C PRO B 141 21.78 36.77 -20.72
N GLY B 142 21.75 36.96 -22.04
CA GLY B 142 22.74 37.79 -22.71
C GLY B 142 22.13 39.16 -22.99
N GLU B 143 22.82 39.98 -23.77
CA GLU B 143 22.28 41.28 -24.11
C GLU B 143 21.60 41.15 -25.47
N TYR B 144 20.30 41.42 -25.52
CA TYR B 144 19.59 41.34 -26.79
C TYR B 144 18.29 42.14 -26.87
N TRP B 145 17.86 42.29 -28.11
CA TRP B 145 16.62 42.97 -28.47
C TRP B 145 15.90 41.89 -29.27
N LEU B 146 14.81 41.36 -28.72
CA LEU B 146 14.05 40.28 -29.37
C LEU B 146 13.68 40.52 -30.84
N GLY B 147 13.37 41.77 -31.19
CA GLY B 147 13.01 42.07 -32.56
C GLY B 147 11.58 42.56 -32.66
N ASN B 148 11.41 43.72 -33.30
CA ASN B 148 10.10 44.35 -33.45
C ASN B 148 8.98 43.38 -33.89
N ASP B 149 9.18 42.64 -34.99
CA ASP B 149 8.16 41.71 -35.44
C ASP B 149 7.69 40.78 -34.32
N LYS B 150 8.63 40.11 -33.66
CA LYS B 150 8.28 39.19 -32.57
C LYS B 150 7.60 39.85 -31.38
N ILE B 151 8.09 41.04 -30.99
CA ILE B 151 7.49 41.77 -29.88
C ILE B 151 6.06 42.18 -30.23
N SER B 152 5.85 42.64 -31.46
CA SER B 152 4.50 43.02 -31.87
C SER B 152 3.57 41.83 -31.78
N GLN B 153 3.98 40.70 -32.34
CA GLN B 153 3.14 39.50 -32.32
C GLN B 153 2.79 39.07 -30.90
N LEU B 154 3.74 39.17 -29.97
CA LEU B 154 3.46 38.76 -28.60
C LEU B 154 2.46 39.68 -27.91
N THR B 155 2.74 40.98 -27.88
CA THR B 155 1.83 41.91 -27.22
C THR B 155 0.40 41.90 -27.75
N ARG B 156 0.21 41.51 -29.02
CA ARG B 156 -1.14 41.49 -29.59
C ARG B 156 -1.92 40.20 -29.36
N MET B 157 -1.25 39.15 -28.91
CA MET B 157 -1.92 37.87 -28.64
C MET B 157 -3.00 38.04 -27.59
N GLY B 158 -2.90 39.12 -26.82
CA GLY B 158 -3.87 39.36 -25.77
C GLY B 158 -3.34 40.42 -24.83
N PRO B 159 -4.10 40.77 -23.79
CA PRO B 159 -3.58 41.79 -22.88
C PRO B 159 -2.20 41.44 -22.32
N THR B 160 -1.22 42.27 -22.61
CA THR B 160 0.15 42.09 -22.16
C THR B 160 0.57 43.22 -21.23
N GLU B 161 1.29 42.89 -20.16
CA GLU B 161 1.79 43.91 -19.24
C GLU B 161 3.30 43.97 -19.44
N LEU B 162 3.88 45.15 -19.16
CA LEU B 162 5.31 45.38 -19.35
C LEU B 162 6.07 45.77 -18.09
N LEU B 163 7.11 44.99 -17.75
CA LEU B 163 7.94 45.29 -16.59
C LEU B 163 9.32 45.74 -17.03
N ILE B 164 9.70 46.94 -16.60
CA ILE B 164 11.00 47.52 -16.93
C ILE B 164 11.84 47.65 -15.65
N GLU B 165 13.03 47.03 -15.67
CA GLU B 165 13.94 47.08 -14.52
C GLU B 165 15.28 47.73 -14.85
N MET B 166 15.88 48.37 -13.86
CA MET B 166 17.15 49.05 -14.07
C MET B 166 17.94 49.22 -12.77
N GLU B 167 19.25 49.32 -12.93
CA GLU B 167 20.18 49.48 -11.82
C GLU B 167 21.26 50.47 -12.22
N ASP B 168 21.74 51.26 -11.26
CA ASP B 168 22.79 52.22 -11.54
C ASP B 168 24.12 51.62 -11.12
N TRP B 169 25.17 52.43 -11.06
CA TRP B 169 26.47 51.89 -10.70
C TRP B 169 26.77 51.89 -9.20
N LYS B 170 25.76 52.18 -8.40
CA LYS B 170 25.93 52.17 -6.95
C LYS B 170 25.07 51.04 -6.39
N GLY B 171 24.55 50.20 -7.29
CA GLY B 171 23.72 49.09 -6.89
C GLY B 171 22.28 49.42 -6.62
N ASP B 172 21.88 50.66 -6.84
CA ASP B 172 20.50 51.07 -6.62
C ASP B 172 19.59 50.51 -7.72
N LYS B 173 18.39 50.08 -7.34
CA LYS B 173 17.44 49.52 -8.30
C LYS B 173 16.01 50.10 -8.17
N VAL B 174 15.39 50.40 -9.30
CA VAL B 174 14.01 50.90 -9.32
C VAL B 174 13.28 50.17 -10.44
N LYS B 175 11.98 50.34 -10.55
CA LYS B 175 11.25 49.65 -11.61
C LYS B 175 10.07 50.42 -12.14
N ALA B 176 9.69 50.10 -13.38
CA ALA B 176 8.56 50.73 -14.05
C ALA B 176 7.65 49.63 -14.58
N HIS B 177 6.40 49.62 -14.09
CA HIS B 177 5.40 48.64 -14.47
C HIS B 177 4.40 49.28 -15.43
N TYR B 178 3.79 48.47 -16.29
CA TYR B 178 2.78 48.94 -17.23
C TYR B 178 1.78 47.83 -17.50
N GLY B 179 0.67 47.87 -16.77
CA GLY B 179 -0.37 46.85 -16.91
C GLY B 179 -0.82 46.59 -18.33
N GLY B 180 -0.74 47.62 -19.17
CA GLY B 180 -1.13 47.47 -20.56
C GLY B 180 -0.01 47.94 -21.47
N PHE B 181 0.35 47.12 -22.44
CA PHE B 181 1.42 47.46 -23.37
C PHE B 181 1.16 46.71 -24.66
N THR B 182 1.28 47.41 -25.78
CA THR B 182 1.09 46.78 -27.09
C THR B 182 2.02 47.47 -28.07
N VAL B 183 2.30 46.80 -29.17
CA VAL B 183 3.15 47.32 -30.23
C VAL B 183 2.59 46.80 -31.53
N GLN B 184 2.16 47.72 -32.40
CA GLN B 184 1.58 47.34 -33.67
C GLN B 184 2.66 46.72 -34.56
N ASN B 185 2.29 46.35 -35.79
CA ASN B 185 3.25 45.75 -36.72
C ASN B 185 4.10 46.79 -37.48
N GLU B 186 4.85 46.31 -38.48
CA GLU B 186 5.71 47.18 -39.26
C GLU B 186 4.94 48.19 -40.10
N ALA B 187 3.82 47.75 -40.66
CA ALA B 187 3.00 48.62 -41.51
C ALA B 187 2.56 49.84 -40.73
N ASN B 188 2.54 49.72 -39.40
CA ASN B 188 2.15 50.85 -38.57
C ASN B 188 3.32 51.41 -37.80
N LYS B 189 4.52 51.13 -38.31
CA LYS B 189 5.75 51.61 -37.71
C LYS B 189 5.95 51.21 -36.26
N TYR B 190 5.54 49.99 -35.92
CA TYR B 190 5.68 49.46 -34.56
C TYR B 190 5.24 50.46 -33.50
N GLN B 191 4.19 51.22 -33.80
CA GLN B 191 3.68 52.22 -32.89
C GLN B 191 3.46 51.62 -31.50
N ILE B 192 3.84 52.36 -30.48
CA ILE B 192 3.72 51.87 -29.12
C ILE B 192 2.64 52.55 -28.30
N SER B 193 2.01 51.78 -27.41
CA SER B 193 0.97 52.26 -26.53
C SER B 193 1.15 51.58 -25.17
N VAL B 194 1.07 52.36 -24.09
CA VAL B 194 1.21 51.82 -22.73
C VAL B 194 0.25 52.49 -21.76
N ASN B 195 0.02 51.85 -20.62
CA ASN B 195 -0.86 52.41 -19.59
C ASN B 195 -0.73 51.69 -18.25
N LYS B 196 -1.54 52.10 -17.29
CA LYS B 196 -1.54 51.52 -15.95
C LYS B 196 -0.16 51.44 -15.32
N TYR B 197 0.39 52.60 -14.97
CA TYR B 197 1.72 52.69 -14.37
C TYR B 197 1.78 52.49 -12.87
N ARG B 198 2.92 52.02 -12.40
CA ARG B 198 3.20 51.84 -10.99
C ARG B 198 4.66 51.47 -10.91
N GLY B 199 5.37 52.05 -9.95
CA GLY B 199 6.77 51.75 -9.83
C GLY B 199 7.53 52.81 -9.07
N THR B 200 8.85 52.73 -9.18
CA THR B 200 9.71 53.64 -8.46
C THR B 200 10.68 54.35 -9.41
N ALA B 201 10.64 53.99 -10.69
CA ALA B 201 11.54 54.59 -11.68
C ALA B 201 11.03 55.91 -12.29
N GLY B 202 9.73 56.16 -12.15
CA GLY B 202 9.14 57.37 -12.69
C GLY B 202 8.49 57.08 -14.03
N ASN B 203 7.18 57.30 -14.15
CA ASN B 203 6.47 57.01 -15.40
C ASN B 203 6.97 57.85 -16.57
N ALA B 204 8.25 57.65 -16.92
CA ALA B 204 8.88 58.38 -18.01
C ALA B 204 8.28 58.12 -19.39
N LEU B 205 7.65 56.97 -19.55
CA LEU B 205 7.09 56.64 -20.85
C LEU B 205 5.83 57.43 -21.16
N MET B 206 4.93 57.52 -20.20
CA MET B 206 3.68 58.24 -20.40
C MET B 206 3.67 59.73 -20.06
N ASP B 207 4.47 60.14 -19.07
CA ASP B 207 4.49 61.55 -18.68
C ASP B 207 5.71 62.34 -19.13
N GLY B 208 6.63 61.74 -19.86
CA GLY B 208 7.81 62.48 -20.25
C GLY B 208 8.67 62.83 -19.04
N ALA B 209 9.86 63.36 -19.29
CA ALA B 209 10.81 63.71 -18.23
C ALA B 209 10.28 64.62 -17.12
N SER B 210 10.51 64.23 -15.88
CA SER B 210 10.09 64.98 -14.70
C SER B 210 10.58 66.43 -14.69
N GLN B 211 11.88 66.62 -14.87
CA GLN B 211 12.45 67.95 -14.86
C GLN B 211 12.14 68.84 -16.07
N LEU B 212 10.93 68.71 -16.61
CA LEU B 212 10.55 69.55 -17.74
C LEU B 212 9.15 70.09 -17.53
N MET B 213 8.89 71.24 -18.16
CA MET B 213 7.60 71.92 -18.05
C MET B 213 6.90 72.02 -19.41
N GLY B 214 5.59 72.20 -19.37
CA GLY B 214 4.80 72.35 -20.59
C GLY B 214 5.27 71.59 -21.82
N GLU B 215 5.15 72.22 -22.99
CA GLU B 215 5.54 71.56 -24.24
C GLU B 215 6.93 70.93 -24.18
N ASN B 216 7.80 71.44 -23.31
CA ASN B 216 9.14 70.88 -23.18
C ASN B 216 9.11 69.46 -22.64
N ARG B 217 8.15 69.17 -21.78
CA ARG B 217 8.00 67.84 -21.20
C ARG B 217 7.18 66.98 -22.16
N THR B 218 6.02 67.49 -22.56
CA THR B 218 5.14 66.76 -23.46
C THR B 218 5.86 66.16 -24.66
N MET B 219 6.88 66.84 -25.16
CA MET B 219 7.60 66.33 -26.31
C MET B 219 8.61 65.23 -25.98
N THR B 220 8.57 64.76 -24.74
CA THR B 220 9.46 63.67 -24.31
C THR B 220 8.60 62.45 -23.95
N ILE B 221 7.32 62.51 -24.29
CA ILE B 221 6.41 61.41 -24.04
C ILE B 221 6.65 60.35 -25.12
N HIS B 222 6.83 59.10 -24.71
CA HIS B 222 7.08 58.03 -25.66
C HIS B 222 5.80 57.33 -26.07
N ASN B 223 4.83 57.27 -25.16
CA ASN B 223 3.58 56.61 -25.45
C ASN B 223 2.92 57.16 -26.71
N GLY B 224 2.60 56.25 -27.64
CA GLY B 224 1.99 56.68 -28.88
C GLY B 224 2.97 57.06 -29.96
N MET B 225 4.27 56.94 -29.66
CA MET B 225 5.30 57.28 -30.63
C MET B 225 5.62 56.14 -31.60
N PHE B 226 6.14 56.48 -32.78
CA PHE B 226 6.51 55.45 -33.74
C PHE B 226 7.94 55.00 -33.41
N PHE B 227 8.45 54.01 -34.14
CA PHE B 227 9.79 53.52 -33.87
C PHE B 227 10.74 54.00 -34.96
N SER B 228 11.91 54.48 -34.55
CA SER B 228 12.91 54.98 -35.49
C SER B 228 14.31 54.45 -35.22
N THR B 229 15.09 54.31 -36.28
CA THR B 229 16.48 53.89 -36.16
C THR B 229 17.25 55.01 -36.84
N TYR B 230 18.56 55.05 -36.66
CA TYR B 230 19.32 56.13 -37.28
C TYR B 230 19.23 56.15 -38.80
N ASP B 231 18.69 55.08 -39.39
CA ASP B 231 18.55 55.04 -40.84
C ASP B 231 17.07 55.01 -41.27
N ARG B 232 16.19 55.36 -40.33
CA ARG B 232 14.75 55.36 -40.57
C ARG B 232 14.08 56.33 -39.61
N ASP B 233 13.80 57.54 -40.09
CA ASP B 233 13.16 58.57 -39.27
C ASP B 233 11.64 58.43 -39.22
N ASN B 234 11.12 58.22 -38.02
CA ASN B 234 9.69 58.10 -37.80
C ASN B 234 9.39 58.85 -36.51
N ASP B 235 10.29 59.78 -36.15
CA ASP B 235 10.16 60.54 -34.90
C ASP B 235 9.19 61.72 -34.93
N GLY B 236 9.05 62.35 -33.76
CA GLY B 236 8.16 63.50 -33.62
C GLY B 236 8.77 64.82 -34.02
N TRP B 237 9.94 64.78 -34.65
CA TRP B 237 10.62 65.99 -35.08
C TRP B 237 10.34 66.17 -36.56
N LEU B 238 9.49 67.14 -36.88
CA LEU B 238 9.12 67.44 -38.25
C LEU B 238 10.02 68.54 -38.78
N THR B 239 10.68 68.29 -39.90
CA THR B 239 11.59 69.27 -40.50
C THR B 239 12.45 68.58 -41.56
N SER B 240 13.06 69.39 -42.42
CA SER B 240 13.91 68.85 -43.48
C SER B 240 15.37 68.90 -43.03
N ASP B 241 15.58 69.25 -41.76
CA ASP B 241 16.91 69.35 -41.18
C ASP B 241 17.42 67.94 -40.82
N PRO B 242 18.26 67.35 -41.71
CA PRO B 242 18.84 66.00 -41.54
C PRO B 242 19.83 65.94 -40.38
N ARG B 243 19.75 66.94 -39.51
CA ARG B 243 20.65 67.06 -38.38
C ARG B 243 19.90 67.00 -37.04
N LYS B 244 18.66 67.46 -37.07
CA LYS B 244 17.82 67.51 -35.86
C LYS B 244 17.17 66.18 -35.46
N GLN B 245 17.34 65.14 -36.27
CA GLN B 245 16.71 63.85 -35.95
C GLN B 245 17.19 63.23 -34.65
N CYS B 246 16.26 62.62 -33.95
CA CYS B 246 16.50 61.98 -32.66
C CYS B 246 17.52 60.85 -32.67
N SER B 247 17.51 60.05 -33.73
CA SER B 247 18.43 58.93 -33.80
C SER B 247 19.56 59.11 -34.79
N LYS B 248 20.72 59.50 -34.27
CA LYS B 248 21.89 59.67 -35.11
C LYS B 248 22.64 58.35 -35.13
N GLU B 249 23.72 58.28 -35.91
CA GLU B 249 24.50 57.06 -36.04
C GLU B 249 24.88 56.45 -34.69
N ASP B 250 24.99 55.13 -34.68
CA ASP B 250 25.33 54.36 -33.48
C ASP B 250 24.32 54.56 -32.36
N GLY B 251 23.26 55.32 -32.64
CA GLY B 251 22.24 55.55 -31.64
C GLY B 251 21.28 54.38 -31.66
N GLY B 252 20.63 54.11 -30.54
CA GLY B 252 19.72 52.99 -30.52
C GLY B 252 18.40 53.26 -31.22
N GLY B 253 17.62 52.21 -31.43
CA GLY B 253 16.31 52.34 -32.03
C GLY B 253 15.31 52.40 -30.89
N TRP B 254 14.45 53.41 -30.88
CA TRP B 254 13.50 53.53 -29.80
C TRP B 254 12.23 54.27 -30.26
N TRP B 255 11.25 54.36 -29.38
CA TRP B 255 10.03 55.06 -29.73
C TRP B 255 10.25 56.56 -29.44
N TYR B 256 11.20 57.11 -30.19
CA TYR B 256 11.60 58.51 -30.08
C TYR B 256 10.50 59.50 -30.46
N ASN B 257 10.48 60.61 -29.75
CA ASN B 257 9.51 61.68 -29.98
C ASN B 257 10.30 62.98 -30.26
N ARG B 258 10.56 63.79 -29.24
CA ARG B 258 11.30 65.04 -29.42
C ARG B 258 12.12 65.48 -28.20
N CYS B 259 13.04 64.64 -27.73
CA CYS B 259 13.31 63.34 -28.31
C CYS B 259 13.03 62.16 -27.38
N HIS B 260 13.40 62.30 -26.12
CA HIS B 260 13.18 61.21 -25.18
C HIS B 260 13.24 61.62 -23.73
N ALA B 261 12.69 60.74 -22.90
CA ALA B 261 12.69 60.91 -21.45
C ALA B 261 13.52 59.71 -20.99
N ALA B 262 13.46 58.66 -21.79
CA ALA B 262 14.16 57.41 -21.53
C ALA B 262 14.52 56.71 -22.83
N ASN B 263 15.66 56.02 -22.83
CA ASN B 263 16.09 55.28 -24.00
C ASN B 263 16.90 54.03 -23.64
N PRO B 264 16.20 52.93 -23.29
CA PRO B 264 16.81 51.64 -22.91
C PRO B 264 17.77 51.04 -23.94
N ASN B 265 17.69 51.52 -25.18
CA ASN B 265 18.57 50.99 -26.21
C ASN B 265 19.74 51.89 -26.59
N GLY B 266 20.07 52.82 -25.68
CA GLY B 266 21.18 53.74 -25.93
C GLY B 266 22.54 53.09 -25.73
N ARG B 267 23.59 53.82 -26.07
CA ARG B 267 24.98 53.33 -25.95
C ARG B 267 25.29 53.02 -24.48
N TYR B 268 26.11 51.98 -24.26
CA TYR B 268 26.48 51.57 -22.90
C TYR B 268 27.75 52.25 -22.37
N TYR B 269 27.59 53.43 -21.77
CA TYR B 269 28.74 54.15 -21.21
C TYR B 269 29.11 53.54 -19.86
N TRP B 270 30.37 53.17 -19.71
CA TRP B 270 30.82 52.57 -18.46
C TRP B 270 30.95 53.63 -17.37
N GLY B 271 30.61 53.26 -16.13
CA GLY B 271 30.72 54.22 -15.04
C GLY B 271 29.47 55.01 -14.71
N GLY B 272 28.64 55.30 -15.70
CA GLY B 272 27.42 56.05 -15.43
C GLY B 272 27.35 57.44 -16.04
N GLN B 273 27.75 58.45 -15.27
CA GLN B 273 27.72 59.83 -15.76
C GLN B 273 28.57 59.93 -17.01
N TYR B 274 28.19 60.84 -17.90
CA TYR B 274 28.96 61.09 -19.13
C TYR B 274 28.67 62.51 -19.62
N THR B 275 29.64 63.07 -20.33
CA THR B 275 29.55 64.43 -20.81
C THR B 275 29.33 64.55 -22.31
N TRP B 276 29.10 65.78 -22.75
CA TRP B 276 28.84 66.06 -24.16
C TRP B 276 30.09 65.83 -25.01
N ASP B 277 31.27 65.96 -24.40
CA ASP B 277 32.51 65.78 -25.14
C ASP B 277 32.95 64.32 -25.13
N MET B 278 32.02 63.44 -24.76
CA MET B 278 32.24 62.01 -24.73
C MET B 278 31.32 61.40 -25.78
N ALA B 279 30.12 61.95 -25.87
CA ALA B 279 29.12 61.49 -26.83
C ALA B 279 29.54 61.81 -28.25
N LYS B 280 29.51 60.82 -29.12
CA LYS B 280 29.89 60.97 -30.52
C LYS B 280 29.28 62.20 -31.19
N HIS B 281 28.05 62.54 -30.81
CA HIS B 281 27.35 63.68 -31.38
C HIS B 281 26.96 64.72 -30.32
N GLY B 282 27.49 64.56 -29.11
CA GLY B 282 27.16 65.49 -28.03
C GLY B 282 25.68 65.46 -27.68
N THR B 283 25.00 64.40 -28.10
CA THR B 283 23.58 64.24 -27.82
C THR B 283 23.43 63.28 -26.63
N ASP B 284 22.26 63.27 -26.00
CA ASP B 284 22.04 62.42 -24.82
C ASP B 284 21.74 60.94 -25.15
N ASP B 285 22.55 60.33 -26.01
CA ASP B 285 22.36 58.91 -26.32
C ASP B 285 22.91 58.17 -25.11
N GLY B 286 22.53 56.92 -24.91
CA GLY B 286 23.02 56.20 -23.74
C GLY B 286 21.87 55.73 -22.87
N VAL B 287 22.01 54.54 -22.28
CA VAL B 287 20.98 53.94 -21.44
C VAL B 287 20.42 54.91 -20.40
N VAL B 288 19.50 55.75 -20.86
CA VAL B 288 18.89 56.79 -20.06
C VAL B 288 17.45 56.56 -19.60
N TRP B 289 17.15 57.09 -18.42
CA TRP B 289 15.82 57.05 -17.82
C TRP B 289 15.78 58.26 -16.88
N MET B 290 15.73 59.44 -17.50
CA MET B 290 15.72 60.73 -16.79
C MET B 290 14.92 60.87 -15.51
N ASN B 291 13.74 60.30 -15.48
CA ASN B 291 12.89 60.40 -14.30
C ASN B 291 13.48 59.80 -13.02
N TRP B 292 14.63 59.15 -13.14
CA TRP B 292 15.27 58.57 -11.96
C TRP B 292 16.68 59.12 -11.80
N LYS B 293 17.54 58.77 -12.73
CA LYS B 293 18.93 59.22 -12.69
C LYS B 293 19.14 60.49 -13.51
N GLY B 294 18.06 61.00 -14.09
CA GLY B 294 18.15 62.19 -14.90
C GLY B 294 18.83 61.98 -16.24
N SER B 295 19.19 63.08 -16.88
CA SER B 295 19.85 63.10 -18.19
C SER B 295 21.39 62.88 -18.08
N TRP B 296 21.99 62.34 -19.13
CA TRP B 296 23.44 62.09 -19.16
C TRP B 296 23.96 61.08 -18.12
N TYR B 297 23.19 60.02 -17.87
CA TYR B 297 23.60 58.99 -16.92
C TYR B 297 23.16 57.59 -17.39
N SER B 298 24.10 56.77 -17.86
CA SER B 298 23.80 55.42 -18.35
C SER B 298 23.71 54.35 -17.29
N MET B 299 22.59 53.63 -17.27
CA MET B 299 22.38 52.56 -16.32
C MET B 299 23.40 51.45 -16.50
N ARG B 300 23.59 50.62 -15.47
CA ARG B 300 24.52 49.51 -15.57
C ARG B 300 23.75 48.26 -15.99
N LYS B 301 22.48 48.21 -15.60
CA LYS B 301 21.59 47.11 -15.97
C LYS B 301 20.25 47.73 -16.34
N MET B 302 19.62 47.18 -17.36
CA MET B 302 18.34 47.67 -17.88
C MET B 302 17.70 46.52 -18.63
N SER B 303 16.44 46.23 -18.35
CA SER B 303 15.76 45.14 -19.08
C SER B 303 14.27 45.40 -19.26
N MET B 304 13.67 44.72 -20.23
CA MET B 304 12.26 44.85 -20.54
C MET B 304 11.63 43.47 -20.67
N LYS B 305 10.66 43.17 -19.80
CA LYS B 305 10.02 41.85 -19.82
C LYS B 305 8.51 41.97 -19.96
N ILE B 306 7.89 41.04 -20.69
CA ILE B 306 6.43 41.05 -20.83
C ILE B 306 5.80 39.76 -20.30
N ARG B 307 4.51 39.82 -19.99
CA ARG B 307 3.78 38.65 -19.49
C ARG B 307 2.29 38.83 -19.76
N PRO B 308 1.60 37.75 -20.11
CA PRO B 308 0.17 37.93 -20.37
C PRO B 308 -0.44 38.53 -19.11
N PHE B 309 -1.35 39.50 -19.28
CA PHE B 309 -1.98 40.12 -18.12
C PHE B 309 -3.30 39.49 -17.72
N PHE B 310 -3.26 38.76 -16.61
CA PHE B 310 -4.45 38.11 -16.09
C PHE B 310 -5.09 39.02 -15.04
N PRO B 311 -6.13 39.78 -15.43
CA PRO B 311 -6.81 40.68 -14.50
C PRO B 311 -7.01 40.04 -13.12
N TYR C 1 64.47 78.94 -22.21
CA TYR C 1 64.49 80.31 -21.60
C TYR C 1 63.98 81.34 -22.60
N GLU C 2 63.48 80.83 -23.74
CA GLU C 2 62.96 81.63 -24.85
C GLU C 2 64.06 81.96 -25.86
N ALA C 3 63.92 81.41 -27.07
CA ALA C 3 64.89 81.64 -28.13
C ALA C 3 64.48 82.82 -29.01
N SER C 4 65.23 83.04 -30.08
CA SER C 4 64.97 84.14 -30.99
C SER C 4 63.52 84.18 -31.45
N ILE C 5 62.99 85.39 -31.62
CA ILE C 5 61.61 85.58 -32.07
C ILE C 5 61.50 85.28 -33.55
N LEU C 6 62.62 84.86 -34.14
CA LEU C 6 62.65 84.52 -35.56
C LEU C 6 62.35 83.02 -35.67
N THR C 7 62.46 82.35 -34.53
CA THR C 7 62.19 80.92 -34.43
C THR C 7 60.69 80.67 -34.54
N HIS C 8 59.91 81.59 -33.99
CA HIS C 8 58.46 81.50 -34.00
C HIS C 8 57.89 80.98 -35.31
N ASP C 9 58.08 81.73 -36.40
CA ASP C 9 57.57 81.34 -37.71
C ASP C 9 57.78 79.86 -38.03
N SER C 10 58.95 79.33 -37.68
CA SER C 10 59.28 77.93 -37.91
C SER C 10 58.45 77.06 -36.97
N SER C 11 58.59 77.32 -35.68
CA SER C 11 57.87 76.58 -34.64
C SER C 11 56.36 76.61 -34.83
N ILE C 12 55.84 77.72 -35.36
CA ILE C 12 54.40 77.85 -35.60
C ILE C 12 54.00 76.84 -36.66
N ARG C 13 54.82 76.70 -37.70
CA ARG C 13 54.55 75.77 -38.78
C ARG C 13 54.77 74.32 -38.38
N TYR C 14 55.74 74.08 -37.49
CA TYR C 14 56.01 72.71 -37.03
C TYR C 14 54.85 72.15 -36.22
N LEU C 15 54.20 72.98 -35.41
CA LEU C 15 53.07 72.50 -34.63
C LEU C 15 51.93 72.24 -35.60
N GLN C 16 51.84 73.07 -36.64
CA GLN C 16 50.81 72.91 -37.64
C GLN C 16 50.98 71.55 -38.33
N GLU C 17 52.22 71.06 -38.36
CA GLU C 17 52.52 69.77 -38.97
C GLU C 17 52.01 68.61 -38.14
N ILE C 18 52.40 68.58 -36.86
CA ILE C 18 51.97 67.49 -35.98
C ILE C 18 50.48 67.60 -35.67
N TYR C 19 49.83 68.65 -36.14
CA TYR C 19 48.39 68.84 -35.93
C TYR C 19 47.63 68.21 -37.08
N ASN C 20 48.10 68.47 -38.30
CA ASN C 20 47.48 67.93 -39.50
C ASN C 20 47.84 66.46 -39.63
N SER C 21 49.04 66.13 -39.20
CA SER C 21 49.49 64.75 -39.23
C SER C 21 48.53 63.96 -38.33
N ASN C 22 48.35 64.44 -37.10
CA ASN C 22 47.46 63.80 -36.15
C ASN C 22 46.03 63.64 -36.65
N ASN C 23 45.48 64.71 -37.23
CA ASN C 23 44.13 64.66 -37.75
C ASN C 23 43.98 63.57 -38.80
N GLN C 24 45.05 63.35 -39.56
CA GLN C 24 45.05 62.31 -40.60
C GLN C 24 45.07 60.95 -39.93
N LYS C 25 46.00 60.76 -39.00
CA LYS C 25 46.09 59.50 -38.30
C LYS C 25 44.72 59.20 -37.67
N ILE C 26 44.02 60.26 -37.28
CA ILE C 26 42.70 60.14 -36.66
C ILE C 26 41.64 59.67 -37.66
N VAL C 27 41.79 60.09 -38.92
CA VAL C 27 40.83 59.70 -39.96
C VAL C 27 41.06 58.23 -40.33
N ASN C 28 42.33 57.84 -40.38
CA ASN C 28 42.69 56.47 -40.70
C ASN C 28 42.23 55.55 -39.57
N LEU C 29 42.37 56.03 -38.34
CA LEU C 29 41.97 55.26 -37.17
C LEU C 29 40.48 55.05 -37.17
N LYS C 30 39.72 56.11 -37.46
CA LYS C 30 38.26 56.05 -37.49
C LYS C 30 37.74 55.11 -38.56
N GLU C 31 38.54 54.86 -39.58
CA GLU C 31 38.12 53.95 -40.64
C GLU C 31 38.36 52.55 -40.11
N LYS C 32 39.50 52.34 -39.46
CA LYS C 32 39.82 51.04 -38.90
C LYS C 32 38.78 50.68 -37.84
N VAL C 33 38.35 51.68 -37.07
CA VAL C 33 37.35 51.47 -36.04
C VAL C 33 36.02 51.04 -36.67
N ALA C 34 35.75 51.52 -37.89
CA ALA C 34 34.52 51.15 -38.57
C ALA C 34 34.59 49.65 -38.89
N GLN C 35 35.71 49.23 -39.46
CA GLN C 35 35.90 47.83 -39.84
C GLN C 35 35.78 46.90 -38.64
N LEU C 36 36.34 47.33 -37.51
CA LEU C 36 36.29 46.52 -36.30
C LEU C 36 34.84 46.33 -35.89
N ALA C 37 34.08 47.42 -35.86
CA ALA C 37 32.68 47.36 -35.47
C ALA C 37 31.89 46.39 -36.36
N ALA C 38 32.23 46.35 -37.64
CA ALA C 38 31.53 45.46 -38.56
C ALA C 38 31.92 43.99 -38.36
N GLN C 39 32.88 43.73 -37.49
CA GLN C 39 33.31 42.36 -37.20
C GLN C 39 32.74 41.96 -35.84
N CYS C 40 32.02 42.89 -35.19
CA CYS C 40 31.43 42.65 -33.87
C CYS C 40 29.90 42.80 -33.84
N GLN C 41 29.23 42.44 -34.94
CA GLN C 41 27.79 42.54 -35.02
C GLN C 41 27.09 41.20 -34.80
N GLU C 42 27.76 40.13 -35.19
CA GLU C 42 27.23 38.77 -35.03
C GLU C 42 27.13 38.35 -33.58
N PRO C 43 26.31 37.32 -33.30
CA PRO C 43 26.12 36.82 -31.94
C PRO C 43 27.08 35.64 -31.76
N CYS C 44 27.20 35.12 -30.53
CA CYS C 44 28.08 33.97 -30.32
C CYS C 44 27.48 32.78 -31.08
N LYS C 45 28.33 31.92 -31.63
CA LYS C 45 27.87 30.75 -32.36
C LYS C 45 27.41 29.69 -31.34
N ASP C 46 26.22 29.16 -31.53
CA ASP C 46 25.71 28.14 -30.61
C ASP C 46 26.12 26.80 -31.18
N THR C 47 26.76 25.99 -30.36
CA THR C 47 27.21 24.67 -30.78
C THR C 47 26.01 23.79 -31.12
N VAL C 48 24.88 24.04 -30.46
CA VAL C 48 23.67 23.26 -30.70
C VAL C 48 22.74 23.86 -31.75
N GLN C 49 22.20 23.01 -32.60
CA GLN C 49 21.29 23.48 -33.64
C GLN C 49 20.24 22.45 -33.95
N ILE C 50 19.18 22.87 -34.64
CA ILE C 50 18.09 21.98 -34.99
C ILE C 50 17.91 21.90 -36.49
N HIS C 51 18.09 20.69 -37.05
CA HIS C 51 17.96 20.45 -38.48
C HIS C 51 16.61 20.92 -39.00
N ASP C 52 16.59 21.33 -40.27
CA ASP C 52 15.36 21.82 -40.89
C ASP C 52 14.44 20.68 -41.31
N ILE C 53 15.00 19.49 -41.51
CA ILE C 53 14.20 18.31 -41.92
C ILE C 53 13.16 17.96 -40.86
N THR C 54 11.91 17.78 -41.27
CA THR C 54 10.86 17.44 -40.32
C THR C 54 10.05 16.20 -40.73
N GLY C 55 9.02 15.90 -39.96
CA GLY C 55 8.16 14.76 -40.24
C GLY C 55 7.32 14.33 -39.05
N LYS C 56 6.54 13.26 -39.24
CA LYS C 56 5.65 12.71 -38.22
C LYS C 56 6.41 12.13 -37.05
N ASP C 57 7.57 11.54 -37.31
CA ASP C 57 8.39 10.95 -36.28
C ASP C 57 9.81 10.82 -36.81
N CYS C 58 10.73 10.39 -35.97
CA CYS C 58 12.12 10.24 -36.39
C CYS C 58 12.31 9.28 -37.54
N GLN C 59 11.41 8.32 -37.71
CA GLN C 59 11.54 7.38 -38.81
C GLN C 59 11.15 8.10 -40.10
N ASP C 60 10.01 8.81 -40.07
CA ASP C 60 9.54 9.55 -41.24
C ASP C 60 10.63 10.50 -41.71
N ILE C 61 11.37 11.05 -40.76
CA ILE C 61 12.44 11.97 -41.07
C ILE C 61 13.59 11.24 -41.78
N ALA C 62 14.15 10.21 -41.13
CA ALA C 62 15.25 9.44 -41.72
C ALA C 62 14.91 8.96 -43.12
N ASN C 63 13.66 8.55 -43.33
CA ASN C 63 13.24 8.07 -44.65
C ASN C 63 13.21 9.24 -45.61
N LYS C 64 13.65 10.40 -45.14
CA LYS C 64 13.67 11.59 -45.98
C LYS C 64 15.09 12.05 -46.22
N GLY C 65 16.04 11.49 -45.47
CA GLY C 65 17.42 11.89 -45.65
C GLY C 65 18.20 12.05 -44.35
N ALA C 66 17.55 12.60 -43.32
CA ALA C 66 18.20 12.78 -42.03
C ALA C 66 19.19 11.64 -41.87
N LYS C 67 20.45 11.97 -41.66
CA LYS C 67 21.48 10.95 -41.54
C LYS C 67 22.14 10.96 -40.17
N GLN C 68 22.11 12.10 -39.50
CA GLN C 68 22.75 12.18 -38.18
C GLN C 68 21.83 12.47 -37.01
N SER C 69 22.16 11.88 -35.86
CA SER C 69 21.38 12.09 -34.66
C SER C 69 21.37 13.57 -34.35
N GLY C 70 20.56 13.97 -33.38
CA GLY C 70 20.47 15.38 -33.02
C GLY C 70 19.04 15.84 -32.95
N LEU C 71 18.85 17.04 -32.40
CA LEU C 71 17.52 17.61 -32.24
C LEU C 71 16.80 17.83 -33.55
N TYR C 72 15.52 17.49 -33.59
CA TYR C 72 14.65 17.69 -34.77
C TYR C 72 13.26 18.09 -34.30
N PHE C 73 12.46 18.56 -35.24
CA PHE C 73 11.09 18.94 -34.98
C PHE C 73 10.17 17.94 -35.65
N ILE C 74 9.31 17.28 -34.88
CA ILE C 74 8.38 16.34 -35.47
C ILE C 74 6.97 16.79 -35.15
N LYS C 75 6.00 16.31 -35.92
CA LYS C 75 4.62 16.66 -35.69
C LYS C 75 3.75 15.48 -36.10
N PRO C 76 3.46 14.57 -35.15
CA PRO C 76 2.62 13.42 -35.50
C PRO C 76 1.31 13.90 -36.14
N LEU C 77 0.69 13.03 -36.93
CA LEU C 77 -0.56 13.38 -37.61
C LEU C 77 -1.61 14.14 -36.78
N LYS C 78 -2.13 13.49 -35.75
CA LYS C 78 -3.17 14.09 -34.91
C LYS C 78 -2.68 15.10 -33.87
N ALA C 79 -1.44 15.56 -33.98
CA ALA C 79 -0.88 16.50 -33.02
C ALA C 79 -1.20 17.96 -33.35
N ASN C 80 -1.53 18.74 -32.32
CA ASN C 80 -1.85 20.15 -32.51
C ASN C 80 -0.69 20.93 -33.08
N GLN C 81 0.42 20.96 -32.34
CA GLN C 81 1.60 21.68 -32.79
C GLN C 81 2.79 20.74 -32.90
N GLN C 82 3.89 21.25 -33.40
CA GLN C 82 5.11 20.45 -33.51
C GLN C 82 5.90 20.68 -32.24
N PHE C 83 6.81 19.76 -31.92
CA PHE C 83 7.63 19.89 -30.74
C PHE C 83 9.00 19.31 -31.01
N LEU C 84 10.00 19.75 -30.25
CA LEU C 84 11.37 19.27 -30.43
C LEU C 84 11.56 17.89 -29.79
N VAL C 85 12.36 17.06 -30.43
CA VAL C 85 12.66 15.71 -29.92
C VAL C 85 14.08 15.34 -30.28
N TYR C 86 14.60 14.28 -29.68
CA TYR C 86 15.94 13.83 -30.01
C TYR C 86 15.87 12.58 -30.88
N CYS C 87 16.14 12.74 -32.17
CA CYS C 87 16.11 11.62 -33.11
C CYS C 87 17.43 10.84 -33.10
N GLU C 88 17.34 9.52 -33.22
CA GLU C 88 18.54 8.68 -33.26
C GLU C 88 18.54 7.96 -34.59
N ILE C 89 19.48 8.29 -35.46
CA ILE C 89 19.55 7.61 -36.74
C ILE C 89 20.80 6.73 -36.75
N ASP C 90 20.63 5.49 -37.21
CA ASP C 90 21.75 4.53 -37.26
C ASP C 90 22.14 4.21 -38.70
N GLY C 91 23.25 3.47 -38.84
CA GLY C 91 23.72 3.09 -40.14
C GLY C 91 22.87 2.01 -40.80
N SER C 92 21.59 2.32 -40.97
CA SER C 92 20.64 1.40 -41.58
C SER C 92 19.38 2.17 -41.94
N GLY C 93 19.37 3.45 -41.58
CA GLY C 93 18.24 4.29 -41.89
C GLY C 93 17.07 4.16 -40.93
N ASN C 94 17.37 3.75 -39.70
CA ASN C 94 16.31 3.60 -38.70
C ASN C 94 16.25 4.88 -37.87
N GLY C 95 15.04 5.41 -37.72
CA GLY C 95 14.87 6.62 -36.94
C GLY C 95 14.19 6.41 -35.61
N TRP C 96 14.98 6.13 -34.57
CA TRP C 96 14.41 5.95 -33.24
C TRP C 96 14.14 7.33 -32.64
N THR C 97 12.92 7.53 -32.14
CA THR C 97 12.56 8.79 -31.51
C THR C 97 12.58 8.48 -30.00
N VAL C 98 13.58 9.03 -29.29
CA VAL C 98 13.77 8.79 -27.86
C VAL C 98 12.89 9.62 -26.92
N PHE C 99 12.31 9.00 -25.89
CA PHE C 99 11.47 9.75 -24.98
C PHE C 99 11.92 9.76 -23.52
N GLN C 100 12.94 8.99 -23.18
CA GLN C 100 13.44 8.97 -21.79
C GLN C 100 14.96 8.78 -21.77
N LYS C 101 15.63 9.45 -20.85
CA LYS C 101 17.08 9.33 -20.76
C LYS C 101 17.65 9.61 -19.37
N ARG C 102 18.64 8.81 -19.00
CA ARG C 102 19.34 8.94 -17.73
C ARG C 102 20.80 8.62 -18.03
N LEU C 103 21.71 9.25 -17.28
CA LEU C 103 23.13 9.02 -17.48
C LEU C 103 24.02 9.68 -16.44
N ASP C 104 23.42 10.42 -15.51
CA ASP C 104 24.24 11.06 -14.47
C ASP C 104 23.50 11.66 -13.27
N GLY C 105 22.18 11.54 -13.24
CA GLY C 105 21.42 12.08 -12.12
C GLY C 105 21.36 13.60 -12.03
N SER C 106 21.70 14.27 -13.14
CA SER C 106 21.67 15.72 -13.17
C SER C 106 20.25 16.29 -13.28
N VAL C 107 19.26 15.41 -13.26
CA VAL C 107 17.87 15.84 -13.34
C VAL C 107 17.02 15.15 -12.29
N ASP C 108 16.36 15.93 -11.45
CA ASP C 108 15.51 15.35 -10.42
C ASP C 108 14.24 14.82 -11.10
N PHE C 109 13.98 13.53 -10.94
CA PHE C 109 12.80 12.95 -11.55
C PHE C 109 11.58 12.91 -10.65
N LYS C 110 11.62 13.69 -9.57
CA LYS C 110 10.48 13.77 -8.67
C LYS C 110 9.70 15.01 -9.12
N LYS C 111 8.77 14.79 -10.06
CA LYS C 111 7.95 15.85 -10.62
C LYS C 111 6.47 15.46 -10.53
N ASN C 112 5.60 16.40 -10.86
CA ASN C 112 4.16 16.15 -10.79
C ASN C 112 3.54 15.70 -12.10
N TRP C 113 2.21 15.63 -12.09
CA TRP C 113 1.43 15.20 -13.23
C TRP C 113 1.68 16.10 -14.43
N ILE C 114 1.46 17.39 -14.23
CA ILE C 114 1.65 18.38 -15.28
C ILE C 114 3.02 18.22 -15.93
N GLN C 115 4.05 18.22 -15.10
CA GLN C 115 5.40 18.11 -15.61
C GLN C 115 5.64 16.81 -16.37
N TYR C 116 5.20 15.69 -15.80
CA TYR C 116 5.38 14.41 -16.48
C TYR C 116 4.62 14.35 -17.81
N LYS C 117 3.68 15.27 -17.96
CA LYS C 117 2.86 15.36 -19.16
C LYS C 117 3.55 16.22 -20.21
N GLU C 118 3.96 17.41 -19.79
CA GLU C 118 4.61 18.36 -20.70
C GLU C 118 6.07 18.01 -20.96
N GLY C 119 6.68 17.31 -20.02
CA GLY C 119 8.07 16.93 -20.17
C GLY C 119 9.02 17.86 -19.41
N PHE C 120 10.14 17.30 -18.98
CA PHE C 120 11.13 18.08 -18.26
C PHE C 120 12.52 17.64 -18.69
N GLY C 121 13.53 18.41 -18.30
CA GLY C 121 14.89 18.09 -18.68
C GLY C 121 15.36 18.86 -19.89
N HIS C 122 16.44 18.39 -20.54
CA HIS C 122 16.97 19.06 -21.71
C HIS C 122 17.30 18.10 -22.85
N LEU C 123 17.07 18.55 -24.09
CA LEU C 123 17.38 17.77 -25.27
C LEU C 123 18.75 18.26 -25.75
N SER C 124 19.51 17.40 -26.40
CA SER C 124 20.83 17.81 -26.85
C SER C 124 21.33 16.99 -28.02
N PRO C 125 22.04 17.64 -28.94
CA PRO C 125 22.61 17.01 -30.14
C PRO C 125 23.48 15.78 -29.86
N THR C 126 24.23 15.82 -28.77
CA THR C 126 25.11 14.71 -28.44
C THR C 126 24.40 13.61 -27.62
N GLY C 127 23.09 13.73 -27.46
CA GLY C 127 22.36 12.74 -26.69
C GLY C 127 23.07 12.47 -25.38
N THR C 128 23.51 13.54 -24.72
CA THR C 128 24.24 13.42 -23.45
C THR C 128 23.56 14.13 -22.29
N THR C 129 22.25 14.31 -22.39
CA THR C 129 21.49 14.97 -21.34
C THR C 129 20.28 14.13 -20.96
N GLU C 130 19.90 14.17 -19.69
CA GLU C 130 18.74 13.42 -19.22
C GLU C 130 17.47 14.24 -19.40
N PHE C 131 16.35 13.56 -19.64
CA PHE C 131 15.06 14.21 -19.82
C PHE C 131 13.90 13.24 -19.85
N TRP C 132 12.70 13.79 -20.00
CA TRP C 132 11.47 13.00 -20.13
C TRP C 132 10.64 13.80 -21.12
N LEU C 133 10.49 13.22 -22.31
CA LEU C 133 9.75 13.87 -23.37
C LEU C 133 8.37 14.43 -23.01
N GLY C 134 7.63 13.72 -22.17
CA GLY C 134 6.29 14.16 -21.81
C GLY C 134 5.22 13.19 -22.28
N ASN C 135 4.39 12.72 -21.35
CA ASN C 135 3.33 11.78 -21.68
C ASN C 135 2.49 12.15 -22.91
N GLU C 136 2.00 13.38 -22.95
CA GLU C 136 1.16 13.80 -24.06
C GLU C 136 1.86 13.60 -25.41
N LYS C 137 3.13 13.97 -25.48
CA LYS C 137 3.90 13.81 -26.72
C LYS C 137 4.12 12.33 -27.01
N ILE C 138 4.47 11.55 -25.98
CA ILE C 138 4.68 10.12 -26.17
C ILE C 138 3.40 9.47 -26.68
N HIS C 139 2.26 9.95 -26.18
CA HIS C 139 0.97 9.42 -26.58
C HIS C 139 0.70 9.69 -28.07
N LEU C 140 0.90 10.92 -28.51
CA LEU C 140 0.68 11.29 -29.90
C LEU C 140 1.54 10.49 -30.87
N ILE C 141 2.78 10.23 -30.49
CA ILE C 141 3.69 9.50 -31.36
C ILE C 141 3.36 8.03 -31.51
N SER C 142 2.89 7.38 -30.44
CA SER C 142 2.57 5.96 -30.50
C SER C 142 1.13 5.61 -30.91
N THR C 143 0.27 6.61 -31.10
CA THR C 143 -1.09 6.32 -31.50
C THR C 143 -1.45 6.96 -32.85
N GLN C 144 -0.44 7.22 -33.68
CA GLN C 144 -0.67 7.80 -35.00
C GLN C 144 -1.49 6.76 -35.75
N SER C 145 -2.38 7.21 -36.63
CA SER C 145 -3.21 6.28 -37.39
C SER C 145 -2.48 5.03 -37.90
N ALA C 146 -3.04 3.86 -37.56
CA ALA C 146 -2.56 2.53 -37.97
C ALA C 146 -1.07 2.20 -37.98
N ILE C 147 -0.25 2.98 -37.29
CA ILE C 147 1.18 2.69 -37.29
C ILE C 147 1.66 2.00 -36.01
N PRO C 148 1.76 0.66 -36.03
CA PRO C 148 2.22 -0.07 -34.86
C PRO C 148 3.64 0.33 -34.52
N TYR C 149 3.90 0.55 -33.24
CA TYR C 149 5.21 0.98 -32.76
C TYR C 149 5.91 -0.03 -31.85
N ALA C 150 7.21 0.14 -31.65
CA ALA C 150 7.99 -0.75 -30.79
C ALA C 150 8.90 0.03 -29.85
N LEU C 151 8.90 -0.36 -28.58
CA LEU C 151 9.73 0.29 -27.56
C LEU C 151 10.97 -0.54 -27.23
N ARG C 152 12.12 0.13 -27.11
CA ARG C 152 13.35 -0.57 -26.73
C ARG C 152 13.97 0.06 -25.50
N VAL C 153 14.07 -0.72 -24.43
CA VAL C 153 14.63 -0.23 -23.18
C VAL C 153 16.09 -0.64 -23.08
N GLU C 154 16.99 0.30 -23.37
CA GLU C 154 18.43 0.09 -23.33
C GLU C 154 19.00 0.46 -21.97
N LEU C 155 19.67 -0.50 -21.33
CA LEU C 155 20.25 -0.29 -20.00
C LEU C 155 21.76 -0.37 -20.01
N GLU C 156 22.39 0.10 -18.94
CA GLU C 156 23.84 0.03 -18.77
C GLU C 156 24.18 0.16 -17.30
N ASP C 157 25.02 -0.75 -16.83
CA ASP C 157 25.46 -0.73 -15.43
C ASP C 157 26.78 0.02 -15.36
N TRP C 158 27.31 0.14 -14.15
CA TRP C 158 28.58 0.83 -13.96
C TRP C 158 29.74 -0.11 -14.23
N ASN C 159 29.91 -0.50 -15.50
CA ASN C 159 30.99 -1.40 -15.92
C ASN C 159 30.98 -1.62 -17.42
N GLY C 160 30.20 -0.81 -18.14
CA GLY C 160 30.14 -0.92 -19.58
C GLY C 160 29.29 -2.06 -20.10
N ARG C 161 28.56 -2.72 -19.23
CA ARG C 161 27.70 -3.81 -19.67
C ARG C 161 26.36 -3.20 -20.06
N THR C 162 25.86 -3.54 -21.25
CA THR C 162 24.60 -2.99 -21.68
C THR C 162 23.64 -4.02 -22.27
N SER C 163 22.44 -4.09 -21.69
CA SER C 163 21.40 -5.00 -22.14
C SER C 163 20.23 -4.22 -22.70
N THR C 164 19.24 -4.90 -23.26
CA THR C 164 18.08 -4.23 -23.80
C THR C 164 16.84 -5.11 -23.64
N ALA C 165 15.67 -4.51 -23.81
CA ALA C 165 14.41 -5.23 -23.71
C ALA C 165 13.42 -4.57 -24.66
N ASP C 166 13.03 -5.29 -25.71
CA ASP C 166 12.11 -4.76 -26.71
C ASP C 166 10.68 -5.22 -26.48
N TYR C 167 9.73 -4.30 -26.66
CA TYR C 167 8.31 -4.63 -26.48
C TYR C 167 7.59 -4.22 -27.73
N ALA C 168 6.85 -5.16 -28.32
CA ALA C 168 6.14 -4.87 -29.55
C ALA C 168 4.76 -4.29 -29.28
N MET C 169 4.30 -3.46 -30.20
CA MET C 169 3.01 -2.81 -30.09
C MET C 169 2.94 -1.88 -28.89
N PHE C 170 4.07 -1.28 -28.55
CA PHE C 170 4.15 -0.33 -27.45
C PHE C 170 3.10 0.73 -27.74
N LYS C 171 2.52 1.28 -26.68
CA LYS C 171 1.51 2.29 -26.85
C LYS C 171 1.17 2.90 -25.51
N VAL C 172 0.89 4.20 -25.51
CA VAL C 172 0.53 4.93 -24.31
C VAL C 172 -0.78 5.63 -24.66
N GLY C 173 -1.71 5.68 -23.73
CA GLY C 173 -2.99 6.31 -24.03
C GLY C 173 -3.11 7.78 -23.64
N PRO C 174 -4.29 8.38 -23.88
CA PRO C 174 -4.59 9.78 -23.57
C PRO C 174 -4.92 10.01 -22.09
N GLU C 175 -4.71 11.25 -21.64
CA GLU C 175 -4.99 11.61 -20.26
C GLU C 175 -6.31 11.06 -19.76
N ALA C 176 -7.33 11.08 -20.61
CA ALA C 176 -8.63 10.57 -20.22
C ALA C 176 -8.47 9.17 -19.59
N ASP C 177 -7.49 8.41 -20.08
CA ASP C 177 -7.24 7.07 -19.58
C ASP C 177 -5.91 7.03 -18.82
N LYS C 178 -5.52 8.19 -18.30
CA LYS C 178 -4.30 8.32 -17.52
C LYS C 178 -3.01 7.79 -18.14
N TYR C 179 -2.76 8.17 -19.40
CA TYR C 179 -1.54 7.75 -20.09
C TYR C 179 -1.19 6.31 -19.80
N ARG C 180 -2.15 5.42 -20.01
CA ARG C 180 -1.97 3.99 -19.75
C ARG C 180 -0.99 3.35 -20.72
N LEU C 181 -0.07 2.56 -20.17
CA LEU C 181 0.92 1.86 -20.98
C LEU C 181 0.37 0.50 -21.34
N THR C 182 0.50 0.10 -22.59
CA THR C 182 0.05 -1.22 -23.03
C THR C 182 0.98 -1.65 -24.14
N TYR C 183 1.11 -2.96 -24.31
CA TYR C 183 1.95 -3.51 -25.36
C TYR C 183 1.47 -4.94 -25.61
N ALA C 184 1.64 -5.42 -26.85
CA ALA C 184 1.20 -6.77 -27.21
C ALA C 184 2.08 -7.88 -26.64
N TYR C 185 3.40 -7.76 -26.78
CA TYR C 185 4.31 -8.77 -26.25
C TYR C 185 5.79 -8.41 -26.18
N PHE C 186 6.47 -9.02 -25.22
CA PHE C 186 7.89 -8.83 -25.01
C PHE C 186 8.55 -9.37 -26.26
N ALA C 187 9.35 -8.55 -26.94
CA ALA C 187 9.99 -8.97 -28.18
C ALA C 187 11.45 -9.39 -28.08
N GLY C 188 11.91 -9.71 -26.88
CA GLY C 188 13.30 -10.15 -26.71
C GLY C 188 14.24 -9.19 -26.04
N GLY C 189 15.34 -9.70 -25.49
CA GLY C 189 16.31 -8.83 -24.84
C GLY C 189 16.97 -9.38 -23.58
N ASP C 190 18.29 -9.38 -23.55
CA ASP C 190 19.04 -9.89 -22.42
C ASP C 190 18.82 -9.10 -21.13
N ALA C 191 18.00 -8.06 -21.19
CA ALA C 191 17.73 -7.27 -20.00
C ALA C 191 16.67 -8.01 -19.20
N GLY C 192 15.74 -8.64 -19.92
CA GLY C 192 14.68 -9.38 -19.26
C GLY C 192 13.38 -8.63 -19.37
N ASP C 193 12.28 -9.37 -19.29
CA ASP C 193 10.94 -8.80 -19.40
C ASP C 193 10.46 -8.30 -18.05
N ALA C 194 11.07 -7.23 -17.54
CA ALA C 194 10.67 -6.68 -16.25
C ALA C 194 9.20 -6.25 -16.20
N PHE C 195 8.68 -5.76 -17.33
CA PHE C 195 7.28 -5.30 -17.40
C PHE C 195 6.25 -6.40 -17.11
N ASP C 196 6.66 -7.65 -17.26
CA ASP C 196 5.75 -8.79 -17.02
C ASP C 196 5.57 -9.11 -15.54
N GLY C 197 6.48 -8.63 -14.70
CA GLY C 197 6.39 -8.91 -13.28
C GLY C 197 7.63 -9.64 -12.81
N PHE C 198 7.78 -9.79 -11.50
CA PHE C 198 8.95 -10.47 -10.95
C PHE C 198 8.59 -11.06 -9.58
N ASP C 199 9.10 -12.25 -9.28
CA ASP C 199 8.82 -12.87 -7.99
C ASP C 199 9.99 -12.61 -7.06
N PHE C 200 9.78 -11.72 -6.10
CA PHE C 200 10.84 -11.37 -5.16
C PHE C 200 10.90 -12.32 -3.96
N GLY C 201 9.80 -13.01 -3.71
CA GLY C 201 9.75 -13.93 -2.57
C GLY C 201 9.16 -13.24 -1.36
N ASP C 202 8.90 -11.95 -1.50
CA ASP C 202 8.34 -11.13 -0.42
C ASP C 202 6.86 -11.46 -0.18
N ASP C 203 6.18 -11.87 -1.26
CA ASP C 203 4.78 -12.22 -1.17
C ASP C 203 4.42 -13.14 -2.33
N PRO C 204 3.47 -14.07 -2.10
CA PRO C 204 3.02 -15.02 -3.12
C PRO C 204 2.46 -14.34 -4.36
N SER C 205 2.07 -13.07 -4.21
CA SER C 205 1.48 -12.30 -5.31
C SER C 205 2.44 -11.31 -5.98
N ASP C 206 3.70 -11.25 -5.52
CA ASP C 206 4.69 -10.35 -6.10
C ASP C 206 4.46 -10.06 -7.58
N LYS C 207 4.56 -11.11 -8.38
CA LYS C 207 4.38 -11.02 -9.83
C LYS C 207 3.15 -10.17 -10.14
N PHE C 208 2.03 -10.48 -9.49
CA PHE C 208 0.77 -9.76 -9.68
C PHE C 208 0.89 -8.29 -9.27
N PHE C 209 1.70 -8.03 -8.24
CA PHE C 209 1.88 -6.67 -7.75
C PHE C 209 2.93 -5.89 -8.55
N THR C 210 3.74 -6.58 -9.35
CA THR C 210 4.80 -5.91 -10.09
C THR C 210 4.74 -5.90 -11.61
N SER C 211 3.61 -6.27 -12.21
CA SER C 211 3.52 -6.26 -13.67
C SER C 211 3.09 -4.88 -14.16
N HIS C 212 3.67 -4.43 -15.27
CA HIS C 212 3.36 -3.09 -15.79
C HIS C 212 2.45 -2.96 -17.01
N ASN C 213 2.21 -4.06 -17.72
CA ASN C 213 1.34 -3.97 -18.89
C ASN C 213 -0.09 -3.61 -18.51
N GLY C 214 -0.58 -2.50 -19.05
CA GLY C 214 -1.94 -2.08 -18.74
C GLY C 214 -2.00 -1.13 -17.55
N MET C 215 -0.85 -0.79 -16.98
CA MET C 215 -0.78 0.11 -15.84
C MET C 215 -0.88 1.56 -16.29
N GLN C 216 -1.60 2.36 -15.51
CA GLN C 216 -1.77 3.78 -15.79
C GLN C 216 -0.61 4.55 -15.17
N PHE C 217 -0.29 5.70 -15.73
CA PHE C 217 0.80 6.50 -15.22
C PHE C 217 0.42 7.11 -13.87
N SER C 218 1.40 7.22 -12.99
CA SER C 218 1.16 7.78 -11.67
C SER C 218 2.28 8.68 -11.19
N THR C 219 1.90 9.78 -10.55
CA THR C 219 2.87 10.72 -9.98
C THR C 219 2.32 10.95 -8.59
N TRP C 220 3.10 11.57 -7.70
CA TRP C 220 2.61 11.78 -6.34
C TRP C 220 1.28 12.53 -6.24
N ASP C 221 1.10 13.59 -7.05
CA ASP C 221 -0.15 14.34 -6.99
C ASP C 221 -1.26 13.73 -7.84
N ASN C 222 -1.03 12.51 -8.33
CA ASN C 222 -2.02 11.82 -9.14
C ASN C 222 -1.85 10.30 -9.02
N ASP C 223 -2.31 9.76 -7.89
CA ASP C 223 -2.22 8.33 -7.57
C ASP C 223 -3.14 7.50 -8.45
N ASN C 224 -2.55 6.74 -9.36
CA ASN C 224 -3.34 5.89 -10.26
C ASN C 224 -2.83 4.45 -10.25
N ASP C 225 -2.12 4.07 -9.20
CA ASP C 225 -1.56 2.72 -9.07
C ASP C 225 -2.59 1.65 -8.68
N LYS C 226 -2.10 0.49 -8.25
CA LYS C 226 -2.94 -0.63 -7.82
C LYS C 226 -2.58 -0.99 -6.38
N PHE C 227 -2.25 0.03 -5.60
CA PHE C 227 -1.85 -0.12 -4.21
C PHE C 227 -2.72 0.73 -3.28
N GLU C 228 -2.80 0.31 -2.03
CA GLU C 228 -3.59 1.02 -1.02
C GLU C 228 -2.98 2.40 -0.84
N GLY C 229 -1.66 2.46 -0.90
CA GLY C 229 -0.97 3.72 -0.74
C GLY C 229 -0.62 4.42 -2.04
N ASN C 230 0.46 5.19 -1.99
CA ASN C 230 0.93 5.96 -3.14
C ASN C 230 2.35 5.52 -3.50
N CYS C 231 2.46 4.71 -4.56
CA CYS C 231 3.75 4.21 -5.03
C CYS C 231 4.63 5.37 -5.46
N ALA C 232 4.07 6.22 -6.31
CA ALA C 232 4.79 7.37 -6.83
C ALA C 232 5.35 8.27 -5.73
N GLU C 233 4.53 8.57 -4.73
CA GLU C 233 4.98 9.43 -3.63
C GLU C 233 6.06 8.76 -2.78
N GLN C 234 6.08 7.43 -2.79
CA GLN C 234 7.07 6.67 -2.03
C GLN C 234 8.42 6.68 -2.75
N ASP C 235 8.41 6.32 -4.03
CA ASP C 235 9.63 6.29 -4.80
C ASP C 235 10.05 7.69 -5.28
N GLY C 236 9.17 8.67 -5.08
CA GLY C 236 9.45 10.04 -5.50
C GLY C 236 9.71 10.14 -7.00
N SER C 237 8.69 9.85 -7.80
CA SER C 237 8.82 9.91 -9.26
C SER C 237 7.49 9.76 -9.96
N GLY C 238 7.57 9.57 -11.28
CA GLY C 238 6.38 9.39 -12.12
C GLY C 238 6.59 8.11 -12.90
N TRP C 239 5.60 7.23 -12.90
CA TRP C 239 5.76 5.97 -13.61
C TRP C 239 4.49 5.13 -13.66
N TRP C 240 4.52 4.10 -14.50
CA TRP C 240 3.39 3.19 -14.63
C TRP C 240 3.49 2.21 -13.47
N MET C 241 3.06 2.69 -12.29
CA MET C 241 3.10 1.92 -11.05
C MET C 241 1.95 0.93 -10.89
N ASN C 242 2.25 -0.15 -10.17
CA ASN C 242 1.27 -1.19 -9.90
C ASN C 242 1.15 -1.32 -8.40
N LYS C 243 2.14 -1.99 -7.79
CA LYS C 243 2.18 -2.20 -6.35
C LYS C 243 3.47 -2.93 -5.93
N CYS C 244 4.63 -2.39 -6.32
CA CYS C 244 4.72 -1.16 -7.10
C CYS C 244 5.40 -1.28 -8.45
N HIS C 245 6.49 -2.05 -8.51
CA HIS C 245 7.23 -2.16 -9.76
C HIS C 245 8.20 -3.34 -9.82
N ALA C 246 8.71 -3.58 -11.02
CA ALA C 246 9.66 -4.65 -11.27
C ALA C 246 10.70 -4.09 -12.22
N GLY C 247 10.33 -2.95 -12.81
CA GLY C 247 11.20 -2.23 -13.73
C GLY C 247 10.85 -0.76 -13.56
N HIS C 248 11.79 0.05 -13.06
CA HIS C 248 11.53 1.47 -12.82
C HIS C 248 12.71 2.35 -13.28
N LEU C 249 12.63 2.85 -14.51
CA LEU C 249 13.69 3.66 -15.07
C LEU C 249 13.66 5.14 -14.72
N ASN C 250 12.61 5.56 -14.00
CA ASN C 250 12.45 6.95 -13.58
C ASN C 250 12.72 7.07 -12.08
N GLY C 251 13.50 6.13 -11.56
CA GLY C 251 13.81 6.14 -10.14
C GLY C 251 14.88 7.12 -9.72
N VAL C 252 15.17 7.13 -8.43
CA VAL C 252 16.19 8.00 -7.86
C VAL C 252 17.54 7.51 -8.33
N TYR C 253 18.31 8.40 -8.94
CA TYR C 253 19.62 8.05 -9.46
C TYR C 253 20.68 7.92 -8.38
N TYR C 254 20.93 6.70 -7.91
CA TYR C 254 21.95 6.45 -6.89
C TYR C 254 23.31 6.33 -7.57
N GLN C 255 24.25 7.14 -7.09
CA GLN C 255 25.59 7.18 -7.65
C GLN C 255 26.40 5.95 -7.22
N GLY C 256 27.12 5.38 -8.17
CA GLY C 256 27.91 4.19 -7.89
C GLY C 256 27.22 2.91 -8.33
N GLY C 257 25.94 2.82 -8.04
CA GLY C 257 25.17 1.65 -8.42
C GLY C 257 24.57 0.92 -7.24
N THR C 258 25.40 0.55 -6.27
CA THR C 258 24.92 -0.19 -5.12
C THR C 258 24.34 0.66 -4.01
N TYR C 259 23.19 0.24 -3.49
CA TYR C 259 22.52 0.95 -2.40
C TYR C 259 21.69 -0.06 -1.60
N SER C 260 21.01 0.41 -0.55
CA SER C 260 20.22 -0.49 0.28
C SER C 260 19.13 0.22 1.05
N LYS C 261 18.58 -0.48 2.04
CA LYS C 261 17.53 0.07 2.89
C LYS C 261 18.12 1.13 3.81
N ALA C 262 19.44 1.23 3.81
CA ALA C 262 20.14 2.21 4.62
C ALA C 262 20.23 3.49 3.82
N SER C 263 19.41 3.59 2.77
CA SER C 263 19.39 4.74 1.89
C SER C 263 18.14 5.62 2.07
N THR C 264 17.21 5.18 2.90
CA THR C 264 15.98 5.94 3.12
C THR C 264 15.33 5.65 4.48
N PRO C 265 14.56 6.62 5.02
CA PRO C 265 13.88 6.49 6.30
C PRO C 265 12.82 5.38 6.29
N ASN C 266 12.68 4.72 5.15
CA ASN C 266 11.71 3.63 5.02
C ASN C 266 12.28 2.48 4.20
N GLY C 267 13.59 2.56 3.92
CA GLY C 267 14.25 1.52 3.15
C GLY C 267 13.53 1.07 1.90
N TYR C 268 13.13 2.03 1.06
CA TYR C 268 12.45 1.73 -0.19
C TYR C 268 13.49 1.40 -1.24
N ASP C 269 13.08 0.64 -2.25
CA ASP C 269 13.96 0.28 -3.35
C ASP C 269 13.50 1.20 -4.46
N ASN C 270 13.83 2.48 -4.32
CA ASN C 270 13.45 3.49 -5.29
C ASN C 270 14.60 3.99 -6.16
N GLY C 271 15.23 3.06 -6.86
CA GLY C 271 16.33 3.40 -7.73
C GLY C 271 15.97 2.97 -9.14
N ILE C 272 16.86 3.22 -10.08
CA ILE C 272 16.62 2.82 -11.47
C ILE C 272 16.88 1.31 -11.54
N ILE C 273 15.86 0.55 -11.16
CA ILE C 273 15.96 -0.90 -11.14
C ILE C 273 15.18 -1.57 -12.26
N TRP C 274 15.71 -2.71 -12.72
CA TRP C 274 15.07 -3.50 -13.75
C TRP C 274 15.31 -4.94 -13.28
N ALA C 275 14.48 -5.37 -12.32
CA ALA C 275 14.55 -6.69 -11.68
C ALA C 275 15.08 -7.90 -12.44
N THR C 276 14.78 -8.02 -13.72
CA THR C 276 15.23 -9.18 -14.47
C THR C 276 16.69 -9.13 -14.91
N TRP C 277 17.39 -8.04 -14.63
CA TRP C 277 18.79 -7.93 -15.05
C TRP C 277 19.75 -7.58 -13.91
N LYS C 278 19.20 -7.06 -12.83
CA LYS C 278 20.00 -6.69 -11.65
C LYS C 278 19.06 -6.68 -10.45
N THR C 279 19.62 -6.76 -9.24
CA THR C 279 18.80 -6.75 -8.03
C THR C 279 18.18 -5.39 -7.75
N ARG C 280 17.00 -5.40 -7.14
CA ARG C 280 16.30 -4.17 -6.83
C ARG C 280 17.05 -3.27 -5.84
N TRP C 281 18.36 -3.48 -5.72
CA TRP C 281 19.19 -2.66 -4.85
C TRP C 281 20.40 -2.22 -5.66
N TYR C 282 20.22 -2.20 -6.97
CA TYR C 282 21.26 -1.78 -7.92
C TYR C 282 20.68 -0.84 -8.97
N SER C 283 20.81 0.47 -8.72
CA SER C 283 20.31 1.49 -9.65
C SER C 283 21.26 1.59 -10.84
N MET C 284 20.70 1.52 -12.04
CA MET C 284 21.50 1.58 -13.27
C MET C 284 22.36 2.85 -13.38
N LYS C 285 23.32 2.82 -14.31
CA LYS C 285 24.21 3.96 -14.55
C LYS C 285 23.65 4.77 -15.71
N LYS C 286 22.93 4.07 -16.60
CA LYS C 286 22.31 4.71 -17.76
C LYS C 286 20.96 4.06 -18.04
N THR C 287 20.12 4.81 -18.74
CA THR C 287 18.78 4.35 -19.09
C THR C 287 18.32 5.12 -20.30
N THR C 288 17.70 4.41 -21.24
CA THR C 288 17.17 5.07 -22.41
C THR C 288 16.01 4.30 -23.00
N MET C 289 14.88 4.98 -23.15
CA MET C 289 13.68 4.37 -23.72
C MET C 289 13.42 5.06 -25.04
N LYS C 290 13.42 4.29 -26.12
CA LYS C 290 13.16 4.87 -27.44
C LYS C 290 12.15 4.03 -28.20
N ILE C 291 11.40 4.70 -29.07
CA ILE C 291 10.39 4.02 -29.86
C ILE C 291 10.67 4.18 -31.35
N ILE C 292 10.06 3.32 -32.15
CA ILE C 292 10.25 3.32 -33.59
C ILE C 292 9.16 2.46 -34.21
N PRO C 293 8.79 2.72 -35.48
CA PRO C 293 7.73 1.89 -36.05
C PRO C 293 8.12 0.41 -35.92
N PHE C 294 7.17 -0.43 -35.50
CA PHE C 294 7.46 -1.85 -35.33
C PHE C 294 7.95 -2.46 -36.63
N ASN C 295 7.23 -2.14 -37.71
CA ASN C 295 7.57 -2.63 -39.05
C ASN C 295 8.87 -1.98 -39.48
N ARG C 296 9.91 -2.14 -38.67
CA ARG C 296 11.21 -1.56 -38.95
C ARG C 296 12.22 -2.28 -38.09
N LEU C 297 11.72 -2.88 -37.02
CA LEU C 297 12.55 -3.60 -36.07
C LEU C 297 12.95 -4.97 -36.62
N THR C 298 13.69 -4.97 -37.72
CA THR C 298 14.14 -6.21 -38.38
C THR C 298 13.09 -7.31 -38.32
N ILE D 8 11.28 12.62 15.40
CA ILE D 8 10.99 11.70 16.55
C ILE D 8 9.49 11.60 16.84
N GLN D 9 8.75 12.62 16.42
CA GLN D 9 7.30 12.65 16.63
C GLN D 9 6.66 11.35 16.13
N LEU D 10 7.07 10.93 14.93
CA LEU D 10 6.55 9.73 14.29
C LEU D 10 7.25 8.46 14.80
N LEU D 11 7.45 8.39 16.12
CA LEU D 11 8.07 7.23 16.76
C LEU D 11 7.37 7.03 18.09
N GLN D 12 7.19 8.12 18.82
CA GLN D 12 6.51 8.11 20.10
C GLN D 12 5.04 7.83 19.87
N LYS D 13 4.61 7.99 18.62
CA LYS D 13 3.22 7.78 18.24
C LYS D 13 2.99 6.38 17.72
N ASN D 14 3.96 5.89 16.95
CA ASN D 14 3.89 4.55 16.37
C ASN D 14 4.10 3.48 17.43
N VAL D 15 4.89 3.80 18.45
CA VAL D 15 5.16 2.86 19.51
C VAL D 15 3.97 2.66 20.42
N ARG D 16 3.44 3.74 20.99
CA ARG D 16 2.30 3.59 21.90
C ARG D 16 1.17 2.83 21.21
N ALA D 17 1.18 2.87 19.88
CA ALA D 17 0.18 2.18 19.07
C ALA D 17 0.57 0.70 18.95
N GLN D 18 1.80 0.46 18.52
CA GLN D 18 2.33 -0.90 18.35
C GLN D 18 2.33 -1.63 19.68
N LEU D 19 2.35 -0.87 20.77
CA LEU D 19 2.34 -1.45 22.09
C LEU D 19 0.93 -1.94 22.39
N VAL D 20 -0.05 -1.21 21.86
CA VAL D 20 -1.47 -1.55 22.03
C VAL D 20 -1.78 -2.69 21.09
N ASP D 21 -1.20 -2.62 19.91
CA ASP D 21 -1.40 -3.65 18.92
C ASP D 21 -0.90 -4.98 19.52
N MET D 22 0.24 -4.93 20.22
CA MET D 22 0.84 -6.12 20.81
C MET D 22 0.03 -6.69 21.99
N LYS D 23 -0.44 -5.83 22.87
CA LYS D 23 -1.22 -6.30 24.00
C LYS D 23 -2.35 -7.20 23.45
N ARG D 24 -2.91 -6.80 22.33
CA ARG D 24 -3.99 -7.56 21.73
C ARG D 24 -3.49 -8.85 21.10
N LEU D 25 -2.53 -8.76 20.20
CA LEU D 25 -1.99 -9.96 19.54
C LEU D 25 -1.60 -10.98 20.60
N GLU D 26 -1.18 -10.47 21.75
CA GLU D 26 -0.77 -11.30 22.87
C GLU D 26 -1.97 -12.10 23.33
N VAL D 27 -3.02 -11.40 23.76
CA VAL D 27 -4.24 -12.04 24.23
C VAL D 27 -4.89 -12.94 23.17
N ASP D 28 -4.85 -12.50 21.92
CA ASP D 28 -5.44 -13.28 20.83
C ASP D 28 -4.76 -14.63 20.72
N ILE D 29 -3.43 -14.62 20.66
CA ILE D 29 -2.68 -15.87 20.54
C ILE D 29 -2.93 -16.81 21.73
N ASP D 30 -3.17 -16.24 22.90
CA ASP D 30 -3.41 -17.08 24.07
C ASP D 30 -4.73 -17.84 23.88
N ILE D 31 -5.76 -17.11 23.47
CA ILE D 31 -7.09 -17.70 23.24
C ILE D 31 -7.05 -18.74 22.11
N LYS D 32 -6.33 -18.46 21.03
CA LYS D 32 -6.25 -19.40 19.92
C LYS D 32 -5.44 -20.64 20.22
N ILE D 33 -4.39 -20.51 21.03
CA ILE D 33 -3.56 -21.68 21.36
C ILE D 33 -4.31 -22.60 22.33
N ARG D 34 -5.05 -22.01 23.26
CA ARG D 34 -5.81 -22.80 24.21
C ARG D 34 -6.89 -23.57 23.48
N SER D 35 -7.52 -22.91 22.50
CA SER D 35 -8.58 -23.53 21.73
C SER D 35 -8.08 -24.63 20.82
N CYS D 36 -6.79 -24.92 20.88
CA CYS D 36 -6.25 -26.02 20.06
C CYS D 36 -6.26 -27.26 20.93
N ARG D 37 -6.57 -27.06 22.21
CA ARG D 37 -6.61 -28.16 23.16
C ARG D 37 -7.67 -29.19 22.77
N GLY D 38 -8.79 -28.72 22.23
CA GLY D 38 -9.84 -29.66 21.85
C GLY D 38 -9.80 -30.04 20.38
N SER D 39 -8.63 -29.86 19.78
CA SER D 39 -8.45 -30.12 18.36
C SER D 39 -7.13 -30.88 18.06
N CYS D 40 -6.02 -30.37 18.60
CA CYS D 40 -4.70 -30.98 18.37
C CYS D 40 -4.25 -31.90 19.50
N SER D 41 -3.24 -32.73 19.23
CA SER D 41 -2.71 -33.66 20.23
C SER D 41 -2.43 -33.05 21.62
N ARG D 42 -1.96 -31.82 21.66
CA ARG D 42 -1.72 -31.13 22.94
C ARG D 42 -1.74 -29.62 22.73
N ALA D 43 -1.61 -28.85 23.81
CA ALA D 43 -1.60 -27.39 23.71
C ALA D 43 -0.46 -26.79 24.55
N LEU D 44 0.28 -25.87 23.95
CA LEU D 44 1.40 -25.26 24.65
C LEU D 44 1.01 -24.61 25.96
N ALA D 45 1.56 -25.13 27.06
CA ALA D 45 1.29 -24.55 28.37
C ALA D 45 1.89 -23.16 28.33
N ARG D 46 1.16 -22.18 28.84
CA ARG D 46 1.68 -20.83 28.84
C ARG D 46 0.82 -19.92 29.71
N GLU D 47 1.24 -18.66 29.82
CA GLU D 47 0.52 -17.67 30.59
C GLU D 47 0.87 -16.28 30.09
N VAL D 48 0.00 -15.31 30.35
CA VAL D 48 0.23 -13.95 29.90
C VAL D 48 0.42 -12.99 31.06
N ASP D 49 1.48 -12.18 30.97
CA ASP D 49 1.76 -11.20 32.01
C ASP D 49 1.55 -9.82 31.38
N LEU D 50 0.29 -9.38 31.35
CA LEU D 50 -0.06 -8.09 30.78
C LEU D 50 0.69 -6.98 31.51
N LYS D 51 1.11 -7.29 32.74
CA LYS D 51 1.87 -6.36 33.59
C LYS D 51 3.00 -5.69 32.83
N ASP D 52 3.97 -6.50 32.37
CA ASP D 52 5.11 -5.99 31.61
C ASP D 52 4.62 -5.03 30.52
N TYR D 53 3.44 -5.31 29.97
CA TYR D 53 2.84 -4.49 28.93
C TYR D 53 2.22 -3.22 29.52
N GLU D 54 1.54 -3.38 30.65
CA GLU D 54 0.90 -2.24 31.32
C GLU D 54 1.95 -1.26 31.85
N ASP D 55 3.07 -1.79 32.34
CA ASP D 55 4.14 -0.95 32.86
C ASP D 55 4.80 -0.22 31.69
N GLN D 56 5.09 -0.95 30.62
CA GLN D 56 5.71 -0.35 29.45
C GLN D 56 4.79 0.71 28.81
N GLN D 57 3.49 0.60 29.08
CA GLN D 57 2.54 1.56 28.55
C GLN D 57 2.67 2.88 29.30
N LYS D 58 3.20 2.81 30.52
CA LYS D 58 3.36 4.01 31.34
C LYS D 58 4.71 4.69 31.14
N GLN D 59 5.67 3.97 30.56
CA GLN D 59 6.99 4.53 30.29
C GLN D 59 6.89 5.42 29.05
N LEU D 60 5.86 5.16 28.24
CA LEU D 60 5.63 5.91 27.02
C LEU D 60 4.77 7.13 27.33
N GLU D 61 4.39 7.28 28.60
CA GLU D 61 3.57 8.41 29.02
C GLU D 61 4.41 9.45 29.74
N GLN D 62 5.42 8.98 30.47
CA GLN D 62 6.30 9.88 31.21
C GLN D 62 7.30 10.50 30.25
N VAL D 63 6.90 10.61 28.98
CA VAL D 63 7.76 11.19 27.95
C VAL D 63 6.94 11.87 26.83
N ASN E 12 17.34 16.28 30.22
CA ASN E 12 16.10 15.53 29.87
C ASN E 12 15.84 15.57 28.37
N ILE E 13 16.59 16.44 27.67
CA ILE E 13 16.42 16.57 26.23
C ILE E 13 16.51 15.20 25.53
N PRO E 14 17.60 14.44 25.74
CA PRO E 14 17.73 13.13 25.09
C PRO E 14 17.14 11.93 25.86
N THR E 15 16.74 12.13 27.11
CA THR E 15 16.19 11.06 27.95
C THR E 15 15.15 10.13 27.30
N ASN E 16 14.47 10.60 26.27
CA ASN E 16 13.47 9.76 25.61
C ASN E 16 14.02 8.73 24.66
N LEU E 17 15.00 9.11 23.85
CA LEU E 17 15.61 8.19 22.89
C LEU E 17 16.14 6.93 23.59
N ARG E 18 15.99 6.92 24.92
CA ARG E 18 16.41 5.81 25.76
C ARG E 18 15.26 4.80 25.94
N VAL E 19 14.08 5.30 26.29
CA VAL E 19 12.92 4.44 26.50
C VAL E 19 12.42 3.83 25.19
N LEU E 20 12.31 4.64 24.15
CA LEU E 20 11.85 4.12 22.86
C LEU E 20 12.70 2.96 22.37
N ARG E 21 13.96 2.93 22.78
CA ARG E 21 14.88 1.87 22.36
C ARG E 21 14.77 0.61 23.22
N SER E 22 14.31 0.77 24.47
CA SER E 22 14.16 -0.38 25.37
C SER E 22 12.78 -1.01 25.23
N ILE E 23 11.76 -0.18 25.11
CA ILE E 23 10.40 -0.69 24.97
C ILE E 23 10.23 -1.29 23.57
N LEU E 24 10.95 -0.74 22.59
CA LEU E 24 10.84 -1.24 21.22
C LEU E 24 11.64 -2.53 21.02
N GLU E 25 12.77 -2.67 21.71
CA GLU E 25 13.58 -3.89 21.59
C GLU E 25 12.91 -5.00 22.39
N ASN E 26 12.26 -4.62 23.49
CA ASN E 26 11.55 -5.57 24.33
C ASN E 26 10.44 -6.23 23.52
N LEU E 27 9.74 -5.43 22.73
CA LEU E 27 8.65 -5.92 21.90
C LEU E 27 9.17 -6.83 20.80
N ARG E 28 10.36 -6.53 20.28
CA ARG E 28 10.94 -7.34 19.22
C ARG E 28 11.25 -8.71 19.80
N SER E 29 11.47 -8.73 21.11
CA SER E 29 11.75 -9.96 21.83
C SER E 29 10.43 -10.71 22.03
N LYS E 30 9.38 -9.97 22.38
CA LYS E 30 8.04 -10.50 22.59
C LYS E 30 7.58 -11.21 21.32
N ILE E 31 7.76 -10.53 20.19
CA ILE E 31 7.37 -11.08 18.92
C ILE E 31 8.02 -12.45 18.70
N GLN E 32 9.27 -12.60 19.14
CA GLN E 32 10.00 -13.85 18.98
C GLN E 32 9.45 -14.94 19.92
N LYS E 33 9.05 -14.54 21.11
CA LYS E 33 8.46 -15.48 22.07
C LYS E 33 7.21 -16.04 21.41
N LEU E 34 6.29 -15.14 21.04
CA LEU E 34 5.04 -15.50 20.39
C LEU E 34 5.31 -16.25 19.09
N GLU E 35 6.24 -15.75 18.28
CA GLU E 35 6.56 -16.43 17.03
C GLU E 35 6.90 -17.90 17.34
N SER E 36 7.56 -18.13 18.47
CA SER E 36 7.94 -19.48 18.90
C SER E 36 6.72 -20.30 19.25
N ASP E 37 5.97 -19.84 20.26
CA ASP E 37 4.74 -20.51 20.72
C ASP E 37 3.89 -20.94 19.52
N VAL E 38 3.47 -19.96 18.73
CA VAL E 38 2.65 -20.24 17.56
C VAL E 38 3.28 -21.37 16.75
N SER E 39 4.60 -21.32 16.57
CA SER E 39 5.30 -22.34 15.81
C SER E 39 5.27 -23.73 16.46
N ALA E 40 5.38 -23.79 17.78
CA ALA E 40 5.35 -25.07 18.47
C ALA E 40 3.95 -25.66 18.37
N GLN E 41 2.94 -24.81 18.53
CA GLN E 41 1.55 -25.26 18.47
C GLN E 41 1.24 -25.86 17.09
N MET E 42 1.76 -25.23 16.04
CA MET E 42 1.53 -25.73 14.69
C MET E 42 1.95 -27.21 14.62
N GLU E 43 3.07 -27.54 15.24
CA GLU E 43 3.54 -28.90 15.22
C GLU E 43 2.65 -29.83 15.99
N TYR E 44 2.16 -29.38 17.15
CA TYR E 44 1.29 -30.24 17.91
C TYR E 44 0.02 -30.50 17.09
N CYS E 45 -0.32 -29.54 16.22
CA CYS E 45 -1.52 -29.65 15.40
C CYS E 45 -1.35 -30.48 14.14
N ARG E 46 -0.20 -31.16 14.05
CA ARG E 46 0.06 -32.01 12.89
C ARG E 46 -0.63 -33.32 13.14
N THR E 47 -1.08 -33.52 14.38
CA THR E 47 -1.86 -34.71 14.76
C THR E 47 -2.96 -34.20 15.69
N PRO E 48 -4.14 -34.82 15.62
CA PRO E 48 -5.31 -34.44 16.43
C PRO E 48 -5.42 -35.10 17.79
N CYS E 49 -6.31 -34.57 18.63
CA CYS E 49 -6.56 -35.14 19.93
C CYS E 49 -7.54 -36.29 19.70
N THR E 50 -7.53 -37.29 20.57
CA THR E 50 -8.41 -38.42 20.37
C THR E 50 -9.24 -38.84 21.57
N VAL E 51 -10.38 -39.44 21.27
CA VAL E 51 -11.27 -39.94 22.30
C VAL E 51 -11.77 -41.32 21.85
N SER E 52 -12.28 -42.07 22.83
CA SER E 52 -12.81 -43.39 22.57
C SER E 52 -14.10 -43.44 23.36
N CYS E 53 -15.17 -42.97 22.74
CA CYS E 53 -16.45 -42.94 23.42
C CYS E 53 -17.38 -44.08 23.04
N ASN E 54 -17.26 -45.19 23.77
CA ASN E 54 -18.12 -46.34 23.54
C ASN E 54 -19.56 -45.91 23.80
N ILE E 55 -20.48 -46.30 22.92
CA ILE E 55 -21.88 -45.90 23.06
C ILE E 55 -22.71 -46.73 24.02
N PRO E 56 -23.40 -46.06 24.97
CA PRO E 56 -24.26 -46.78 25.93
C PRO E 56 -25.39 -47.48 25.16
N VAL E 57 -25.85 -48.62 25.67
CA VAL E 57 -26.92 -49.35 25.00
C VAL E 57 -28.25 -48.62 25.08
N VAL E 58 -28.52 -48.00 26.21
CA VAL E 58 -29.79 -47.29 26.39
C VAL E 58 -29.89 -45.96 25.65
N SER E 59 -30.85 -45.86 24.73
CA SER E 59 -31.05 -44.62 24.00
C SER E 59 -32.51 -44.15 24.11
N GLY E 60 -32.81 -42.97 23.57
CA GLY E 60 -34.16 -42.43 23.64
C GLY E 60 -34.33 -41.17 22.80
N LYS E 61 -35.46 -40.47 22.93
CA LYS E 61 -35.70 -39.25 22.14
C LYS E 61 -34.84 -38.08 22.60
N GLU E 62 -34.50 -38.06 23.87
CA GLU E 62 -33.65 -37.04 24.47
C GLU E 62 -33.29 -37.51 25.87
N CYS E 63 -32.41 -36.79 26.57
CA CYS E 63 -31.96 -37.22 27.89
C CYS E 63 -33.02 -37.59 28.95
N GLU E 64 -34.16 -36.91 28.92
CA GLU E 64 -35.25 -37.17 29.87
C GLU E 64 -35.80 -38.58 29.70
N GLU E 65 -36.06 -38.97 28.46
CA GLU E 65 -36.57 -40.31 28.19
C GLU E 65 -35.54 -41.36 28.57
N ILE E 66 -34.25 -40.99 28.51
CA ILE E 66 -33.20 -41.93 28.84
C ILE E 66 -33.10 -42.20 30.33
N ILE E 67 -33.20 -41.15 31.14
CA ILE E 67 -33.10 -41.35 32.57
C ILE E 67 -34.32 -42.15 33.02
N ARG E 68 -35.42 -42.01 32.29
CA ARG E 68 -36.61 -42.77 32.65
C ARG E 68 -36.46 -44.22 32.21
N LYS E 69 -35.60 -44.48 31.23
CA LYS E 69 -35.36 -45.84 30.76
C LYS E 69 -34.24 -46.51 31.56
N GLY E 70 -33.71 -45.82 32.55
CA GLY E 70 -32.67 -46.42 33.37
C GLY E 70 -31.28 -45.81 33.22
N GLY E 71 -31.11 -44.91 32.26
CA GLY E 71 -29.81 -44.29 32.10
C GLY E 71 -29.69 -43.32 33.25
N GLU E 72 -28.92 -43.66 34.29
CA GLU E 72 -28.82 -42.75 35.44
C GLU E 72 -27.46 -42.16 35.72
N THR E 73 -26.51 -42.40 34.82
CA THR E 73 -25.17 -41.87 34.98
C THR E 73 -24.94 -40.75 33.96
N SER E 74 -24.31 -39.67 34.39
CA SER E 74 -24.04 -38.56 33.49
C SER E 74 -22.87 -38.86 32.58
N GLU E 75 -23.16 -38.90 31.28
CA GLU E 75 -22.17 -39.19 30.27
C GLU E 75 -22.75 -38.95 28.89
N MET E 76 -22.13 -39.55 27.89
CA MET E 76 -22.59 -39.38 26.52
C MET E 76 -23.61 -40.45 26.13
N TYR E 77 -24.69 -40.02 25.49
CA TYR E 77 -25.71 -40.94 25.02
C TYR E 77 -26.07 -40.60 23.59
N LEU E 78 -26.75 -41.51 22.93
CA LEU E 78 -27.17 -41.32 21.57
C LEU E 78 -28.66 -41.03 21.72
N ILE E 79 -29.16 -39.99 21.08
CA ILE E 79 -30.59 -39.72 21.19
C ILE E 79 -31.12 -39.62 19.79
N GLN E 80 -32.43 -39.76 19.64
CA GLN E 80 -33.05 -39.65 18.33
C GLN E 80 -34.43 -39.04 18.57
N PRO E 81 -34.50 -37.70 18.59
CA PRO E 81 -35.75 -36.99 18.80
C PRO E 81 -36.80 -37.32 17.74
N ASP E 82 -36.36 -37.47 16.50
CA ASP E 82 -37.29 -37.79 15.41
C ASP E 82 -36.71 -38.90 14.54
N SER E 83 -37.57 -39.85 14.16
CA SER E 83 -37.16 -40.96 13.30
C SER E 83 -36.79 -40.44 11.92
N SER E 84 -37.13 -39.19 11.66
CA SER E 84 -36.84 -38.55 10.39
C SER E 84 -35.35 -38.37 10.21
N VAL E 85 -34.63 -38.16 11.32
CA VAL E 85 -33.18 -37.95 11.25
C VAL E 85 -32.36 -39.05 11.92
N LYS E 86 -31.06 -39.05 11.63
CA LYS E 86 -30.14 -40.04 12.19
C LYS E 86 -29.79 -39.68 13.63
N PRO E 87 -29.70 -40.70 14.49
CA PRO E 87 -29.37 -40.59 15.92
C PRO E 87 -28.05 -39.87 16.14
N TYR E 88 -28.02 -38.89 17.04
CA TYR E 88 -26.79 -38.17 17.27
C TYR E 88 -26.30 -38.16 18.72
N ARG E 89 -25.02 -37.87 18.87
CA ARG E 89 -24.39 -37.85 20.19
C ARG E 89 -24.68 -36.55 20.94
N VAL E 90 -24.78 -36.65 22.24
CA VAL E 90 -25.08 -35.49 23.04
C VAL E 90 -24.66 -35.82 24.47
N TYR E 91 -24.47 -34.80 25.31
CA TYR E 91 -24.10 -35.09 26.70
C TYR E 91 -25.32 -34.96 27.58
N CYS E 92 -25.55 -35.95 28.44
CA CYS E 92 -26.70 -35.93 29.35
C CYS E 92 -26.29 -35.70 30.78
N ASP E 93 -26.98 -34.78 31.46
CA ASP E 93 -26.70 -34.51 32.86
C ASP E 93 -27.82 -35.23 33.61
N MET E 94 -27.49 -36.31 34.30
CA MET E 94 -28.50 -37.09 35.02
C MET E 94 -28.54 -36.81 36.53
N ASN E 95 -27.59 -36.00 37.02
CA ASN E 95 -27.47 -35.65 38.44
C ASN E 95 -28.11 -34.34 38.88
N THR E 96 -27.87 -33.26 38.13
CA THR E 96 -28.42 -31.96 38.44
C THR E 96 -29.96 -31.93 38.47
N GLU E 97 -30.51 -31.25 39.46
CA GLU E 97 -31.95 -31.10 39.64
C GLU E 97 -32.82 -32.19 39.04
N ASN E 98 -32.61 -33.41 39.48
CA ASN E 98 -33.39 -34.56 39.02
C ASN E 98 -33.02 -35.23 37.67
N GLY E 99 -32.00 -34.70 37.01
CA GLY E 99 -31.56 -35.30 35.75
C GLY E 99 -32.46 -35.13 34.54
N GLY E 100 -32.09 -35.80 33.45
CA GLY E 100 -32.84 -35.71 32.22
C GLY E 100 -32.53 -34.47 31.41
N TRP E 101 -31.45 -33.78 31.76
CA TRP E 101 -31.05 -32.55 31.07
C TRP E 101 -30.20 -32.84 29.84
N THR E 102 -30.52 -32.19 28.73
CA THR E 102 -29.75 -32.39 27.52
C THR E 102 -28.88 -31.14 27.30
N VAL E 103 -27.57 -31.32 27.45
CA VAL E 103 -26.63 -30.23 27.28
C VAL E 103 -26.58 -29.78 25.83
N ILE E 104 -26.93 -28.51 25.58
CA ILE E 104 -26.91 -27.96 24.22
C ILE E 104 -25.76 -26.95 24.03
N GLN E 105 -25.11 -26.58 25.14
CA GLN E 105 -23.97 -25.65 25.11
C GLN E 105 -23.15 -25.81 26.37
N ASN E 106 -21.82 -25.86 26.22
CA ASN E 106 -20.95 -26.01 27.39
C ASN E 106 -19.57 -25.35 27.24
N ARG E 107 -19.29 -24.39 28.13
CA ARG E 107 -18.01 -23.67 28.16
C ARG E 107 -17.37 -23.97 29.52
N GLN E 108 -16.09 -24.38 29.54
CA GLN E 108 -15.43 -24.71 30.79
C GLN E 108 -13.91 -24.58 30.82
N ASP E 109 -13.27 -24.63 29.66
CA ASP E 109 -11.82 -24.52 29.63
C ASP E 109 -11.20 -23.79 28.44
N GLY E 110 -12.04 -23.23 27.56
CA GLY E 110 -11.51 -22.52 26.40
C GLY E 110 -10.80 -23.44 25.41
N SER E 111 -11.16 -24.71 25.43
CA SER E 111 -10.55 -25.72 24.57
C SER E 111 -11.10 -25.72 23.14
N VAL E 112 -12.21 -25.02 22.93
CA VAL E 112 -12.86 -24.96 21.63
C VAL E 112 -13.10 -23.52 21.19
N ASP E 113 -12.93 -23.26 19.91
CA ASP E 113 -13.14 -21.93 19.32
C ASP E 113 -14.62 -21.69 19.09
N PHE E 114 -15.18 -20.67 19.74
CA PHE E 114 -16.61 -20.39 19.56
C PHE E 114 -16.93 -19.33 18.53
N GLY E 115 -15.89 -18.65 18.05
CA GLY E 115 -16.07 -17.63 17.04
C GLY E 115 -16.16 -18.29 15.68
N ARG E 116 -17.34 -18.77 15.31
CA ARG E 116 -17.52 -19.43 14.03
C ARG E 116 -18.65 -18.80 13.25
N LYS E 117 -18.75 -19.20 12.00
CA LYS E 117 -19.77 -18.66 11.12
C LYS E 117 -21.10 -19.40 11.20
N TRP E 118 -22.06 -18.89 10.45
CA TRP E 118 -23.41 -19.42 10.38
C TRP E 118 -23.54 -20.93 10.25
N ASP E 119 -22.78 -21.52 9.35
CA ASP E 119 -22.85 -22.96 9.12
C ASP E 119 -22.37 -23.82 10.30
N PRO E 120 -21.24 -23.45 10.92
CA PRO E 120 -20.87 -24.33 12.03
C PRO E 120 -21.90 -24.24 13.14
N TYR E 121 -22.48 -23.05 13.32
CA TYR E 121 -23.50 -22.87 14.36
C TYR E 121 -24.79 -23.61 14.00
N LYS E 122 -25.10 -23.70 12.71
CA LYS E 122 -26.27 -24.38 12.24
C LYS E 122 -26.11 -25.88 12.36
N GLN E 123 -24.88 -26.34 12.12
CA GLN E 123 -24.54 -27.77 12.16
C GLN E 123 -24.13 -28.33 13.51
N GLY E 124 -23.54 -27.47 14.35
CA GLY E 124 -23.07 -27.91 15.65
C GLY E 124 -21.57 -28.15 15.57
N PHE E 125 -20.85 -27.85 16.64
CA PHE E 125 -19.39 -28.02 16.66
C PHE E 125 -18.80 -28.26 18.05
N GLY E 126 -17.58 -28.77 18.09
CA GLY E 126 -16.94 -29.01 19.38
C GLY E 126 -16.90 -30.46 19.82
N ASN E 127 -16.55 -30.67 21.07
CA ASN E 127 -16.47 -32.01 21.63
C ASN E 127 -17.64 -32.22 22.58
N VAL E 128 -18.42 -33.27 22.33
CA VAL E 128 -19.57 -33.58 23.16
C VAL E 128 -19.12 -34.21 24.46
N ALA E 129 -18.15 -35.12 24.37
CA ALA E 129 -17.67 -35.78 25.57
C ALA E 129 -16.24 -36.33 25.45
N THR E 130 -15.56 -36.44 26.60
CA THR E 130 -14.21 -36.97 26.66
C THR E 130 -14.13 -38.12 27.68
N ASN E 131 -13.09 -38.94 27.55
CA ASN E 131 -12.89 -40.07 28.45
C ASN E 131 -12.30 -39.60 29.76
N THR E 132 -12.53 -40.38 30.80
CA THR E 132 -12.00 -40.04 32.11
C THR E 132 -11.49 -41.28 32.83
N ASP E 133 -10.41 -41.11 33.59
CA ASP E 133 -9.82 -42.22 34.35
C ASP E 133 -9.68 -43.53 33.59
N GLY E 134 -9.01 -43.48 32.44
CA GLY E 134 -8.84 -44.69 31.65
C GLY E 134 -10.11 -45.47 31.40
N LYS E 135 -11.25 -44.97 31.86
CA LYS E 135 -12.52 -45.66 31.63
C LYS E 135 -12.76 -45.66 30.13
N ASN E 136 -13.52 -46.64 29.66
CA ASN E 136 -13.80 -46.80 28.24
C ASN E 136 -14.95 -45.95 27.70
N TYR E 137 -15.67 -45.30 28.59
CA TYR E 137 -16.78 -44.45 28.16
C TYR E 137 -16.48 -42.99 28.47
N CYS E 138 -17.16 -42.08 27.78
CA CYS E 138 -16.92 -40.68 28.00
C CYS E 138 -17.92 -40.06 28.98
N GLY E 139 -17.52 -40.01 30.25
CA GLY E 139 -18.39 -39.46 31.28
C GLY E 139 -18.24 -37.98 31.56
N LEU E 140 -17.24 -37.36 30.94
CA LEU E 140 -17.01 -35.95 31.12
C LEU E 140 -17.45 -35.17 29.89
N PRO E 141 -18.11 -34.02 30.09
CA PRO E 141 -18.54 -33.24 28.93
C PRO E 141 -17.38 -32.41 28.37
N GLY E 142 -17.45 -32.14 27.07
CA GLY E 142 -16.43 -31.34 26.42
C GLY E 142 -17.09 -30.00 26.16
N GLU E 143 -16.43 -29.14 25.38
CA GLU E 143 -17.00 -27.84 25.04
C GLU E 143 -17.71 -27.94 23.68
N TYR E 144 -18.99 -27.61 23.65
CA TYR E 144 -19.68 -27.68 22.37
C TYR E 144 -20.97 -26.90 22.27
N TRP E 145 -21.38 -26.73 21.02
CA TRP E 145 -22.62 -26.08 20.65
C TRP E 145 -23.31 -27.17 19.84
N LEU E 146 -24.43 -27.69 20.34
CA LEU E 146 -25.13 -28.78 19.66
C LEU E 146 -25.52 -28.52 18.22
N GLY E 147 -25.76 -27.26 17.87
CA GLY E 147 -26.17 -26.92 16.51
C GLY E 147 -27.60 -26.40 16.47
N ASN E 148 -27.80 -25.22 15.87
CA ASN E 148 -29.12 -24.58 15.79
C ASN E 148 -30.25 -25.46 15.26
N ASP E 149 -30.04 -26.19 14.15
CA ASP E 149 -31.11 -27.04 13.63
C ASP E 149 -31.55 -28.06 14.66
N LYS E 150 -30.60 -28.72 15.32
CA LYS E 150 -30.94 -29.72 16.32
C LYS E 150 -31.63 -29.11 17.53
N ILE E 151 -31.07 -28.00 18.03
CA ILE E 151 -31.64 -27.32 19.20
C ILE E 151 -33.07 -26.92 18.91
N SER E 152 -33.27 -26.26 17.79
CA SER E 152 -34.59 -25.81 17.38
C SER E 152 -35.57 -26.98 17.32
N GLN E 153 -35.11 -28.11 16.77
CA GLN E 153 -35.99 -29.26 16.66
C GLN E 153 -36.41 -29.81 18.00
N LEU E 154 -35.49 -29.81 18.96
CA LEU E 154 -35.81 -30.32 20.28
C LEU E 154 -36.82 -29.42 20.95
N THR E 155 -36.55 -28.12 21.00
CA THR E 155 -37.47 -27.19 21.67
C THR E 155 -38.85 -27.18 21.03
N ARG E 156 -38.96 -27.59 19.77
CA ARG E 156 -40.27 -27.58 19.13
C ARG E 156 -41.07 -28.89 19.20
N MET E 157 -40.48 -29.94 19.76
CA MET E 157 -41.22 -31.19 19.89
C MET E 157 -42.38 -30.91 20.82
N GLY E 158 -42.05 -30.45 22.04
CA GLY E 158 -43.05 -30.12 23.04
C GLY E 158 -42.51 -29.09 24.03
N PRO E 159 -43.33 -28.61 25.01
CA PRO E 159 -42.86 -27.62 25.97
C PRO E 159 -41.48 -27.97 26.54
N THR E 160 -40.55 -27.02 26.40
CA THR E 160 -39.16 -27.21 26.81
C THR E 160 -38.63 -26.15 27.79
N GLU E 161 -38.03 -26.59 28.89
CA GLU E 161 -37.46 -25.64 29.84
C GLU E 161 -35.94 -25.59 29.60
N LEU E 162 -35.34 -24.43 29.90
CA LEU E 162 -33.93 -24.22 29.69
C LEU E 162 -33.27 -23.83 30.99
N LEU E 163 -32.12 -24.43 31.29
CA LEU E 163 -31.39 -24.13 32.52
C LEU E 163 -29.98 -23.65 32.16
N ILE E 164 -29.68 -22.39 32.46
CA ILE E 164 -28.37 -21.84 32.17
C ILE E 164 -27.57 -21.72 33.47
N GLU E 165 -26.45 -22.43 33.53
CA GLU E 165 -25.56 -22.41 34.71
C GLU E 165 -24.19 -21.81 34.40
N MET E 166 -23.64 -21.05 35.34
CA MET E 166 -22.33 -20.42 35.17
C MET E 166 -21.57 -20.24 36.48
N GLU E 167 -20.26 -20.17 36.39
CA GLU E 167 -19.37 -20.03 37.53
C GLU E 167 -18.29 -19.01 37.19
N ASP E 168 -17.85 -18.21 38.15
CA ASP E 168 -16.79 -17.25 37.88
C ASP E 168 -15.39 -17.76 38.24
N TRP E 169 -14.40 -16.89 38.20
CA TRP E 169 -13.04 -17.32 38.51
C TRP E 169 -12.67 -17.35 40.00
N LYS E 170 -13.68 -17.25 40.86
CA LYS E 170 -13.46 -17.32 42.30
C LYS E 170 -14.04 -18.64 42.76
N GLY E 171 -14.97 -19.17 41.98
CA GLY E 171 -15.59 -20.44 42.30
C GLY E 171 -17.06 -20.33 42.64
N ASP E 172 -17.57 -19.10 42.67
CA ASP E 172 -18.97 -18.86 42.99
C ASP E 172 -19.87 -19.28 41.85
N LYS E 173 -21.15 -19.45 42.11
CA LYS E 173 -22.09 -19.88 41.08
C LYS E 173 -23.48 -19.28 41.18
N VAL E 174 -24.19 -19.29 40.05
CA VAL E 174 -25.56 -18.79 39.95
C VAL E 174 -26.15 -19.48 38.72
N LYS E 175 -27.45 -19.40 38.53
CA LYS E 175 -28.09 -20.01 37.37
C LYS E 175 -29.33 -19.27 36.95
N ALA E 176 -29.67 -19.36 35.68
CA ALA E 176 -30.86 -18.71 35.14
C ALA E 176 -31.76 -19.79 34.61
N HIS E 177 -33.00 -19.80 35.04
CA HIS E 177 -33.93 -20.82 34.59
C HIS E 177 -35.08 -20.21 33.79
N TYR E 178 -35.41 -20.84 32.67
CA TYR E 178 -36.51 -20.39 31.84
C TYR E 178 -37.42 -21.60 31.63
N GLY E 179 -38.63 -21.50 32.15
CA GLY E 179 -39.59 -22.59 32.06
C GLY E 179 -40.03 -22.90 30.65
N GLY E 180 -39.94 -21.89 29.79
CA GLY E 180 -40.32 -22.05 28.41
C GLY E 180 -39.21 -21.54 27.51
N PHE E 181 -38.83 -22.34 26.52
CA PHE E 181 -37.77 -21.97 25.61
C PHE E 181 -38.03 -22.58 24.25
N THR E 182 -38.01 -21.75 23.22
CA THR E 182 -38.20 -22.26 21.88
C THR E 182 -37.37 -21.50 20.85
N VAL E 183 -36.74 -22.24 19.95
CA VAL E 183 -35.95 -21.65 18.90
C VAL E 183 -36.54 -22.10 17.57
N GLN E 184 -37.00 -21.13 16.78
CA GLN E 184 -37.59 -21.44 15.48
C GLN E 184 -36.54 -21.96 14.48
N ASN E 185 -37.00 -22.52 13.36
CA ASN E 185 -36.11 -23.06 12.34
C ASN E 185 -35.29 -21.99 11.61
N GLU E 186 -34.41 -22.46 10.72
CA GLU E 186 -33.54 -21.55 9.96
C GLU E 186 -34.31 -20.53 9.09
N ALA E 187 -35.46 -20.93 8.57
CA ALA E 187 -36.23 -20.03 7.73
C ALA E 187 -36.59 -18.78 8.53
N ASN E 188 -36.64 -18.95 9.85
CA ASN E 188 -36.97 -17.84 10.74
C ASN E 188 -35.74 -17.33 11.48
N LYS E 189 -34.57 -17.56 10.90
CA LYS E 189 -33.34 -17.12 11.52
C LYS E 189 -33.15 -17.58 12.96
N TYR E 190 -33.66 -18.79 13.27
CA TYR E 190 -33.54 -19.40 14.60
C TYR E 190 -33.99 -18.49 15.73
N GLN E 191 -34.98 -17.64 15.44
CA GLN E 191 -35.51 -16.70 16.41
C GLN E 191 -35.76 -17.35 17.77
N ILE E 192 -35.28 -16.69 18.81
CA ILE E 192 -35.45 -17.22 20.16
C ILE E 192 -36.68 -16.65 20.87
N SER E 193 -37.04 -17.30 21.96
CA SER E 193 -38.18 -16.88 22.77
C SER E 193 -38.05 -17.64 24.07
N VAL E 194 -38.17 -16.93 25.19
CA VAL E 194 -38.07 -17.54 26.53
C VAL E 194 -39.02 -16.88 27.50
N ASN E 195 -39.46 -17.62 28.51
CA ASN E 195 -40.34 -17.07 29.53
C ASN E 195 -40.21 -17.84 30.84
N LYS E 196 -41.06 -17.49 31.80
CA LYS E 196 -41.08 -18.10 33.13
C LYS E 196 -39.70 -18.15 33.81
N TYR E 197 -39.14 -16.98 34.05
CA TYR E 197 -37.83 -16.84 34.69
C TYR E 197 -37.81 -17.10 36.18
N ARG E 198 -36.69 -17.66 36.63
CA ARG E 198 -36.49 -18.02 38.01
C ARG E 198 -35.00 -18.26 38.08
N GLY E 199 -34.30 -17.50 38.89
CA GLY E 199 -32.87 -17.73 38.99
C GLY E 199 -32.17 -16.77 39.92
N THR E 200 -30.86 -16.91 39.99
CA THR E 200 -30.06 -16.06 40.83
C THR E 200 -28.97 -15.43 39.97
N ALA E 201 -29.15 -15.42 38.66
CA ALA E 201 -28.12 -14.85 37.79
C ALA E 201 -28.61 -13.54 37.17
N GLY E 202 -29.92 -13.34 37.16
CA GLY E 202 -30.47 -12.12 36.60
C GLY E 202 -31.12 -12.44 35.28
N ASN E 203 -32.38 -12.05 35.13
CA ASN E 203 -33.12 -12.33 33.92
C ASN E 203 -32.61 -11.54 32.68
N ALA E 204 -31.35 -11.76 32.34
CA ALA E 204 -30.71 -11.10 31.20
C ALA E 204 -31.47 -11.27 29.88
N LEU E 205 -31.74 -12.51 29.51
CA LEU E 205 -32.43 -12.76 28.25
C LEU E 205 -33.72 -11.95 28.09
N MET E 206 -34.51 -11.85 29.16
CA MET E 206 -35.80 -11.14 29.09
C MET E 206 -35.83 -9.65 29.42
N ASP E 207 -35.14 -9.25 30.49
CA ASP E 207 -35.15 -7.86 30.90
C ASP E 207 -33.94 -7.02 30.48
N GLY E 208 -32.92 -7.67 29.91
CA GLY E 208 -31.74 -6.93 29.49
C GLY E 208 -30.78 -6.60 30.62
N ALA E 209 -29.69 -5.90 30.28
CA ALA E 209 -28.68 -5.51 31.26
C ALA E 209 -29.26 -4.80 32.47
N SER E 210 -29.10 -5.40 33.65
CA SER E 210 -29.64 -4.83 34.89
C SER E 210 -29.14 -3.41 35.20
N GLN E 211 -27.88 -3.13 34.90
CA GLN E 211 -27.33 -1.81 35.18
C GLN E 211 -27.58 -0.82 34.04
N LEU E 212 -28.79 -0.82 33.50
CA LEU E 212 -29.15 0.08 32.41
C LEU E 212 -30.54 0.65 32.63
N MET E 213 -30.89 1.68 31.85
CA MET E 213 -32.17 2.35 31.96
C MET E 213 -32.82 2.62 30.60
N GLY E 214 -34.15 2.56 30.57
CA GLY E 214 -34.89 2.81 29.34
C GLY E 214 -34.35 2.15 28.09
N GLU E 215 -34.57 2.80 26.95
CA GLU E 215 -34.14 2.28 25.67
C GLU E 215 -32.75 1.64 25.69
N ASN E 216 -31.89 2.09 26.60
CA ASN E 216 -30.56 1.50 26.70
C ASN E 216 -30.68 0.05 27.16
N ARG E 217 -31.38 -0.15 28.28
CA ARG E 217 -31.59 -1.51 28.81
C ARG E 217 -32.39 -2.34 27.83
N THR E 218 -33.59 -1.88 27.50
CA THR E 218 -34.45 -2.62 26.58
C THR E 218 -33.81 -3.01 25.24
N MET E 219 -32.79 -2.28 24.79
CA MET E 219 -32.16 -2.67 23.53
C MET E 219 -31.14 -3.82 23.71
N THR E 220 -31.01 -4.31 24.93
CA THR E 220 -30.10 -5.42 25.20
C THR E 220 -30.88 -6.70 25.52
N ILE E 221 -32.20 -6.65 25.37
CA ILE E 221 -33.03 -7.83 25.61
C ILE E 221 -32.77 -8.84 24.49
N HIS E 222 -32.50 -10.10 24.86
CA HIS E 222 -32.22 -11.15 23.87
C HIS E 222 -33.48 -11.88 23.44
N ASN E 223 -34.53 -11.78 24.23
CA ASN E 223 -35.77 -12.46 23.92
C ASN E 223 -36.43 -11.89 22.66
N GLY E 224 -36.70 -12.77 21.70
CA GLY E 224 -37.33 -12.35 20.46
C GLY E 224 -36.36 -11.98 19.38
N MET E 225 -35.08 -11.93 19.72
CA MET E 225 -34.02 -11.59 18.79
C MET E 225 -33.68 -12.71 17.83
N PHE E 226 -33.01 -12.38 16.74
CA PHE E 226 -32.61 -13.39 15.75
C PHE E 226 -31.15 -13.79 15.97
N PHE E 227 -30.79 -14.96 15.47
CA PHE E 227 -29.42 -15.46 15.61
C PHE E 227 -28.46 -14.78 14.60
N SER E 228 -27.24 -14.47 15.06
CA SER E 228 -26.26 -13.82 14.20
C SER E 228 -24.84 -14.32 14.41
N THR E 229 -24.11 -14.46 13.32
CA THR E 229 -22.72 -14.88 13.34
C THR E 229 -21.98 -13.74 12.66
N TYR E 230 -20.67 -13.64 12.84
CA TYR E 230 -19.94 -12.54 12.23
C TYR E 230 -20.06 -12.49 10.70
N ASP E 231 -20.55 -13.58 10.11
CA ASP E 231 -20.73 -13.61 8.67
C ASP E 231 -22.23 -13.58 8.30
N ARG E 232 -23.09 -13.20 9.25
CA ARG E 232 -24.52 -13.13 8.98
C ARG E 232 -25.27 -12.18 9.89
N ASP E 233 -25.38 -10.92 9.45
CA ASP E 233 -26.06 -9.86 10.20
C ASP E 233 -27.57 -10.05 10.29
N ASN E 234 -28.07 -10.26 11.49
CA ASN E 234 -29.48 -10.43 11.74
C ASN E 234 -29.76 -9.79 13.09
N ASP E 235 -28.89 -8.86 13.48
CA ASP E 235 -29.02 -8.20 14.76
C ASP E 235 -30.00 -7.04 14.77
N GLY E 236 -30.10 -6.40 15.92
CA GLY E 236 -31.00 -5.27 16.11
C GLY E 236 -30.60 -3.96 15.44
N TRP E 237 -29.35 -3.83 15.03
CA TRP E 237 -28.91 -2.60 14.36
C TRP E 237 -29.33 -2.63 12.91
N LEU E 238 -30.44 -1.96 12.63
CA LEU E 238 -30.99 -1.87 11.29
C LEU E 238 -30.19 -0.89 10.47
N THR E 239 -29.19 -0.29 11.10
CA THR E 239 -28.32 0.69 10.44
C THR E 239 -27.61 0.06 9.24
N SER E 240 -26.72 0.85 8.64
CA SER E 240 -25.97 0.37 7.48
C SER E 240 -24.48 0.62 7.72
N ASP E 241 -24.12 0.80 8.99
CA ASP E 241 -22.74 1.03 9.38
C ASP E 241 -22.06 -0.31 9.69
N PRO E 242 -21.36 -0.89 8.69
CA PRO E 242 -20.67 -2.17 8.86
C PRO E 242 -19.70 -2.28 10.03
N ARG E 243 -19.74 -1.31 10.93
CA ARG E 243 -18.88 -1.33 12.11
C ARG E 243 -19.75 -1.24 13.37
N LYS E 244 -21.06 -1.25 13.16
CA LYS E 244 -22.00 -1.20 14.28
C LYS E 244 -22.44 -2.65 14.58
N GLN E 245 -21.96 -3.58 13.76
CA GLN E 245 -22.29 -4.99 13.90
C GLN E 245 -21.98 -5.60 15.26
N CYS E 246 -22.97 -6.31 15.81
CA CYS E 246 -22.85 -6.94 17.11
C CYS E 246 -21.82 -8.07 17.11
N SER E 247 -21.81 -8.88 16.06
CA SER E 247 -20.86 -9.97 15.98
C SER E 247 -19.87 -9.76 14.85
N LYS E 248 -18.62 -9.48 15.21
CA LYS E 248 -17.58 -9.29 14.22
C LYS E 248 -16.53 -10.40 14.34
N GLU E 249 -15.42 -10.24 13.63
CA GLU E 249 -14.33 -11.21 13.63
C GLU E 249 -14.12 -11.97 14.94
N ASP E 250 -14.29 -13.29 14.88
CA ASP E 250 -14.10 -14.18 16.04
C ASP E 250 -15.14 -14.10 17.16
N GLY E 251 -16.24 -13.41 16.91
CA GLY E 251 -17.27 -13.29 17.91
C GLY E 251 -18.16 -14.50 17.84
N GLY E 252 -18.91 -14.78 18.91
CA GLY E 252 -19.77 -15.94 18.88
C GLY E 252 -21.14 -15.72 18.28
N GLY E 253 -21.78 -16.82 17.88
CA GLY E 253 -23.11 -16.74 17.34
C GLY E 253 -24.04 -16.62 18.53
N TRP E 254 -24.94 -15.63 18.51
CA TRP E 254 -25.85 -15.48 19.62
C TRP E 254 -27.08 -14.69 19.17
N TRP E 255 -28.10 -14.64 20.02
CA TRP E 255 -29.32 -13.90 19.68
C TRP E 255 -29.10 -12.46 20.13
N TYR E 256 -28.18 -11.77 19.45
CA TYR E 256 -27.83 -10.38 19.74
C TYR E 256 -28.94 -9.41 19.34
N ASN E 257 -29.06 -8.31 20.10
CA ASN E 257 -30.05 -7.25 19.83
C ASN E 257 -29.24 -6.01 19.44
N ARG E 258 -29.06 -5.07 20.38
CA ARG E 258 -28.28 -3.85 20.13
C ARG E 258 -27.46 -3.42 21.36
N CYS E 259 -26.55 -4.25 21.85
CA CYS E 259 -26.25 -5.55 21.27
C CYS E 259 -26.47 -6.72 22.22
N HIS E 260 -26.08 -6.58 23.49
CA HIS E 260 -26.24 -7.67 24.43
C HIS E 260 -26.25 -7.36 25.92
N ALA E 261 -26.77 -8.31 26.67
CA ALA E 261 -26.84 -8.26 28.13
C ALA E 261 -26.04 -9.49 28.58
N ALA E 262 -26.03 -10.51 27.71
CA ALA E 262 -25.33 -11.75 28.00
C ALA E 262 -24.89 -12.47 26.73
N ASN E 263 -23.79 -13.23 26.81
CA ASN E 263 -23.32 -13.98 25.66
C ASN E 263 -22.54 -15.25 26.00
N PRO E 264 -23.27 -16.36 26.26
CA PRO E 264 -22.64 -17.63 26.61
C PRO E 264 -21.62 -18.11 25.58
N ASN E 265 -21.69 -17.57 24.37
CA ASN E 265 -20.79 -18.01 23.33
C ASN E 265 -19.62 -17.07 23.00
N GLY E 266 -19.31 -16.15 23.90
CA GLY E 266 -18.21 -15.24 23.66
C GLY E 266 -16.82 -15.89 23.69
N ARG E 267 -15.78 -15.06 23.60
CA ARG E 267 -14.42 -15.55 23.63
C ARG E 267 -14.02 -15.90 25.06
N TYR E 268 -13.30 -17.00 25.23
CA TYR E 268 -12.87 -17.45 26.55
C TYR E 268 -11.64 -16.73 27.10
N TYR E 269 -11.83 -15.56 27.70
CA TYR E 269 -10.73 -14.83 28.30
C TYR E 269 -10.33 -15.51 29.61
N TRP E 270 -9.05 -15.85 29.75
CA TRP E 270 -8.59 -16.50 30.97
C TRP E 270 -8.52 -15.52 32.17
N GLY E 271 -8.96 -15.95 33.34
CA GLY E 271 -8.88 -15.08 34.50
C GLY E 271 -10.10 -14.27 34.91
N GLY E 272 -11.07 -14.07 34.02
CA GLY E 272 -12.25 -13.30 34.38
C GLY E 272 -12.33 -11.92 33.77
N GLN E 273 -11.68 -10.95 34.40
CA GLN E 273 -11.70 -9.60 33.88
C GLN E 273 -10.82 -9.42 32.65
N TYR E 274 -11.26 -8.56 31.75
CA TYR E 274 -10.53 -8.20 30.56
C TYR E 274 -10.98 -6.78 30.23
N THR E 275 -10.16 -6.05 29.48
CA THR E 275 -10.48 -4.67 29.15
C THR E 275 -10.54 -4.43 27.66
N TRP E 276 -10.85 -3.19 27.31
CA TRP E 276 -10.96 -2.82 25.90
C TRP E 276 -9.68 -2.95 25.10
N ASP E 277 -8.54 -2.76 25.73
CA ASP E 277 -7.28 -2.86 25.00
C ASP E 277 -6.70 -4.28 24.92
N MET E 278 -7.54 -5.27 25.21
CA MET E 278 -7.17 -6.67 25.12
C MET E 278 -8.06 -7.31 24.06
N ALA E 279 -9.25 -6.75 23.89
CA ALA E 279 -10.23 -7.25 22.94
C ALA E 279 -9.85 -6.95 21.48
N LYS E 280 -9.98 -7.96 20.62
CA LYS E 280 -9.65 -7.82 19.20
C LYS E 280 -10.27 -6.60 18.51
N HIS E 281 -11.49 -6.25 18.89
CA HIS E 281 -12.19 -5.11 18.31
C HIS E 281 -12.50 -4.11 19.41
N GLY E 282 -11.85 -4.26 20.55
CA GLY E 282 -12.09 -3.35 21.65
C GLY E 282 -13.53 -3.35 22.13
N THR E 283 -14.21 -4.47 21.90
CA THR E 283 -15.61 -4.61 22.32
C THR E 283 -15.77 -5.69 23.39
N ASP E 284 -16.94 -5.66 24.03
CA ASP E 284 -17.31 -6.57 25.11
C ASP E 284 -17.66 -8.00 24.67
N ASP E 285 -16.80 -8.63 23.87
CA ASP E 285 -17.07 -10.01 23.47
C ASP E 285 -16.66 -10.85 24.67
N GLY E 286 -16.82 -12.16 24.62
CA GLY E 286 -16.43 -12.93 25.80
C GLY E 286 -17.63 -13.44 26.58
N VAL E 287 -17.41 -14.52 27.34
CA VAL E 287 -18.45 -15.16 28.11
C VAL E 287 -18.98 -14.26 29.20
N VAL E 288 -19.98 -13.47 28.82
CA VAL E 288 -20.58 -12.48 29.67
C VAL E 288 -22.02 -12.77 30.09
N TRP E 289 -22.39 -12.19 31.22
CA TRP E 289 -23.74 -12.25 31.79
C TRP E 289 -23.70 -11.02 32.70
N MET E 290 -23.96 -9.86 32.12
CA MET E 290 -23.91 -8.59 32.83
C MET E 290 -24.71 -8.46 34.11
N ASN E 291 -25.87 -9.10 34.16
CA ASN E 291 -26.71 -9.02 35.34
C ASN E 291 -26.05 -9.59 36.60
N TRP E 292 -24.94 -10.30 36.44
CA TRP E 292 -24.26 -10.88 37.60
C TRP E 292 -22.91 -10.22 37.86
N LYS E 293 -22.02 -10.29 36.87
CA LYS E 293 -20.68 -9.70 37.00
C LYS E 293 -20.51 -8.44 36.16
N GLY E 294 -21.58 -8.02 35.49
CA GLY E 294 -21.52 -6.84 34.66
C GLY E 294 -20.80 -7.11 33.34
N SER E 295 -20.39 -6.06 32.66
CA SER E 295 -19.68 -6.23 31.40
C SER E 295 -18.18 -6.38 31.68
N TRP E 296 -17.43 -6.80 30.67
CA TRP E 296 -15.99 -6.98 30.79
C TRP E 296 -15.50 -8.04 31.77
N TYR E 297 -16.32 -9.05 32.01
CA TYR E 297 -15.95 -10.15 32.87
C TYR E 297 -16.38 -11.43 32.16
N SER E 298 -15.41 -12.28 31.85
CA SER E 298 -15.66 -13.53 31.13
C SER E 298 -15.71 -14.73 32.08
N MET E 299 -16.88 -15.38 32.14
CA MET E 299 -17.13 -16.55 33.00
C MET E 299 -16.13 -17.71 32.86
N ARG E 300 -15.99 -18.51 33.92
CA ARG E 300 -15.09 -19.65 33.87
C ARG E 300 -15.85 -20.91 33.49
N LYS E 301 -17.12 -20.96 33.86
CA LYS E 301 -18.01 -22.06 33.52
C LYS E 301 -19.28 -21.42 32.97
N MET E 302 -19.84 -22.03 31.93
CA MET E 302 -21.07 -21.54 31.30
C MET E 302 -21.72 -22.73 30.58
N SER E 303 -22.97 -23.04 30.93
CA SER E 303 -23.65 -24.16 30.28
C SER E 303 -25.13 -23.85 30.04
N MET E 304 -25.71 -24.55 29.07
CA MET E 304 -27.09 -24.39 28.69
C MET E 304 -27.71 -25.79 28.54
N LYS E 305 -28.79 -26.06 29.26
CA LYS E 305 -29.43 -27.37 29.20
C LYS E 305 -30.92 -27.24 28.99
N ILE E 306 -31.53 -28.28 28.42
CA ILE E 306 -32.97 -28.26 28.19
C ILE E 306 -33.59 -29.60 28.55
N ARG E 307 -34.88 -29.59 28.84
CA ARG E 307 -35.60 -30.80 29.24
C ARG E 307 -37.07 -30.62 28.94
N PRO E 308 -37.78 -31.73 28.70
CA PRO E 308 -39.22 -31.59 28.42
C PRO E 308 -39.83 -30.99 29.68
N PHE E 309 -40.80 -30.11 29.50
CA PHE E 309 -41.42 -29.45 30.65
C PHE E 309 -42.73 -30.03 31.17
N PHE E 310 -42.64 -31.04 32.03
CA PHE E 310 -43.82 -31.65 32.63
C PHE E 310 -44.27 -30.67 33.72
N PRO E 311 -45.42 -30.00 33.53
CA PRO E 311 -45.94 -29.03 34.50
C PRO E 311 -45.94 -29.52 35.96
N TYR F 1 34.04 18.61 26.10
CA TYR F 1 33.71 17.63 25.02
C TYR F 1 32.33 17.03 25.25
N GLU F 2 31.45 17.18 24.26
CA GLU F 2 30.08 16.67 24.35
C GLU F 2 29.84 15.50 23.40
N ALA F 3 29.85 14.29 23.94
CA ALA F 3 29.65 13.06 23.17
C ALA F 3 28.16 12.75 22.93
N SER F 4 27.57 13.44 21.96
CA SER F 4 26.17 13.23 21.61
C SER F 4 25.82 13.86 20.26
N ILE F 5 24.59 14.37 20.14
CA ILE F 5 24.06 14.99 18.92
C ILE F 5 24.35 14.25 17.61
N LEU F 6 25.63 13.99 17.30
CA LEU F 6 25.96 13.25 16.08
C LEU F 6 25.41 11.83 16.25
N THR F 7 25.20 11.47 17.51
CA THR F 7 24.66 10.16 17.89
C THR F 7 23.15 10.14 17.59
N HIS F 8 22.46 11.21 17.97
CA HIS F 8 21.03 11.34 17.76
C HIS F 8 20.60 10.98 16.33
N ASP F 9 21.48 11.26 15.36
CA ASP F 9 21.18 10.98 13.96
C ASP F 9 20.99 9.49 13.66
N SER F 10 21.93 8.67 14.11
CA SER F 10 21.86 7.23 13.88
C SER F 10 20.90 6.51 14.84
N SER F 11 20.71 7.07 16.02
CA SER F 11 19.80 6.48 17.00
C SER F 11 18.36 6.55 16.52
N ILE F 12 18.06 7.59 15.74
CA ILE F 12 16.73 7.79 15.18
C ILE F 12 16.59 6.91 13.94
N ARG F 13 17.65 6.82 13.16
CA ARG F 13 17.68 6.00 11.95
C ARG F 13 17.56 4.53 12.35
N TYR F 14 17.79 4.27 13.64
CA TYR F 14 17.73 2.92 14.19
C TYR F 14 16.35 2.57 14.75
N LEU F 15 15.81 3.42 15.62
CA LEU F 15 14.50 3.16 16.22
C LEU F 15 13.41 2.93 15.17
N GLN F 16 13.45 3.67 14.07
CA GLN F 16 12.47 3.52 13.01
C GLN F 16 12.93 2.44 12.02
N GLU F 17 14.07 1.83 12.32
CA GLU F 17 14.64 0.77 11.48
C GLU F 17 14.14 -0.58 12.02
N ILE F 18 14.11 -0.68 13.35
CA ILE F 18 13.64 -1.89 14.01
C ILE F 18 12.14 -1.82 14.17
N TYR F 19 11.62 -0.60 14.28
CA TYR F 19 10.19 -0.39 14.42
C TYR F 19 9.50 -1.02 13.21
N ASN F 20 10.07 -0.78 12.03
CA ASN F 20 9.52 -1.31 10.77
C ASN F 20 9.59 -2.83 10.75
N SER F 21 10.65 -3.39 11.34
CA SER F 21 10.80 -4.85 11.38
C SER F 21 9.75 -5.41 12.34
N ASN F 22 9.59 -4.77 13.49
CA ASN F 22 8.61 -5.20 14.47
C ASN F 22 7.24 -5.27 13.80
N ASN F 23 6.84 -4.15 13.21
CA ASN F 23 5.55 -4.05 12.54
C ASN F 23 5.45 -5.00 11.34
N GLN F 24 6.58 -5.31 10.71
CA GLN F 24 6.59 -6.25 9.59
C GLN F 24 6.41 -7.66 10.13
N LYS F 25 7.16 -7.97 11.18
CA LYS F 25 7.11 -9.28 11.84
C LYS F 25 5.73 -9.52 12.43
N ILE F 26 5.13 -8.45 12.95
CA ILE F 26 3.79 -8.52 13.52
C ILE F 26 2.81 -8.90 12.42
N VAL F 27 2.97 -8.29 11.25
CA VAL F 27 2.09 -8.58 10.12
C VAL F 27 2.23 -10.04 9.70
N ASN F 28 3.47 -10.52 9.63
CA ASN F 28 3.74 -11.90 9.23
C ASN F 28 3.32 -12.92 10.29
N LEU F 29 3.35 -12.50 11.56
CA LEU F 29 2.97 -13.37 12.67
C LEU F 29 1.46 -13.51 12.74
N LYS F 30 0.76 -12.41 12.44
CA LYS F 30 -0.69 -12.42 12.44
C LYS F 30 -1.20 -13.37 11.37
N GLU F 31 -0.44 -13.53 10.30
CA GLU F 31 -0.82 -14.44 9.23
C GLU F 31 -0.52 -15.85 9.68
N LYS F 32 0.46 -15.97 10.57
CA LYS F 32 0.85 -17.27 11.10
C LYS F 32 -0.30 -17.72 12.00
N VAL F 33 -0.74 -16.83 12.88
CA VAL F 33 -1.84 -17.09 13.80
C VAL F 33 -3.12 -17.60 13.11
N ALA F 34 -3.38 -17.12 11.89
CA ALA F 34 -4.57 -17.53 11.16
C ALA F 34 -4.49 -18.98 10.73
N GLN F 35 -3.35 -19.40 10.19
CA GLN F 35 -3.19 -20.78 9.77
C GLN F 35 -3.29 -21.75 10.95
N LEU F 36 -2.80 -21.31 12.10
CA LEU F 36 -2.87 -22.14 13.30
C LEU F 36 -4.34 -22.30 13.66
N ALA F 37 -5.09 -21.21 13.52
CA ALA F 37 -6.51 -21.22 13.82
C ALA F 37 -7.26 -22.19 12.91
N ALA F 38 -6.90 -22.23 11.63
CA ALA F 38 -7.55 -23.14 10.69
C ALA F 38 -7.27 -24.60 11.03
N GLN F 39 -6.10 -24.87 11.61
CA GLN F 39 -5.69 -26.22 12.01
C GLN F 39 -6.33 -26.69 13.33
N CYS F 40 -7.01 -25.77 14.04
CA CYS F 40 -7.66 -26.07 15.31
C CYS F 40 -9.19 -25.85 15.32
N GLN F 41 -9.90 -26.33 14.29
CA GLN F 41 -11.36 -26.14 14.23
C GLN F 41 -12.11 -27.46 14.38
N GLU F 42 -11.49 -28.54 13.91
CA GLU F 42 -12.05 -29.87 14.00
C GLU F 42 -12.13 -30.30 15.45
N PRO F 43 -12.85 -31.40 15.74
CA PRO F 43 -13.00 -31.92 17.10
C PRO F 43 -12.07 -33.12 17.25
N CYS F 44 -11.86 -33.59 18.48
CA CYS F 44 -11.01 -34.75 18.68
C CYS F 44 -11.60 -35.89 17.88
N LYS F 45 -10.74 -36.76 17.34
CA LYS F 45 -11.17 -37.89 16.54
C LYS F 45 -11.61 -39.06 17.43
N ASP F 46 -12.89 -39.39 17.38
CA ASP F 46 -13.41 -40.50 18.18
C ASP F 46 -12.99 -41.79 17.48
N THR F 47 -12.48 -42.75 18.25
CA THR F 47 -12.07 -44.02 17.66
C THR F 47 -13.28 -44.88 17.31
N VAL F 48 -14.34 -44.79 18.11
CA VAL F 48 -15.51 -45.63 17.85
C VAL F 48 -16.37 -44.99 16.75
N GLN F 49 -16.71 -45.79 15.74
CA GLN F 49 -17.53 -45.31 14.62
C GLN F 49 -18.70 -46.24 14.36
N ILE F 50 -19.79 -45.68 13.82
CA ILE F 50 -20.95 -46.49 13.51
C ILE F 50 -21.01 -46.55 11.98
N HIS F 51 -20.99 -47.77 11.44
CA HIS F 51 -21.05 -47.98 10.00
C HIS F 51 -22.37 -47.48 9.40
N ASP F 52 -22.36 -47.24 8.09
CA ASP F 52 -23.53 -46.75 7.38
C ASP F 52 -24.56 -47.80 6.98
N ILE F 53 -24.13 -49.03 6.72
CA ILE F 53 -25.06 -50.10 6.32
C ILE F 53 -26.07 -50.49 7.39
N THR F 54 -27.34 -50.64 7.00
CA THR F 54 -28.39 -51.08 7.93
C THR F 54 -29.34 -52.12 7.33
N GLY F 55 -30.18 -52.68 8.19
CA GLY F 55 -31.13 -53.68 7.77
C GLY F 55 -31.96 -54.18 8.94
N LYS F 56 -32.80 -55.19 8.68
CA LYS F 56 -33.66 -55.75 9.72
C LYS F 56 -32.82 -56.33 10.83
N ASP F 57 -31.70 -56.97 10.47
CA ASP F 57 -30.81 -57.54 11.48
C ASP F 57 -29.38 -57.65 10.99
N CYS F 58 -28.50 -58.16 11.84
CA CYS F 58 -27.09 -58.29 11.44
C CYS F 58 -26.84 -59.19 10.22
N GLN F 59 -27.61 -60.26 10.08
CA GLN F 59 -27.47 -61.15 8.94
C GLN F 59 -27.84 -60.38 7.69
N ASP F 60 -28.92 -59.62 7.78
CA ASP F 60 -29.36 -58.81 6.67
C ASP F 60 -28.27 -57.81 6.32
N ILE F 61 -27.60 -57.28 7.35
CA ILE F 61 -26.53 -56.32 7.16
C ILE F 61 -25.28 -56.97 6.52
N ALA F 62 -24.98 -58.20 6.93
CA ALA F 62 -23.84 -58.91 6.34
C ALA F 62 -24.16 -59.10 4.86
N ASN F 63 -25.29 -59.75 4.57
CA ASN F 63 -25.72 -59.99 3.19
C ASN F 63 -25.61 -58.75 2.31
N LYS F 64 -26.02 -57.62 2.87
CA LYS F 64 -25.97 -56.35 2.14
C LYS F 64 -24.53 -56.08 1.68
N GLY F 65 -23.57 -56.77 2.32
CA GLY F 65 -22.18 -56.60 1.95
C GLY F 65 -21.21 -56.24 3.07
N ALA F 66 -21.74 -55.93 4.26
CA ALA F 66 -20.89 -55.60 5.42
C ALA F 66 -19.86 -56.70 5.67
N LYS F 67 -18.59 -56.32 5.74
CA LYS F 67 -17.55 -57.32 5.93
C LYS F 67 -16.74 -57.13 7.19
N GLN F 68 -17.32 -56.50 8.21
CA GLN F 68 -16.58 -56.26 9.44
C GLN F 68 -17.41 -56.13 10.71
N SER F 69 -16.93 -56.74 11.79
CA SER F 69 -17.62 -56.69 13.06
C SER F 69 -17.54 -55.27 13.60
N GLY F 70 -18.61 -54.81 14.23
CA GLY F 70 -18.63 -53.46 14.76
C GLY F 70 -20.05 -53.03 15.01
N LEU F 71 -20.22 -51.76 15.38
CA LEU F 71 -21.54 -51.20 15.70
C LEU F 71 -22.33 -50.81 14.46
N TYR F 72 -23.59 -51.24 14.43
CA TYR F 72 -24.47 -50.93 13.30
C TYR F 72 -25.87 -50.60 13.80
N PHE F 73 -26.63 -49.93 12.95
CA PHE F 73 -28.00 -49.61 13.28
C PHE F 73 -28.92 -50.60 12.58
N ILE F 74 -29.83 -51.23 13.31
CA ILE F 74 -30.79 -52.13 12.68
C ILE F 74 -32.19 -51.66 13.05
N LYS F 75 -33.16 -52.16 12.33
CA LYS F 75 -34.54 -51.81 12.58
C LYS F 75 -35.38 -52.98 12.11
N PRO F 76 -35.76 -53.88 13.03
CA PRO F 76 -36.56 -55.05 12.66
C PRO F 76 -37.83 -54.61 11.96
N LEU F 77 -38.42 -55.52 11.18
CA LEU F 77 -39.65 -55.24 10.45
C LEU F 77 -40.71 -54.49 11.25
N LYS F 78 -40.99 -54.97 12.46
CA LYS F 78 -42.00 -54.33 13.28
C LYS F 78 -41.51 -53.41 14.39
N ALA F 79 -40.33 -52.84 14.23
CA ALA F 79 -39.79 -51.93 15.25
C ALA F 79 -40.22 -50.49 14.95
N ASN F 80 -40.42 -49.68 15.99
CA ASN F 80 -40.84 -48.29 15.80
C ASN F 80 -39.67 -47.45 15.30
N GLN F 81 -38.58 -47.50 16.03
CA GLN F 81 -37.40 -46.74 15.69
C GLN F 81 -36.26 -47.72 15.48
N GLN F 82 -35.11 -47.22 15.06
CA GLN F 82 -33.94 -48.06 14.86
C GLN F 82 -33.12 -48.05 16.15
N PHE F 83 -32.22 -49.01 16.31
CA PHE F 83 -31.40 -49.02 17.51
C PHE F 83 -30.02 -49.59 17.19
N LEU F 84 -29.03 -49.20 17.97
CA LEU F 84 -27.67 -49.64 17.75
C LEU F 84 -27.38 -51.02 18.34
N VAL F 85 -26.71 -51.86 17.55
CA VAL F 85 -26.34 -53.21 18.01
C VAL F 85 -24.89 -53.47 17.66
N TYR F 86 -24.37 -54.59 18.13
CA TYR F 86 -23.00 -54.99 17.81
C TYR F 86 -23.14 -56.22 16.93
N CYS F 87 -22.67 -56.13 15.69
CA CYS F 87 -22.76 -57.27 14.77
C CYS F 87 -21.42 -57.99 14.64
N GLU F 88 -21.45 -59.32 14.69
CA GLU F 88 -20.23 -60.10 14.52
C GLU F 88 -20.34 -60.65 13.10
N ILE F 89 -19.37 -60.33 12.25
CA ILE F 89 -19.43 -60.80 10.88
C ILE F 89 -18.17 -61.59 10.53
N ASP F 90 -18.34 -62.88 10.25
CA ASP F 90 -17.19 -63.72 9.92
C ASP F 90 -16.84 -63.74 8.43
N GLY F 91 -15.88 -64.60 8.07
CA GLY F 91 -15.43 -64.69 6.68
C GLY F 91 -16.41 -65.42 5.78
N SER F 92 -17.36 -66.10 6.39
CA SER F 92 -18.36 -66.86 5.65
C SER F 92 -19.67 -66.08 5.53
N GLY F 93 -19.56 -64.76 5.68
CA GLY F 93 -20.73 -63.91 5.56
C GLY F 93 -21.93 -64.17 6.46
N ASN F 94 -21.67 -64.63 7.69
CA ASN F 94 -22.73 -64.88 8.66
C ASN F 94 -22.76 -63.63 9.51
N GLY F 95 -23.95 -63.13 9.81
CA GLY F 95 -24.06 -61.94 10.63
C GLY F 95 -24.75 -62.18 11.95
N TRP F 96 -23.99 -62.37 13.02
CA TRP F 96 -24.58 -62.58 14.35
C TRP F 96 -24.85 -61.22 15.00
N THR F 97 -26.02 -61.09 15.62
CA THR F 97 -26.36 -59.85 16.32
C THR F 97 -26.32 -60.27 17.78
N VAL F 98 -25.31 -59.74 18.48
CA VAL F 98 -25.06 -60.06 19.89
C VAL F 98 -25.93 -59.31 20.87
N PHE F 99 -26.54 -60.02 21.82
CA PHE F 99 -27.38 -59.33 22.81
C PHE F 99 -26.88 -59.39 24.27
N GLN F 100 -25.84 -60.17 24.53
CA GLN F 100 -25.29 -60.25 25.88
C GLN F 100 -23.79 -60.53 25.84
N LYS F 101 -23.03 -59.84 26.68
CA LYS F 101 -21.59 -60.03 26.73
C LYS F 101 -21.00 -59.73 28.11
N ARG F 102 -20.14 -60.62 28.57
CA ARG F 102 -19.46 -60.49 29.87
C ARG F 102 -18.01 -60.82 29.59
N LEU F 103 -17.09 -60.07 30.19
CA LEU F 103 -15.67 -60.36 29.96
C LEU F 103 -14.67 -59.80 30.97
N ASP F 104 -15.02 -58.73 31.67
CA ASP F 104 -14.10 -58.16 32.66
C ASP F 104 -14.75 -57.90 34.01
N GLY F 105 -16.08 -57.81 34.03
CA GLY F 105 -16.80 -57.56 35.26
C GLY F 105 -17.00 -56.09 35.59
N SER F 106 -16.86 -55.21 34.59
CA SER F 106 -17.02 -53.77 34.80
C SER F 106 -18.46 -53.29 34.93
N VAL F 107 -19.39 -54.00 34.30
CA VAL F 107 -20.79 -53.61 34.37
C VAL F 107 -21.55 -54.42 35.42
N ASP F 108 -22.42 -53.74 36.14
CA ASP F 108 -23.22 -54.38 37.17
C ASP F 108 -24.52 -54.91 36.59
N PHE F 109 -24.77 -56.21 36.75
CA PHE F 109 -25.99 -56.80 36.20
C PHE F 109 -27.16 -56.95 37.16
N LYS F 110 -27.08 -56.29 38.32
CA LYS F 110 -28.17 -56.32 39.28
C LYS F 110 -29.03 -55.11 38.96
N LYS F 111 -29.65 -55.12 37.77
CA LYS F 111 -30.48 -54.02 37.32
C LYS F 111 -31.97 -54.39 37.40
N ASN F 112 -32.84 -53.38 37.38
CA ASN F 112 -34.27 -53.64 37.47
C ASN F 112 -34.92 -54.12 36.17
N TRP F 113 -36.24 -54.15 36.16
CA TRP F 113 -37.02 -54.58 35.01
C TRP F 113 -36.91 -53.64 33.82
N ILE F 114 -37.23 -52.37 34.05
CA ILE F 114 -37.16 -51.38 32.99
C ILE F 114 -35.79 -51.34 32.33
N GLN F 115 -34.73 -51.51 33.12
CA GLN F 115 -33.38 -51.50 32.58
C GLN F 115 -33.10 -52.75 31.77
N TYR F 116 -33.65 -53.88 32.20
CA TYR F 116 -33.45 -55.13 31.46
C TYR F 116 -34.30 -55.10 30.18
N LYS F 117 -35.36 -54.30 30.21
CA LYS F 117 -36.23 -54.16 29.05
C LYS F 117 -35.58 -53.20 28.04
N GLU F 118 -35.02 -52.11 28.54
CA GLU F 118 -34.39 -51.11 27.69
C GLU F 118 -32.91 -51.39 27.35
N GLY F 119 -32.25 -52.20 28.18
CA GLY F 119 -30.86 -52.52 27.93
C GLY F 119 -29.91 -51.60 28.69
N PHE F 120 -28.72 -52.12 29.01
CA PHE F 120 -27.72 -51.36 29.76
C PHE F 120 -26.31 -51.84 29.41
N GLY F 121 -25.31 -51.04 29.79
CA GLY F 121 -23.92 -51.37 29.49
C GLY F 121 -23.48 -50.56 28.28
N HIS F 122 -22.33 -50.91 27.70
CA HIS F 122 -21.84 -50.16 26.54
C HIS F 122 -21.49 -51.01 25.32
N LEU F 123 -21.76 -50.45 24.14
CA LEU F 123 -21.45 -51.11 22.89
C LEU F 123 -20.13 -50.53 22.38
N SER F 124 -19.22 -51.40 21.96
CA SER F 124 -17.91 -50.97 21.47
C SER F 124 -17.63 -51.62 20.14
N PRO F 125 -16.89 -50.94 19.25
CA PRO F 125 -16.57 -51.48 17.93
C PRO F 125 -15.76 -52.77 18.04
N THR F 126 -14.78 -52.77 18.92
CA THR F 126 -13.92 -53.93 19.10
C THR F 126 -14.59 -55.11 19.81
N GLY F 127 -15.85 -54.98 20.18
CA GLY F 127 -16.55 -56.05 20.87
C GLY F 127 -15.81 -56.44 22.14
N THR F 128 -15.45 -55.45 22.94
CA THR F 128 -14.73 -55.70 24.17
C THR F 128 -15.34 -54.95 25.34
N THR F 129 -16.65 -55.03 25.48
CA THR F 129 -17.36 -54.36 26.56
C THR F 129 -18.53 -55.22 26.95
N GLU F 130 -18.87 -55.21 28.24
CA GLU F 130 -20.00 -55.99 28.74
C GLU F 130 -21.29 -55.25 28.50
N PHE F 131 -22.38 -55.97 28.23
CA PHE F 131 -23.68 -55.32 28.04
C PHE F 131 -24.87 -56.27 28.01
N TRP F 132 -26.05 -55.69 27.85
CA TRP F 132 -27.30 -56.43 27.73
C TRP F 132 -28.13 -55.58 26.78
N LEU F 133 -28.25 -56.04 25.55
CA LEU F 133 -28.98 -55.31 24.52
C LEU F 133 -30.35 -54.79 24.96
N GLY F 134 -31.10 -55.59 25.69
CA GLY F 134 -32.43 -55.17 26.10
C GLY F 134 -33.55 -56.07 25.58
N ASN F 135 -34.29 -56.69 26.50
CA ASN F 135 -35.37 -57.60 26.15
C ASN F 135 -36.31 -57.19 24.99
N GLU F 136 -36.73 -55.92 24.94
CA GLU F 136 -37.64 -55.46 23.89
C GLU F 136 -36.99 -55.60 22.52
N LYS F 137 -35.71 -55.25 22.42
CA LYS F 137 -34.99 -55.39 21.16
C LYS F 137 -34.80 -56.88 20.85
N ILE F 138 -34.41 -57.67 21.87
CA ILE F 138 -34.20 -59.11 21.68
C ILE F 138 -35.49 -59.78 21.24
N HIS F 139 -36.62 -59.26 21.71
CA HIS F 139 -37.92 -59.79 21.32
C HIS F 139 -38.19 -59.45 19.86
N LEU F 140 -38.03 -58.18 19.50
CA LEU F 140 -38.27 -57.77 18.13
C LEU F 140 -37.42 -58.51 17.10
N ILE F 141 -36.14 -58.74 17.41
CA ILE F 141 -35.27 -59.43 16.47
C ILE F 141 -35.63 -60.89 16.26
N SER F 142 -36.04 -61.57 17.33
CA SER F 142 -36.37 -62.99 17.24
C SER F 142 -37.80 -63.34 16.81
N THR F 143 -38.67 -62.35 16.73
CA THR F 143 -40.05 -62.60 16.34
C THR F 143 -40.49 -61.89 15.06
N GLN F 144 -39.57 -61.79 14.10
CA GLN F 144 -39.88 -61.17 12.81
C GLN F 144 -40.63 -62.23 12.01
N SER F 145 -41.74 -61.84 11.41
CA SER F 145 -42.55 -62.78 10.65
C SER F 145 -41.78 -63.77 9.78
N ALA F 146 -42.15 -65.04 9.90
CA ALA F 146 -41.58 -66.11 9.11
C ALA F 146 -40.07 -66.20 9.00
N ILE F 147 -39.36 -66.07 10.12
CA ILE F 147 -37.90 -66.17 10.09
C ILE F 147 -37.38 -66.81 11.37
N PRO F 148 -37.22 -68.13 11.37
CA PRO F 148 -36.73 -68.83 12.55
C PRO F 148 -35.29 -68.46 12.84
N TYR F 149 -35.04 -68.08 14.10
CA TYR F 149 -33.72 -67.66 14.56
C TYR F 149 -33.04 -68.75 15.37
N ALA F 150 -31.77 -68.54 15.69
CA ALA F 150 -31.00 -69.49 16.48
C ALA F 150 -30.16 -68.73 17.49
N LEU F 151 -30.04 -69.28 18.70
CA LEU F 151 -29.26 -68.67 19.75
C LEU F 151 -27.99 -69.47 19.97
N ARG F 152 -26.88 -68.78 20.12
CA ARG F 152 -25.62 -69.46 20.38
C ARG F 152 -25.01 -68.90 21.64
N VAL F 153 -24.60 -69.79 22.54
CA VAL F 153 -23.98 -69.39 23.78
C VAL F 153 -22.52 -69.77 23.69
N GLU F 154 -21.64 -68.88 24.09
CA GLU F 154 -20.20 -69.13 24.04
C GLU F 154 -19.57 -68.77 25.37
N LEU F 155 -19.07 -69.76 26.08
CA LEU F 155 -18.42 -69.56 27.39
C LEU F 155 -16.90 -69.65 27.27
N GLU F 156 -16.19 -69.17 28.28
CA GLU F 156 -14.73 -69.26 28.30
C GLU F 156 -14.21 -69.27 29.73
N ASP F 157 -13.49 -70.32 30.13
CA ASP F 157 -12.95 -70.38 31.50
C ASP F 157 -11.74 -69.48 31.64
N TRP F 158 -11.15 -69.47 32.84
CA TRP F 158 -9.98 -68.63 33.10
C TRP F 158 -8.68 -69.34 32.75
N ASN F 159 -8.80 -70.50 32.12
CA ASN F 159 -7.63 -71.29 31.74
C ASN F 159 -7.36 -71.24 30.23
N GLY F 160 -8.33 -70.79 29.46
CA GLY F 160 -8.14 -70.71 28.02
C GLY F 160 -9.21 -71.42 27.21
N ARG F 161 -9.79 -72.48 27.75
CA ARG F 161 -10.82 -73.21 27.02
C ARG F 161 -12.14 -72.44 26.87
N THR F 162 -12.82 -72.71 25.77
CA THR F 162 -14.09 -72.09 25.43
C THR F 162 -14.98 -73.19 24.86
N SER F 163 -16.29 -73.03 24.99
CA SER F 163 -17.23 -74.03 24.47
C SER F 163 -18.50 -73.29 24.03
N THR F 164 -19.39 -73.99 23.32
CA THR F 164 -20.61 -73.37 22.86
C THR F 164 -21.85 -74.24 23.07
N ALA F 165 -23.02 -73.65 22.85
CA ALA F 165 -24.28 -74.35 23.03
C ALA F 165 -25.28 -73.63 22.15
N ASP F 166 -25.80 -74.30 21.13
CA ASP F 166 -26.76 -73.66 20.23
C ASP F 166 -28.19 -74.15 20.38
N TYR F 167 -29.16 -73.23 20.39
CA TYR F 167 -30.56 -73.59 20.51
C TYR F 167 -31.28 -73.14 19.26
N ALA F 168 -31.99 -74.07 18.64
CA ALA F 168 -32.73 -73.79 17.42
C ALA F 168 -34.15 -73.32 17.70
N MET F 169 -34.66 -72.44 16.84
CA MET F 169 -35.99 -71.86 16.98
C MET F 169 -36.08 -70.97 18.20
N PHE F 170 -35.08 -70.11 18.37
CA PHE F 170 -35.02 -69.16 19.49
C PHE F 170 -36.09 -68.07 19.36
N LYS F 171 -36.56 -67.59 20.51
CA LYS F 171 -37.58 -66.56 20.61
C LYS F 171 -37.69 -66.02 22.03
N VAL F 172 -38.12 -64.77 22.14
CA VAL F 172 -38.34 -64.10 23.42
C VAL F 172 -39.66 -63.40 23.18
N GLY F 173 -40.64 -63.69 24.01
CA GLY F 173 -41.95 -63.11 23.83
C GLY F 173 -42.07 -61.64 24.20
N PRO F 174 -43.24 -61.05 23.91
CA PRO F 174 -43.52 -59.65 24.21
C PRO F 174 -43.50 -59.42 25.71
N GLU F 175 -43.48 -58.15 26.12
CA GLU F 175 -43.48 -57.82 27.55
C GLU F 175 -44.79 -58.35 28.16
N ALA F 176 -45.81 -58.47 27.32
CA ALA F 176 -47.10 -58.96 27.76
C ALA F 176 -46.97 -60.32 28.42
N ASP F 177 -46.11 -61.17 27.85
CA ASP F 177 -45.91 -62.49 28.41
C ASP F 177 -44.59 -62.55 29.18
N LYS F 178 -44.16 -61.39 29.68
CA LYS F 178 -42.94 -61.29 30.47
C LYS F 178 -41.66 -61.75 29.77
N TYR F 179 -41.55 -61.40 28.49
CA TYR F 179 -40.39 -61.76 27.67
C TYR F 179 -39.97 -63.21 27.89
N ARG F 180 -40.88 -64.13 27.63
CA ARG F 180 -40.62 -65.55 27.82
C ARG F 180 -39.64 -66.09 26.79
N LEU F 181 -38.74 -66.95 27.25
CA LEU F 181 -37.74 -67.59 26.39
C LEU F 181 -38.27 -68.93 25.89
N THR F 182 -38.04 -69.25 24.61
CA THR F 182 -38.49 -70.53 24.06
C THR F 182 -37.62 -71.00 22.89
N TYR F 183 -37.51 -72.31 22.73
CA TYR F 183 -36.72 -72.88 21.66
C TYR F 183 -37.24 -74.29 21.36
N ALA F 184 -37.24 -74.67 20.09
CA ALA F 184 -37.69 -75.99 19.69
C ALA F 184 -36.82 -77.07 20.34
N TYR F 185 -35.53 -77.06 20.02
CA TYR F 185 -34.64 -78.08 20.58
C TYR F 185 -33.19 -77.64 20.68
N PHE F 186 -32.42 -78.37 21.48
CA PHE F 186 -31.00 -78.10 21.65
C PHE F 186 -30.26 -78.61 20.41
N ALA F 187 -29.61 -77.71 19.68
CA ALA F 187 -28.91 -78.08 18.45
C ALA F 187 -27.50 -78.62 18.61
N GLY F 188 -27.08 -78.87 19.84
CA GLY F 188 -25.75 -79.41 20.05
C GLY F 188 -24.79 -78.38 20.59
N GLY F 189 -23.72 -78.83 21.21
CA GLY F 189 -22.73 -77.92 21.77
C GLY F 189 -21.87 -78.53 22.86
N ASP F 190 -20.56 -78.60 22.64
CA ASP F 190 -19.65 -79.19 23.61
C ASP F 190 -19.69 -78.54 24.99
N ALA F 191 -20.53 -77.53 25.14
CA ALA F 191 -20.67 -76.85 26.42
C ALA F 191 -21.83 -77.49 27.19
N GLY F 192 -22.64 -78.27 26.50
CA GLY F 192 -23.76 -78.93 27.15
C GLY F 192 -25.04 -78.13 27.23
N ASP F 193 -26.16 -78.85 27.18
CA ASP F 193 -27.49 -78.28 27.22
C ASP F 193 -27.96 -77.93 28.64
N ALA F 194 -27.34 -76.92 29.24
CA ALA F 194 -27.72 -76.51 30.59
C ALA F 194 -29.20 -76.10 30.63
N PHE F 195 -29.64 -75.36 29.62
CA PHE F 195 -31.03 -74.92 29.55
C PHE F 195 -32.06 -76.03 29.77
N ASP F 196 -31.61 -77.28 29.71
CA ASP F 196 -32.49 -78.43 29.89
C ASP F 196 -32.72 -78.77 31.35
N GLY F 197 -31.97 -78.13 32.23
CA GLY F 197 -32.10 -78.40 33.65
C GLY F 197 -30.99 -79.36 34.02
N PHE F 198 -30.43 -79.22 35.22
CA PHE F 198 -29.35 -80.09 35.66
C PHE F 198 -29.79 -81.01 36.79
N ASP F 199 -28.87 -81.83 37.26
CA ASP F 199 -29.14 -82.77 38.35
C ASP F 199 -28.04 -82.62 39.39
N PHE F 200 -28.19 -81.61 40.25
CA PHE F 200 -27.20 -81.35 41.29
C PHE F 200 -27.28 -82.42 42.37
N GLY F 201 -28.35 -83.20 42.34
CA GLY F 201 -28.53 -84.25 43.32
C GLY F 201 -29.35 -83.85 44.53
N ASP F 202 -29.14 -82.63 45.02
CA ASP F 202 -29.86 -82.13 46.19
C ASP F 202 -31.34 -82.49 46.25
N ASP F 203 -31.99 -82.62 45.10
CA ASP F 203 -33.41 -82.95 45.07
C ASP F 203 -33.76 -83.83 43.88
N PRO F 204 -34.80 -84.67 44.01
CA PRO F 204 -35.24 -85.56 42.94
C PRO F 204 -35.83 -84.76 41.77
N SER F 205 -36.33 -83.56 42.09
CA SER F 205 -36.92 -82.68 41.08
C SER F 205 -35.92 -81.62 40.62
N ASP F 206 -34.64 -81.87 40.85
CA ASP F 206 -33.57 -80.97 40.46
C ASP F 206 -33.69 -80.54 39.00
N LYS F 207 -33.70 -81.53 38.12
CA LYS F 207 -33.80 -81.29 36.68
C LYS F 207 -35.00 -80.42 36.36
N PHE F 208 -36.14 -80.74 36.97
CA PHE F 208 -37.38 -80.01 36.74
C PHE F 208 -37.41 -78.59 37.32
N PHE F 209 -36.62 -78.37 38.37
CA PHE F 209 -36.58 -77.06 39.01
C PHE F 209 -35.39 -76.21 38.59
N THR F 210 -34.82 -76.49 37.42
CA THR F 210 -33.68 -75.74 36.93
C THR F 210 -33.61 -75.66 35.42
N SER F 211 -34.69 -76.07 34.75
CA SER F 211 -34.73 -76.00 33.29
C SER F 211 -35.09 -74.58 32.94
N HIS F 212 -34.70 -74.13 31.75
CA HIS F 212 -35.00 -72.76 31.37
C HIS F 212 -35.92 -72.61 30.20
N ASN F 213 -36.22 -73.70 29.50
CA ASN F 213 -37.11 -73.59 28.36
C ASN F 213 -38.53 -73.30 28.83
N GLY F 214 -39.10 -72.19 28.35
CA GLY F 214 -40.46 -71.83 28.71
C GLY F 214 -40.58 -70.81 29.81
N MET F 215 -39.50 -70.62 30.56
CA MET F 215 -39.49 -69.67 31.67
C MET F 215 -39.63 -68.22 31.21
N GLN F 216 -40.31 -67.42 32.03
CA GLN F 216 -40.48 -66.00 31.74
C GLN F 216 -39.24 -65.28 32.23
N PHE F 217 -39.22 -63.95 32.13
CA PHE F 217 -38.07 -63.21 32.61
C PHE F 217 -38.39 -62.62 33.97
N SER F 218 -37.39 -62.54 34.84
CA SER F 218 -37.60 -61.98 36.17
C SER F 218 -36.43 -61.15 36.66
N THR F 219 -36.78 -60.03 37.29
CA THR F 219 -35.81 -59.10 37.90
C THR F 219 -36.31 -58.89 39.32
N TRP F 220 -35.44 -58.47 40.21
CA TRP F 220 -35.84 -58.28 41.60
C TRP F 220 -37.16 -57.54 41.80
N ASP F 221 -37.46 -56.57 40.95
CA ASP F 221 -38.70 -55.82 41.14
C ASP F 221 -39.85 -56.31 40.27
N ASN F 222 -39.70 -57.49 39.70
CA ASN F 222 -40.76 -58.09 38.88
C ASN F 222 -40.53 -59.60 38.83
N ASP F 223 -41.20 -60.31 39.73
CA ASP F 223 -41.05 -61.75 39.85
C ASP F 223 -41.96 -62.55 38.91
N ASN F 224 -41.38 -63.58 38.30
CA ASN F 224 -42.09 -64.45 37.40
C ASN F 224 -41.43 -65.81 37.37
N ASP F 225 -40.73 -66.18 38.45
CA ASP F 225 -40.09 -67.49 38.47
C ASP F 225 -41.05 -68.54 39.01
N LYS F 226 -40.49 -69.67 39.42
CA LYS F 226 -41.29 -70.77 39.97
C LYS F 226 -40.74 -71.05 41.37
N PHE F 227 -40.48 -69.97 42.10
CA PHE F 227 -39.92 -70.05 43.45
C PHE F 227 -40.77 -69.24 44.43
N GLU F 228 -41.05 -69.81 45.60
CA GLU F 228 -41.82 -69.10 46.61
C GLU F 228 -41.13 -67.76 46.81
N GLY F 229 -39.81 -67.78 46.72
CA GLY F 229 -39.04 -66.58 46.88
C GLY F 229 -38.85 -65.82 45.58
N ASN F 230 -37.79 -65.02 45.54
CA ASN F 230 -37.46 -64.21 44.39
C ASN F 230 -36.05 -64.54 43.91
N CYS F 231 -35.96 -65.45 42.92
CA CYS F 231 -34.67 -65.86 42.37
C CYS F 231 -33.84 -64.66 41.91
N ALA F 232 -34.46 -63.81 41.11
CA ALA F 232 -33.80 -62.63 40.61
C ALA F 232 -33.16 -61.85 41.75
N GLU F 233 -33.82 -61.83 42.91
CA GLU F 233 -33.29 -61.10 44.05
C GLU F 233 -32.16 -61.80 44.78
N GLN F 234 -32.26 -63.10 44.97
CA GLN F 234 -31.21 -63.83 45.66
C GLN F 234 -29.84 -63.64 45.03
N ASP F 235 -29.78 -63.82 43.70
CA ASP F 235 -28.53 -63.66 42.97
C ASP F 235 -28.28 -62.18 42.72
N GLY F 236 -29.33 -61.47 42.31
CA GLY F 236 -29.20 -60.06 42.01
C GLY F 236 -28.91 -59.92 40.52
N SER F 237 -29.88 -60.31 39.71
CA SER F 237 -29.72 -60.24 38.27
C SER F 237 -31.05 -60.37 37.54
N GLY F 238 -30.97 -60.32 36.23
CA GLY F 238 -32.16 -60.46 35.41
C GLY F 238 -31.95 -61.76 34.67
N TRP F 239 -32.99 -62.57 34.53
CA TRP F 239 -32.83 -63.84 33.85
C TRP F 239 -34.12 -64.61 33.81
N TRP F 240 -34.13 -65.66 33.01
CA TRP F 240 -35.30 -66.54 32.88
C TRP F 240 -35.10 -67.56 34.00
N MET F 241 -35.57 -67.18 35.19
CA MET F 241 -35.45 -67.99 36.40
C MET F 241 -36.56 -69.01 36.56
N ASN F 242 -36.20 -70.14 37.15
CA ASN F 242 -37.18 -71.19 37.40
C ASN F 242 -37.22 -71.44 38.90
N LYS F 243 -36.22 -72.14 39.43
CA LYS F 243 -36.14 -72.42 40.86
C LYS F 243 -34.81 -73.10 41.26
N CYS F 244 -33.70 -72.44 40.93
CA CYS F 244 -33.74 -71.18 40.22
C CYS F 244 -33.12 -71.28 38.83
N HIS F 245 -31.92 -71.84 38.76
CA HIS F 245 -31.21 -71.92 37.49
C HIS F 245 -30.19 -73.05 37.28
N ALA F 246 -30.12 -73.52 36.03
CA ALA F 246 -29.17 -74.56 35.64
C ALA F 246 -28.07 -73.87 34.82
N GLY F 247 -28.44 -72.77 34.18
CA GLY F 247 -27.52 -71.98 33.38
C GLY F 247 -27.89 -70.52 33.59
N HIS F 248 -27.05 -69.76 34.29
CA HIS F 248 -27.32 -68.36 34.59
C HIS F 248 -26.14 -67.44 34.22
N LEU F 249 -26.24 -66.78 33.07
CA LEU F 249 -25.16 -65.92 32.58
C LEU F 249 -25.17 -64.46 33.05
N ASN F 250 -26.26 -64.03 33.68
CA ASN F 250 -26.31 -62.66 34.17
C ASN F 250 -25.99 -62.58 35.67
N GLY F 251 -25.35 -63.63 36.18
CA GLY F 251 -24.98 -63.68 37.58
C GLY F 251 -23.79 -62.81 37.93
N VAL F 252 -23.48 -62.76 39.22
CA VAL F 252 -22.36 -61.96 39.71
C VAL F 252 -21.02 -62.45 39.15
N TYR F 253 -20.29 -61.53 38.53
CA TYR F 253 -19.00 -61.85 37.95
C TYR F 253 -17.92 -61.99 39.01
N TYR F 254 -17.39 -63.21 39.13
CA TYR F 254 -16.32 -63.49 40.10
C TYR F 254 -15.00 -63.66 39.37
N GLN F 255 -14.02 -62.85 39.76
CA GLN F 255 -12.69 -62.91 39.16
C GLN F 255 -12.10 -64.27 39.53
N GLY F 256 -10.95 -64.61 38.97
CA GLY F 256 -10.32 -65.88 39.29
C GLY F 256 -11.10 -67.14 38.90
N GLY F 257 -12.42 -67.05 38.85
CA GLY F 257 -13.23 -68.21 38.47
C GLY F 257 -13.92 -68.93 39.62
N THR F 258 -13.14 -69.39 40.59
CA THR F 258 -13.68 -70.10 41.74
C THR F 258 -14.33 -69.19 42.80
N TYR F 259 -15.39 -69.70 43.41
CA TYR F 259 -16.08 -68.97 44.46
C TYR F 259 -16.88 -69.98 45.28
N SER F 260 -16.59 -70.04 46.56
CA SER F 260 -17.23 -70.98 47.48
C SER F 260 -18.60 -70.52 47.95
N LYS F 261 -19.24 -71.39 48.74
CA LYS F 261 -20.56 -71.09 49.30
C LYS F 261 -20.40 -69.97 50.30
N ALA F 262 -19.16 -69.80 50.76
CA ALA F 262 -18.82 -68.77 51.72
C ALA F 262 -19.01 -67.38 51.12
N SER F 263 -18.74 -67.26 49.83
CA SER F 263 -18.85 -66.00 49.10
C SER F 263 -20.22 -65.35 49.19
N THR F 264 -21.00 -65.71 50.20
CA THR F 264 -22.34 -65.12 50.34
C THR F 264 -22.91 -65.23 51.76
N PRO F 265 -23.58 -64.16 52.24
CA PRO F 265 -24.19 -64.11 53.57
C PRO F 265 -25.36 -65.11 53.66
N ASN F 266 -25.55 -65.86 52.58
CA ASN F 266 -26.61 -66.86 52.52
C ASN F 266 -26.06 -68.09 51.79
N GLY F 267 -24.84 -67.95 51.26
CA GLY F 267 -24.20 -69.04 50.55
C GLY F 267 -24.80 -69.40 49.20
N TYR F 268 -25.21 -68.40 48.44
CA TYR F 268 -25.82 -68.62 47.12
C TYR F 268 -24.77 -68.95 46.07
N ASP F 269 -25.25 -69.42 44.93
CA ASP F 269 -24.39 -69.75 43.79
C ASP F 269 -24.85 -68.80 42.68
N ASN F 270 -24.57 -67.52 42.89
CA ASN F 270 -24.97 -66.46 41.97
C ASN F 270 -23.95 -66.08 40.90
N GLY F 271 -22.99 -66.96 40.62
CA GLY F 271 -22.00 -66.65 39.60
C GLY F 271 -22.49 -66.96 38.21
N ILE F 272 -21.63 -66.71 37.22
CA ILE F 272 -21.94 -66.97 35.82
C ILE F 272 -21.72 -68.47 35.60
N ILE F 273 -22.80 -69.23 35.68
CA ILE F 273 -22.73 -70.68 35.56
C ILE F 273 -23.48 -71.33 34.42
N TRP F 274 -22.95 -72.46 33.99
CA TRP F 274 -23.54 -73.28 32.95
C TRP F 274 -23.31 -74.72 33.46
N ALA F 275 -24.26 -75.18 34.27
CA ALA F 275 -24.23 -76.50 34.90
C ALA F 275 -23.51 -77.60 34.16
N THR F 276 -23.92 -77.86 32.92
CA THR F 276 -23.36 -78.91 32.09
C THR F 276 -21.90 -78.76 31.67
N TRP F 277 -21.20 -77.74 32.16
CA TRP F 277 -19.80 -77.54 31.76
C TRP F 277 -18.86 -77.16 32.90
N LYS F 278 -19.42 -76.70 34.02
CA LYS F 278 -18.62 -76.32 35.18
C LYS F 278 -19.43 -76.50 36.46
N THR F 279 -18.73 -76.73 37.57
CA THR F 279 -19.40 -76.92 38.86
C THR F 279 -20.09 -75.62 39.24
N ARG F 280 -21.28 -75.72 39.82
CA ARG F 280 -22.05 -74.54 40.20
C ARG F 280 -21.23 -73.51 40.98
N TRP F 281 -19.98 -73.85 41.28
CA TRP F 281 -19.12 -72.94 42.01
C TRP F 281 -17.99 -72.40 41.10
N TYR F 282 -18.29 -72.35 39.80
CA TYR F 282 -17.34 -71.83 38.83
C TYR F 282 -18.02 -70.80 37.93
N SER F 283 -17.54 -69.56 38.04
CA SER F 283 -18.07 -68.45 37.26
C SER F 283 -17.16 -68.23 36.04
N MET F 284 -17.78 -68.20 34.86
CA MET F 284 -17.05 -68.03 33.61
C MET F 284 -16.23 -66.74 33.60
N LYS F 285 -15.27 -66.69 32.69
CA LYS F 285 -14.40 -65.53 32.53
C LYS F 285 -14.97 -64.60 31.46
N LYS F 286 -15.51 -65.22 30.41
CA LYS F 286 -16.14 -64.50 29.29
C LYS F 286 -17.41 -65.21 28.87
N THR F 287 -18.43 -64.43 28.56
CA THR F 287 -19.71 -64.98 28.13
C THR F 287 -20.26 -64.16 26.99
N THR F 288 -20.96 -64.82 26.07
CA THR F 288 -21.54 -64.12 24.95
C THR F 288 -22.73 -64.83 24.29
N MET F 289 -23.89 -64.17 24.33
CA MET F 289 -25.12 -64.71 23.76
C MET F 289 -25.42 -63.92 22.50
N LYS F 290 -25.59 -64.63 21.39
CA LYS F 290 -25.84 -63.99 20.10
C LYS F 290 -26.85 -64.77 19.28
N ILE F 291 -27.51 -64.09 18.35
CA ILE F 291 -28.51 -64.77 17.53
C ILE F 291 -28.41 -64.50 16.02
N ILE F 292 -28.69 -65.53 15.23
CA ILE F 292 -28.61 -65.44 13.78
C ILE F 292 -29.77 -66.25 13.20
N PRO F 293 -30.17 -65.96 11.95
CA PRO F 293 -31.28 -66.77 11.44
C PRO F 293 -30.88 -68.24 11.40
N PHE F 294 -31.82 -69.14 11.69
CA PHE F 294 -31.55 -70.58 11.73
C PHE F 294 -30.95 -71.13 10.43
N ASN F 295 -31.57 -70.79 9.31
CA ASN F 295 -31.12 -71.26 8.00
C ASN F 295 -29.64 -70.98 7.73
N ARG F 296 -29.07 -70.13 8.58
CA ARG F 296 -27.69 -69.73 8.46
C ARG F 296 -26.74 -70.67 9.19
N LEU F 297 -27.27 -71.38 10.18
CA LEU F 297 -26.48 -72.31 10.99
C LEU F 297 -25.92 -73.50 10.23
N THR F 298 -24.76 -73.96 10.70
CA THR F 298 -24.04 -75.09 10.10
C THR F 298 -24.27 -75.11 8.59
N ILE F 299 -24.01 -73.97 7.96
CA ILE F 299 -24.20 -73.82 6.52
C ILE F 299 -25.66 -74.06 6.11
C1 NAG G . 12.40 74.49 -23.30
C2 NAG G . 12.30 75.35 -22.04
C3 NAG G . 12.96 76.71 -22.27
C4 NAG G . 14.40 76.51 -22.75
C5 NAG G . 14.41 75.62 -24.00
C6 NAG G . 15.80 75.32 -24.50
C7 NAG G . 10.60 75.51 -20.35
C8 NAG G . 9.90 74.27 -19.82
N2 NAG G . 10.92 75.53 -21.63
O3 NAG G . 12.95 77.47 -21.07
O4 NAG G . 14.99 77.77 -23.05
O5 NAG G . 13.78 74.35 -23.71
O6 NAG G . 15.79 74.30 -25.49
O7 NAG G . 10.86 76.44 -19.58
CA CA H . 12.02 63.66 -37.99
CA CA I . 26.30 50.19 -34.96
CA CA J . -3.22 4.10 -4.73
C1 NAG K . -28.31 5.81 27.26
C2 NAG K . -28.27 6.88 28.35
C3 NAG K . -27.55 8.12 27.81
C4 NAG K . -26.13 7.73 27.34
C5 NAG K . -26.22 6.56 26.33
C6 NAG K . -24.84 6.03 25.94
C7 NAG K . -30.04 6.91 29.98
C8 NAG K . -29.49 7.70 31.17
N2 NAG K . -29.62 7.24 28.77
O3 NAG K . -27.46 9.11 28.81
O4 NAG K . -25.50 8.84 26.73
O5 NAG K . -26.96 5.46 26.90
O6 NAG K . -23.88 6.28 26.94
O7 NAG K . -30.86 6.01 30.19
CA CA L . -27.33 -5.11 11.58
CA CA M . -12.77 -18.39 14.82
CA CA N . -41.53 -65.85 42.95
#